data_7B95
#
_entry.id   7B95
#
_cell.length_a   65.148
_cell.length_b   108.065
_cell.length_c   82.237
_cell.angle_alpha   90.000
_cell.angle_beta   94.800
_cell.angle_gamma   90.000
#
_symmetry.space_group_name_H-M   'P 1 21 1'
#
loop_
_entity.id
_entity.type
_entity.pdbx_description
1 polymer 'Carbon monoxide dehydrogenase'
2 non-polymer 'FE2/S2 (INORGANIC) CLUSTER'
3 non-polymer 'IRON/SULFUR CLUSTER'
4 non-polymer 'FE4-S3 CLUSTER'
5 non-polymer (R,R)-2,3-BUTANEDIOL
6 non-polymer DI(HYDROXYETHYL)ETHER
7 non-polymer TRIS(HYDROXYETHYL)AMINOMETHANE
8 water water
#
_entity_poly.entity_id   1
_entity_poly.type   'polypeptide(L)'
_entity_poly.pdbx_seq_one_letter_code
;MATKTSIHPSVNELYQRLAEDQLSNCFDRFDPQEKIRCNYCELGVSCQLCSNGPCRINEKVGATLGVCGINADGMAMRYM
LLRNVMGTSTYTYHAYEAYKTLKMTALGNTPFTITDKDKLYQMAKDLELNTEGKPEDVAVRLSDFLIWELYRDYDEPGKM
IEVYAPLKRKEVWRKLGIYPAGPLHELKDAAASCLTNVDGDYVSLATKGLRLGLSCIYGAQIGLELVQDILFGTGMPHEM
DVDLGIFDADYINIVFNGHEPFVGVALILAAKEAVNQDKAKAAGAKSLRIYGSIESGQEVVQRFQKDEVFRGLTGNWLTI
EPMLATGAVDVLAMDMNCSPPNLGPLAEKYGATLVSVSRLVRFPGIHHFLDYKPSEVREIAQKIIDIAVDSFKNKRHGKI
TPKIPANIQKAITGFTPEAILKALGGSINPLIEVIKAGKIKGAVGLINCTTLKNGPQDYVTVNLAKELIKRDILILSGGC
GNHALEVAGLCNLDAINLAGPGLSEVCRNLNIPPVLSFGTCTDTGRISLVVTALANALNVDTADLPVAVTAPMYMEQKAT
IDALFALAYGLYTHVAPDPPVMGAPNLVKLLTRDLPSITGGRIAVGSDPVKVADDILAHINDRRAKLGI
;
_entity_poly.pdbx_strand_id   A,B
#
# COMPACT_ATOMS: atom_id res chain seq x y z
N MET A 1 -29.11 27.41 -8.84
CA MET A 1 -27.87 26.95 -9.47
C MET A 1 -28.05 25.52 -9.98
N ALA A 2 -27.17 25.12 -10.89
CA ALA A 2 -27.17 23.77 -11.44
C ALA A 2 -26.28 22.83 -10.64
N THR A 3 -25.73 23.30 -9.53
CA THR A 3 -24.76 22.52 -8.80
C THR A 3 -25.47 21.36 -8.09
N LYS A 4 -24.96 20.11 -8.24
CA LYS A 4 -25.43 19.00 -7.40
C LYS A 4 -25.15 19.34 -5.95
N THR A 5 -26.20 19.32 -5.11
CA THR A 5 -26.02 19.56 -3.69
C THR A 5 -26.43 18.30 -2.94
N SER A 6 -27.67 18.21 -2.46
CA SER A 6 -28.08 17.20 -1.49
C SER A 6 -29.58 16.94 -1.61
N ILE A 7 -29.99 15.75 -1.16
CA ILE A 7 -31.41 15.48 -0.96
C ILE A 7 -31.92 15.97 0.39
N HIS A 8 -31.03 16.39 1.28
CA HIS A 8 -31.43 16.76 2.64
C HIS A 8 -31.63 18.28 2.72
N PRO A 9 -32.81 18.76 3.10
CA PRO A 9 -32.99 20.23 3.19
C PRO A 9 -32.01 20.95 4.11
N SER A 10 -31.61 20.32 5.22
CA SER A 10 -30.67 20.97 6.12
C SER A 10 -29.35 21.27 5.43
N VAL A 11 -28.86 20.33 4.65
CA VAL A 11 -27.60 20.52 3.95
C VAL A 11 -27.75 21.57 2.87
N ASN A 12 -28.85 21.54 2.13
CA ASN A 12 -29.07 22.57 1.13
C ASN A 12 -29.12 23.96 1.75
N GLU A 13 -29.69 24.11 2.95
CA GLU A 13 -29.77 25.42 3.60
C GLU A 13 -28.38 25.92 3.96
N LEU A 14 -27.54 25.03 4.46
CA LEU A 14 -26.21 25.41 4.87
C LEU A 14 -25.29 25.60 3.67
N TYR A 15 -25.50 24.83 2.59
CA TYR A 15 -24.76 25.11 1.35
C TYR A 15 -24.99 26.53 0.89
N GLN A 16 -26.21 27.03 1.05
CA GLN A 16 -26.47 28.42 0.63
C GLN A 16 -25.62 29.39 1.43
N ARG A 17 -25.40 29.10 2.71
CA ARG A 17 -24.55 29.97 3.52
C ARG A 17 -23.10 29.91 3.04
N LEU A 18 -22.58 28.71 2.80
CA LEU A 18 -21.24 28.58 2.23
C LEU A 18 -21.11 29.36 0.93
N ALA A 19 -22.10 29.23 0.04
CA ALA A 19 -22.01 29.91 -1.25
C ALA A 19 -22.09 31.43 -1.10
N GLU A 20 -22.99 31.90 -0.25
CA GLU A 20 -23.11 33.33 -0.04
C GLU A 20 -21.86 33.92 0.61
N ASP A 21 -21.20 33.13 1.48
CA ASP A 21 -19.92 33.53 2.09
C ASP A 21 -18.75 33.34 1.12
N GLN A 22 -19.02 32.81 -0.08
CA GLN A 22 -18.01 32.60 -1.10
C GLN A 22 -16.85 31.72 -0.61
N LEU A 23 -17.21 30.72 0.19
CA LEU A 23 -16.24 29.74 0.68
C LEU A 23 -16.23 28.51 -0.23
N SER A 24 -15.04 28.00 -0.52
CA SER A 24 -14.95 26.79 -1.31
C SER A 24 -15.61 25.64 -0.55
N ASN A 25 -16.20 24.71 -1.31
CA ASN A 25 -16.91 23.57 -0.72
C ASN A 25 -17.00 22.49 -1.79
N CYS A 26 -17.21 21.24 -1.33
CA CYS A 26 -17.21 20.11 -2.27
C CYS A 26 -18.23 20.30 -3.36
N PHE A 27 -19.41 20.80 -3.02
CA PHE A 27 -20.47 20.92 -4.02
C PHE A 27 -20.03 21.81 -5.15
N ASP A 28 -19.52 22.99 -4.83
CA ASP A 28 -19.07 23.93 -5.85
C ASP A 28 -17.79 23.43 -6.57
N ARG A 29 -16.90 22.70 -5.87
CA ARG A 29 -15.67 22.25 -6.51
C ARG A 29 -15.91 21.17 -7.54
N PHE A 30 -17.06 20.50 -7.50
CA PHE A 30 -17.35 19.46 -8.48
C PHE A 30 -17.46 20.05 -9.90
N ASP A 31 -18.01 21.27 -10.00
CA ASP A 31 -18.33 21.82 -11.31
C ASP A 31 -17.08 22.12 -12.13
N PRO A 32 -16.04 22.77 -11.60
CA PRO A 32 -14.85 22.93 -12.42
C PRO A 32 -14.22 21.62 -12.85
N GLN A 33 -14.24 20.61 -11.99
CA GLN A 33 -13.68 19.32 -12.39
C GLN A 33 -14.44 18.75 -13.58
N GLU A 34 -15.76 18.97 -13.61
CA GLU A 34 -16.59 18.50 -14.73
C GLU A 34 -16.16 19.09 -16.05
N LYS A 35 -15.49 20.22 -16.04
CA LYS A 35 -15.09 20.83 -17.30
C LYS A 35 -13.96 20.06 -17.98
N ILE A 36 -13.15 19.34 -17.19
CA ILE A 36 -11.88 18.81 -17.69
C ILE A 36 -11.68 17.34 -17.35
N ARG A 37 -12.76 16.59 -17.16
CA ARG A 37 -12.62 15.19 -16.75
C ARG A 37 -11.85 14.35 -17.78
N CYS A 38 -10.95 13.52 -17.26
CA CYS A 38 -10.18 12.59 -18.09
C CYS A 38 -10.96 11.31 -18.28
N ASN A 39 -11.30 10.99 -19.53
CA ASN A 39 -12.03 9.75 -19.77
CA ASN A 39 -12.03 9.77 -19.83
C ASN A 39 -11.16 8.52 -19.63
N TYR A 40 -9.83 8.62 -19.78
CA TYR A 40 -8.98 7.45 -19.58
C TYR A 40 -9.02 7.02 -18.13
N CYS A 41 -8.82 7.97 -17.21
CA CYS A 41 -8.91 7.66 -15.78
C CYS A 41 -10.31 7.18 -15.39
N GLU A 42 -11.35 7.77 -15.98
CA GLU A 42 -12.70 7.34 -15.66
C GLU A 42 -12.88 5.86 -15.90
N LEU A 43 -12.24 5.36 -16.99
CA LEU A 43 -12.42 3.99 -17.43
C LEU A 43 -11.33 3.05 -16.93
N GLY A 44 -10.34 3.54 -16.17
CA GLY A 44 -9.29 2.68 -15.66
C GLY A 44 -8.17 2.37 -16.64
N VAL A 45 -8.09 3.09 -17.75
CA VAL A 45 -7.12 2.80 -18.81
C VAL A 45 -6.06 3.87 -18.94
N SER A 46 -5.66 4.44 -17.79
CA SER A 46 -4.43 5.22 -17.65
C SER A 46 -3.58 4.61 -16.56
N CYS A 47 -2.29 4.95 -16.58
CA CYS A 47 -1.37 4.43 -15.59
C CYS A 47 -0.28 5.45 -15.33
N GLN A 48 0.03 5.64 -14.04
CA GLN A 48 1.08 6.57 -13.61
C GLN A 48 2.11 5.91 -12.70
N LEU A 49 2.31 4.61 -12.87
CA LEU A 49 3.10 3.87 -11.89
C LEU A 49 4.61 3.86 -12.13
N CYS A 50 5.09 4.26 -13.30
CA CYS A 50 6.54 4.35 -13.47
C CYS A 50 6.90 5.49 -14.42
N SER A 51 8.20 5.75 -14.51
CA SER A 51 8.65 6.91 -15.27
C SER A 51 8.45 6.79 -16.78
N ASN A 52 8.23 5.59 -17.32
CA ASN A 52 7.92 5.48 -18.75
C ASN A 52 6.52 5.99 -19.08
N GLY A 53 5.69 6.16 -18.07
CA GLY A 53 4.39 6.74 -18.21
C GLY A 53 4.45 8.25 -18.29
N PRO A 54 3.28 8.90 -18.16
CA PRO A 54 1.97 8.28 -17.91
C PRO A 54 1.53 7.56 -19.18
N CYS A 55 0.94 6.40 -19.00
CA CYS A 55 0.50 5.60 -20.13
C CYS A 55 -1.01 5.60 -20.23
N ARG A 56 -1.50 5.36 -21.44
CA ARG A 56 -2.92 5.26 -21.77
C ARG A 56 -3.12 4.12 -22.75
N ILE A 57 -4.28 3.46 -22.64
CA ILE A 57 -4.66 2.48 -23.65
C ILE A 57 -5.64 3.12 -24.61
N ASN A 58 -5.27 3.16 -25.87
CA ASN A 58 -6.18 3.62 -26.92
C ASN A 58 -5.80 2.89 -28.19
N GLU A 59 -6.55 1.84 -28.53
CA GLU A 59 -6.15 1.01 -29.67
C GLU A 59 -6.24 1.78 -30.97
N LYS A 60 -7.09 2.80 -31.04
CA LYS A 60 -7.31 3.52 -32.28
C LYS A 60 -6.11 4.36 -32.69
N VAL A 61 -5.19 4.68 -31.78
CA VAL A 61 -3.93 5.33 -32.11
C VAL A 61 -2.74 4.40 -31.96
N GLY A 62 -2.96 3.10 -31.81
CA GLY A 62 -1.88 2.15 -31.73
C GLY A 62 -1.35 1.91 -30.34
N ALA A 63 -1.98 2.52 -29.33
CA ALA A 63 -1.56 2.37 -27.94
C ALA A 63 -2.32 1.22 -27.29
N THR A 64 -1.94 -0.01 -27.68
N THR A 64 -1.95 -0.01 -27.65
CA THR A 64 -2.62 -1.20 -27.19
CA THR A 64 -2.69 -1.16 -27.17
C THR A 64 -2.17 -1.61 -25.80
C THR A 64 -2.13 -1.75 -25.87
N LEU A 65 -0.90 -1.41 -25.50
CA LEU A 65 -0.28 -1.84 -24.26
C LEU A 65 0.49 -0.64 -23.69
N GLY A 66 0.71 -0.66 -22.37
CA GLY A 66 1.64 0.28 -21.75
C GLY A 66 3.07 0.01 -22.21
N VAL A 67 3.97 0.96 -21.92
CA VAL A 67 5.35 0.78 -22.42
C VAL A 67 5.93 -0.54 -21.92
N CYS A 68 5.64 -0.89 -20.66
CA CYS A 68 6.16 -2.12 -20.06
C CYS A 68 5.54 -3.38 -20.66
N GLY A 69 4.41 -3.27 -21.37
CA GLY A 69 3.74 -4.43 -21.93
C GLY A 69 2.39 -4.77 -21.30
N ILE A 70 1.95 -4.08 -20.25
CA ILE A 70 0.72 -4.46 -19.58
C ILE A 70 -0.48 -4.09 -20.44
N ASN A 71 -1.51 -4.92 -20.41
CA ASN A 71 -2.74 -4.65 -21.14
C ASN A 71 -3.75 -3.91 -20.26
N ALA A 72 -4.87 -3.52 -20.87
CA ALA A 72 -5.85 -2.68 -20.19
C ALA A 72 -6.41 -3.39 -18.96
N ASP A 73 -6.61 -4.69 -19.07
CA ASP A 73 -7.19 -5.45 -17.95
C ASP A 73 -6.25 -5.50 -16.75
N GLY A 74 -4.96 -5.76 -17.01
CA GLY A 74 -4.00 -5.71 -15.92
C GLY A 74 -3.85 -4.31 -15.36
N MET A 75 -3.81 -3.31 -16.23
CA MET A 75 -3.68 -1.94 -15.79
C MET A 75 -4.80 -1.55 -14.82
N ALA A 76 -6.03 -1.79 -15.23
CA ALA A 76 -7.16 -1.37 -14.42
C ALA A 76 -7.22 -2.13 -13.11
N MET A 77 -7.03 -3.46 -13.15
CA MET A 77 -7.14 -4.21 -11.92
C MET A 77 -5.99 -3.88 -10.97
N ARG A 78 -4.81 -3.61 -11.52
CA ARG A 78 -3.67 -3.29 -10.67
C ARG A 78 -3.89 -2.00 -9.89
N TYR A 79 -4.38 -0.96 -10.54
CA TYR A 79 -4.62 0.29 -9.81
C TYR A 79 -5.76 0.11 -8.80
N MET A 80 -6.78 -0.66 -9.12
CA MET A 80 -7.79 -0.98 -8.12
CA MET A 80 -7.78 -0.98 -8.10
C MET A 80 -7.15 -1.69 -6.92
N LEU A 81 -6.31 -2.67 -7.16
CA LEU A 81 -5.66 -3.36 -6.04
C LEU A 81 -4.83 -2.40 -5.20
N LEU A 82 -4.08 -1.51 -5.84
CA LEU A 82 -3.23 -0.60 -5.09
C LEU A 82 -4.06 0.32 -4.21
N ARG A 83 -5.14 0.89 -4.78
CA ARG A 83 -5.99 1.75 -3.95
C ARG A 83 -6.60 0.97 -2.80
N ASN A 84 -6.91 -0.30 -3.02
CA ASN A 84 -7.49 -1.12 -1.98
C ASN A 84 -6.50 -1.48 -0.89
N VAL A 85 -5.21 -1.36 -1.17
CA VAL A 85 -4.23 -1.41 -0.09
C VAL A 85 -4.49 -0.29 0.91
N MET A 86 -4.88 0.90 0.44
CA MET A 86 -5.21 1.98 1.36
C MET A 86 -6.39 1.60 2.24
N GLY A 87 -7.43 1.07 1.63
CA GLY A 87 -8.62 0.70 2.39
C GLY A 87 -8.28 -0.32 3.46
N THR A 88 -7.55 -1.38 3.09
CA THR A 88 -7.18 -2.42 4.05
C THR A 88 -6.29 -1.83 5.13
N SER A 89 -5.38 -0.94 4.75
CA SER A 89 -4.48 -0.34 5.73
C SER A 89 -5.24 0.43 6.79
N THR A 90 -6.30 1.17 6.40
CA THR A 90 -7.07 1.90 7.39
CA THR A 90 -7.05 1.91 7.40
C THR A 90 -7.74 0.96 8.38
N TYR A 91 -8.34 -0.14 7.89
CA TYR A 91 -8.96 -1.09 8.81
C TYR A 91 -7.93 -1.75 9.71
N THR A 92 -6.77 -2.07 9.16
CA THR A 92 -5.70 -2.70 9.93
C THR A 92 -5.16 -1.73 10.97
N TYR A 93 -5.00 -0.45 10.60
CA TYR A 93 -4.59 0.57 11.56
C TYR A 93 -5.55 0.62 12.74
N HIS A 94 -6.84 0.69 12.42
CA HIS A 94 -7.91 0.77 13.42
C HIS A 94 -7.88 -0.47 14.32
N ALA A 95 -7.75 -1.66 13.72
CA ALA A 95 -7.74 -2.89 14.51
C ALA A 95 -6.59 -2.89 15.49
N TYR A 96 -5.41 -2.54 15.01
CA TYR A 96 -4.25 -2.54 15.88
C TYR A 96 -4.45 -1.59 17.07
N GLU A 97 -4.99 -0.39 16.81
CA GLU A 97 -5.29 0.53 17.89
C GLU A 97 -6.37 -0.01 18.83
N ALA A 98 -7.39 -0.69 18.29
CA ALA A 98 -8.39 -1.29 19.17
C ALA A 98 -7.77 -2.29 20.12
N TYR A 99 -6.83 -3.11 19.61
CA TYR A 99 -6.23 -4.18 20.42
C TYR A 99 -5.30 -3.60 21.47
N LYS A 100 -4.49 -2.61 21.08
CA LYS A 100 -3.70 -1.90 22.09
C LYS A 100 -4.57 -1.18 23.11
N THR A 101 -5.70 -0.63 22.68
CA THR A 101 -6.58 0.04 23.62
C THR A 101 -7.19 -0.94 24.62
N LEU A 102 -7.60 -2.13 24.16
CA LEU A 102 -8.14 -3.14 25.07
C LEU A 102 -7.08 -3.60 26.06
N LYS A 103 -5.87 -3.86 25.55
CA LYS A 103 -4.77 -4.26 26.42
C LYS A 103 -4.48 -3.19 27.49
N MET A 104 -4.26 -1.94 27.07
CA MET A 104 -4.00 -0.86 28.03
C MET A 104 -5.19 -0.64 28.97
N THR A 105 -6.41 -0.89 28.48
CA THR A 105 -7.57 -0.80 29.38
C THR A 105 -7.50 -1.87 30.46
N ALA A 106 -7.15 -3.10 30.06
CA ALA A 106 -7.04 -4.20 31.01
C ALA A 106 -5.94 -3.95 32.02
N LEU A 107 -4.88 -3.27 31.62
CA LEU A 107 -3.80 -2.93 32.53
C LEU A 107 -4.12 -1.72 33.40
N GLY A 108 -5.27 -1.08 33.20
CA GLY A 108 -5.65 0.03 34.07
C GLY A 108 -5.19 1.41 33.63
N ASN A 109 -4.82 1.61 32.36
CA ASN A 109 -4.19 2.84 31.93
C ASN A 109 -5.09 3.71 31.06
N THR A 110 -6.39 3.47 31.08
CA THR A 110 -7.28 4.28 30.27
C THR A 110 -8.53 4.59 31.08
N PRO A 111 -9.36 5.53 30.61
CA PRO A 111 -10.64 5.81 31.28
C PRO A 111 -11.75 4.83 30.91
N PHE A 112 -11.41 3.80 30.14
CA PHE A 112 -12.36 2.79 29.71
C PHE A 112 -12.31 1.60 30.67
N THR A 113 -13.19 0.65 30.40
CA THR A 113 -13.33 -0.53 31.23
C THR A 113 -13.73 -1.69 30.33
N ILE A 114 -13.83 -2.87 30.92
CA ILE A 114 -14.37 -4.04 30.22
C ILE A 114 -15.87 -4.05 30.49
N THR A 115 -16.65 -3.74 29.46
CA THR A 115 -18.09 -3.62 29.58
C THR A 115 -18.78 -4.94 29.29
N ASP A 116 -18.46 -5.58 28.16
CA ASP A 116 -19.12 -6.83 27.77
C ASP A 116 -18.18 -8.00 28.08
N LYS A 117 -18.19 -8.43 29.35
CA LYS A 117 -17.39 -9.61 29.74
C LYS A 117 -17.93 -10.90 29.14
N ASP A 118 -19.24 -11.00 28.94
CA ASP A 118 -19.78 -12.20 28.30
C ASP A 118 -19.13 -12.40 26.95
N LYS A 119 -19.05 -11.33 26.15
CA LYS A 119 -18.45 -11.41 24.83
C LYS A 119 -16.98 -11.76 24.92
N LEU A 120 -16.27 -11.16 25.88
CA LEU A 120 -14.86 -11.45 26.06
C LEU A 120 -14.65 -12.95 26.29
N TYR A 121 -15.42 -13.54 27.21
CA TYR A 121 -15.25 -14.96 27.51
C TYR A 121 -15.75 -15.85 26.37
N GLN A 122 -16.81 -15.45 25.67
CA GLN A 122 -17.27 -16.24 24.53
C GLN A 122 -16.22 -16.29 23.42
N MET A 123 -15.60 -15.14 23.10
CA MET A 123 -14.51 -15.13 22.13
C MET A 123 -13.36 -16.00 22.57
N ALA A 124 -12.98 -15.90 23.85
CA ALA A 124 -11.88 -16.71 24.33
C ALA A 124 -12.19 -18.19 24.18
N LYS A 125 -13.42 -18.58 24.46
CA LYS A 125 -13.80 -19.99 24.29
C LYS A 125 -13.74 -20.39 22.83
N ASP A 126 -14.31 -19.56 21.94
CA ASP A 126 -14.35 -19.90 20.53
C ASP A 126 -12.95 -20.00 19.94
N LEU A 127 -12.04 -19.13 20.37
CA LEU A 127 -10.68 -19.10 19.87
C LEU A 127 -9.74 -20.00 20.64
N GLU A 128 -10.28 -20.77 21.59
CA GLU A 128 -9.52 -21.73 22.39
C GLU A 128 -8.40 -21.07 23.18
N LEU A 129 -8.67 -19.90 23.74
CA LEU A 129 -7.69 -19.19 24.54
C LEU A 129 -7.79 -19.62 26.00
N ASN A 130 -6.71 -19.38 26.73
CA ASN A 130 -6.68 -19.66 28.16
C ASN A 130 -7.53 -18.65 28.91
N THR A 131 -8.44 -19.16 29.76
CA THR A 131 -9.35 -18.29 30.50
C THR A 131 -9.04 -18.23 31.98
N GLU A 132 -7.87 -18.70 32.41
CA GLU A 132 -7.54 -18.65 33.83
C GLU A 132 -7.28 -17.22 34.27
N GLY A 133 -7.57 -16.95 35.54
CA GLY A 133 -7.29 -15.63 36.08
C GLY A 133 -8.49 -14.70 36.10
N LYS A 134 -8.24 -13.43 35.96
CA LYS A 134 -9.28 -12.43 35.98
C LYS A 134 -9.68 -12.01 34.58
N PRO A 135 -10.85 -11.39 34.42
CA PRO A 135 -11.22 -10.88 33.10
C PRO A 135 -10.13 -10.04 32.44
N GLU A 136 -9.42 -9.22 33.21
CA GLU A 136 -8.37 -8.39 32.63
C GLU A 136 -7.30 -9.26 32.01
N ASP A 137 -6.93 -10.36 32.68
CA ASP A 137 -5.96 -11.28 32.10
C ASP A 137 -6.43 -11.88 30.79
N VAL A 138 -7.69 -12.32 30.74
CA VAL A 138 -8.25 -12.84 29.49
C VAL A 138 -8.23 -11.76 28.40
N ALA A 139 -8.50 -10.50 28.77
CA ALA A 139 -8.52 -9.43 27.77
C ALA A 139 -7.15 -9.22 27.18
N VAL A 140 -6.10 -9.27 28.00
CA VAL A 140 -4.74 -9.17 27.47
C VAL A 140 -4.47 -10.31 26.49
N ARG A 141 -4.88 -11.55 26.85
CA ARG A 141 -4.63 -12.69 25.98
C ARG A 141 -5.37 -12.57 24.66
N LEU A 142 -6.62 -12.10 24.71
CA LEU A 142 -7.37 -11.90 23.48
C LEU A 142 -6.72 -10.81 22.61
N SER A 143 -6.26 -9.72 23.22
CA SER A 143 -5.59 -8.66 22.49
C SER A 143 -4.35 -9.20 21.78
N ASP A 144 -3.54 -9.99 22.50
CA ASP A 144 -2.33 -10.54 21.88
C ASP A 144 -2.69 -11.51 20.75
N PHE A 145 -3.72 -12.32 20.93
CA PHE A 145 -4.11 -13.25 19.89
C PHE A 145 -4.54 -12.51 18.63
N LEU A 146 -5.33 -11.45 18.80
CA LEU A 146 -5.84 -10.70 17.66
C LEU A 146 -4.74 -9.92 16.96
N ILE A 147 -3.73 -9.46 17.72
CA ILE A 147 -2.53 -8.90 17.11
C ILE A 147 -1.81 -9.97 16.26
N TRP A 148 -1.70 -11.18 16.79
CA TRP A 148 -1.13 -12.29 16.00
C TRP A 148 -1.88 -12.49 14.68
N GLU A 149 -3.21 -12.46 14.72
CA GLU A 149 -3.95 -12.58 13.45
C GLU A 149 -3.59 -11.44 12.48
N LEU A 150 -3.32 -10.24 12.98
CA LEU A 150 -2.91 -9.16 12.08
C LEU A 150 -1.59 -9.47 11.39
N TYR A 151 -0.67 -10.12 12.12
CA TYR A 151 0.72 -10.33 11.72
CA TYR A 151 0.71 -10.32 11.68
C TYR A 151 0.98 -11.67 11.01
N ARG A 152 0.01 -12.58 10.97
CA ARG A 152 0.23 -13.92 10.41
CA ARG A 152 0.29 -13.91 10.43
C ARG A 152 0.67 -13.85 8.96
N ASP A 153 1.64 -14.68 8.57
CA ASP A 153 2.11 -14.69 7.17
C ASP A 153 1.31 -15.68 6.32
N TYR A 154 1.59 -15.69 5.00
CA TYR A 154 0.71 -16.38 4.07
C TYR A 154 0.70 -17.88 4.31
N ASP A 155 1.66 -18.39 5.07
CA ASP A 155 1.87 -19.83 5.22
C ASP A 155 1.54 -20.36 6.62
N GLU A 156 0.90 -19.55 7.46
CA GLU A 156 0.45 -19.96 8.80
C GLU A 156 -1.08 -19.87 8.87
N PRO A 157 -1.81 -20.94 9.24
CA PRO A 157 -3.29 -20.87 9.14
C PRO A 157 -3.93 -19.96 10.17
N GLY A 158 -5.00 -19.29 9.74
CA GLY A 158 -5.72 -18.40 10.63
C GLY A 158 -6.76 -19.17 11.43
N LYS A 159 -7.20 -18.56 12.53
CA LYS A 159 -8.24 -19.11 13.40
C LYS A 159 -9.54 -18.33 13.31
N MET A 160 -9.49 -17.01 13.18
CA MET A 160 -10.72 -16.22 13.06
C MET A 160 -11.54 -16.68 11.87
N ILE A 161 -10.88 -16.96 10.74
CA ILE A 161 -11.62 -17.39 9.56
C ILE A 161 -12.24 -18.77 9.77
N GLU A 162 -11.57 -19.64 10.53
CA GLU A 162 -12.16 -20.95 10.81
C GLU A 162 -13.40 -20.82 11.69
N VAL A 163 -13.35 -19.95 12.69
CA VAL A 163 -14.43 -19.81 13.66
C VAL A 163 -15.64 -19.11 13.07
N TYR A 164 -15.40 -18.05 12.28
CA TYR A 164 -16.45 -17.09 11.94
C TYR A 164 -16.93 -17.18 10.51
N ALA A 165 -16.36 -18.10 9.68
CA ALA A 165 -16.84 -18.32 8.33
C ALA A 165 -17.58 -19.66 8.26
N PRO A 166 -18.53 -19.80 7.35
CA PRO A 166 -19.29 -21.05 7.28
C PRO A 166 -18.56 -22.11 6.47
N LEU A 167 -18.94 -23.36 6.74
CA LEU A 167 -18.21 -24.53 6.22
C LEU A 167 -18.08 -24.54 4.72
N LYS A 168 -19.17 -24.29 3.99
CA LYS A 168 -19.07 -24.39 2.53
C LYS A 168 -18.18 -23.29 1.94
N ARG A 169 -18.21 -22.08 2.50
CA ARG A 169 -17.31 -21.03 2.03
C ARG A 169 -15.86 -21.41 2.24
N LYS A 170 -15.55 -21.97 3.43
CA LYS A 170 -14.17 -22.32 3.69
C LYS A 170 -13.69 -23.31 2.66
N GLU A 171 -14.56 -24.22 2.24
CA GLU A 171 -14.18 -25.20 1.23
CA GLU A 171 -14.18 -25.20 1.23
C GLU A 171 -13.94 -24.53 -0.12
N VAL A 172 -14.81 -23.57 -0.49
CA VAL A 172 -14.61 -22.87 -1.75
C VAL A 172 -13.28 -22.12 -1.72
N TRP A 173 -13.03 -21.39 -0.62
CA TRP A 173 -11.78 -20.62 -0.51
C TRP A 173 -10.57 -21.54 -0.58
N ARG A 174 -10.64 -22.70 0.08
CA ARG A 174 -9.53 -23.65 0.03
CA ARG A 174 -9.52 -23.64 0.02
C ARG A 174 -9.29 -24.13 -1.40
N LYS A 175 -10.37 -24.48 -2.09
CA LYS A 175 -10.25 -24.95 -3.48
C LYS A 175 -9.67 -23.88 -4.41
N LEU A 176 -10.09 -22.64 -4.22
CA LEU A 176 -9.62 -21.52 -5.02
C LEU A 176 -8.23 -21.02 -4.61
N GLY A 177 -7.74 -21.46 -3.45
CA GLY A 177 -6.45 -21.01 -2.95
C GLY A 177 -6.44 -19.57 -2.50
N ILE A 178 -7.56 -19.05 -2.02
CA ILE A 178 -7.62 -17.65 -1.62
C ILE A 178 -7.68 -17.47 -0.10
N TYR A 179 -7.38 -18.48 0.69
CA TYR A 179 -7.19 -18.20 2.12
C TYR A 179 -6.03 -17.23 2.30
N PRO A 180 -6.23 -16.10 2.96
CA PRO A 180 -5.17 -15.07 2.96
C PRO A 180 -4.25 -15.17 4.15
N ALA A 181 -3.12 -14.47 4.04
CA ALA A 181 -2.29 -14.14 5.17
C ALA A 181 -3.06 -13.21 6.10
N GLY A 182 -2.46 -12.85 7.21
CA GLY A 182 -2.99 -11.77 8.01
C GLY A 182 -2.93 -10.51 7.18
N PRO A 183 -3.73 -9.50 7.54
CA PRO A 183 -3.86 -8.33 6.66
C PRO A 183 -2.59 -7.53 6.47
N LEU A 184 -1.66 -7.53 7.44
CA LEU A 184 -0.42 -6.79 7.27
C LEU A 184 0.43 -7.39 6.15
N HIS A 185 0.62 -8.70 6.19
CA HIS A 185 1.33 -9.36 5.10
C HIS A 185 0.55 -9.31 3.80
N GLU A 186 -0.77 -9.49 3.86
CA GLU A 186 -1.53 -9.50 2.62
C GLU A 186 -1.47 -8.15 1.91
N LEU A 187 -1.55 -7.05 2.67
CA LEU A 187 -1.51 -5.72 2.04
C LEU A 187 -0.11 -5.41 1.53
N LYS A 188 0.92 -5.82 2.25
CA LYS A 188 2.30 -5.69 1.76
C LYS A 188 2.50 -6.50 0.48
N ASP A 189 1.95 -7.72 0.41
CA ASP A 189 2.09 -8.54 -0.78
C ASP A 189 1.33 -7.94 -1.93
N ALA A 190 0.15 -7.38 -1.67
CA ALA A 190 -0.62 -6.73 -2.73
C ALA A 190 0.12 -5.50 -3.24
N ALA A 191 0.62 -4.66 -2.35
CA ALA A 191 1.35 -3.46 -2.80
C ALA A 191 2.57 -3.85 -3.61
N ALA A 192 3.32 -4.87 -3.17
CA ALA A 192 4.51 -5.29 -3.90
C ALA A 192 4.15 -5.84 -5.27
N SER A 193 2.99 -6.49 -5.38
CA SER A 193 2.53 -7.03 -6.65
C SER A 193 2.23 -5.92 -7.66
N CYS A 194 1.87 -4.74 -7.17
CA CYS A 194 1.49 -3.62 -8.02
C CYS A 194 2.69 -2.85 -8.58
N LEU A 195 3.89 -3.03 -8.01
CA LEU A 195 5.05 -2.37 -8.59
C LEU A 195 5.19 -2.77 -10.05
N THR A 196 5.67 -1.84 -10.87
CA THR A 196 5.86 -2.13 -12.29
C THR A 196 6.67 -3.41 -12.50
N ASN A 197 6.23 -4.21 -13.49
CA ASN A 197 6.91 -5.44 -13.89
C ASN A 197 6.94 -6.50 -12.80
N VAL A 198 5.90 -6.56 -11.95
CA VAL A 198 5.71 -7.65 -10.99
C VAL A 198 4.49 -8.47 -11.42
N ASP A 199 3.29 -8.11 -10.98
CA ASP A 199 2.07 -8.82 -11.37
C ASP A 199 1.31 -7.97 -12.36
N GLY A 200 1.26 -8.43 -13.62
CA GLY A 200 0.52 -7.77 -14.68
C GLY A 200 -0.60 -8.63 -15.25
N ASP A 201 -1.09 -9.60 -14.46
CA ASP A 201 -2.12 -10.55 -14.88
C ASP A 201 -3.44 -10.18 -14.22
N TYR A 202 -4.43 -9.73 -15.00
CA TYR A 202 -5.66 -9.23 -14.38
C TYR A 202 -6.33 -10.30 -13.51
N VAL A 203 -6.24 -11.56 -13.90
CA VAL A 203 -6.89 -12.61 -13.14
C VAL A 203 -6.22 -12.77 -11.79
N SER A 204 -4.88 -12.79 -11.77
CA SER A 204 -4.11 -12.85 -10.54
C SER A 204 -4.38 -11.65 -9.65
N LEU A 205 -4.37 -10.46 -10.24
CA LEU A 205 -4.60 -9.24 -9.47
C LEU A 205 -6.00 -9.24 -8.86
N ALA A 206 -6.99 -9.72 -9.60
CA ALA A 206 -8.34 -9.84 -9.06
C ALA A 206 -8.38 -10.84 -7.91
N THR A 207 -7.68 -11.97 -8.08
CA THR A 207 -7.60 -12.96 -7.02
C THR A 207 -6.98 -12.35 -5.77
N LYS A 208 -5.91 -11.58 -5.95
CA LYS A 208 -5.29 -10.88 -4.84
C LYS A 208 -6.25 -9.90 -4.18
N GLY A 209 -7.09 -9.25 -4.97
CA GLY A 209 -8.11 -8.37 -4.39
C GLY A 209 -9.10 -9.12 -3.51
N LEU A 210 -9.55 -10.29 -3.98
CA LEU A 210 -10.46 -11.11 -3.18
C LEU A 210 -9.79 -11.54 -1.88
N ARG A 211 -8.55 -12.00 -1.97
CA ARG A 211 -7.77 -12.36 -0.78
C ARG A 211 -7.66 -11.19 0.20
N LEU A 212 -7.36 -9.99 -0.34
CA LEU A 212 -7.24 -8.82 0.51
C LEU A 212 -8.56 -8.55 1.24
N GLY A 213 -9.69 -8.71 0.54
CA GLY A 213 -10.96 -8.51 1.21
C GLY A 213 -11.22 -9.50 2.33
N LEU A 214 -10.91 -10.78 2.09
CA LEU A 214 -11.04 -11.78 3.16
C LEU A 214 -10.13 -11.44 4.34
N SER A 215 -8.89 -11.03 4.06
CA SER A 215 -7.93 -10.73 5.13
C SER A 215 -8.45 -9.58 5.97
N CYS A 216 -9.10 -8.64 5.33
CA CYS A 216 -9.61 -7.47 6.02
CA CYS A 216 -9.62 -7.47 6.02
C CYS A 216 -10.74 -7.85 6.98
N ILE A 217 -11.72 -8.62 6.50
CA ILE A 217 -12.86 -8.96 7.35
C ILE A 217 -12.44 -9.87 8.50
N TYR A 218 -11.75 -10.97 8.19
CA TYR A 218 -11.47 -11.96 9.24
C TYR A 218 -10.26 -11.56 10.07
N GLY A 219 -9.30 -10.88 9.46
CA GLY A 219 -8.09 -10.51 10.15
C GLY A 219 -8.10 -9.18 10.85
N ALA A 220 -9.06 -8.31 10.54
CA ALA A 220 -9.13 -7.01 11.20
C ALA A 220 -10.52 -6.63 11.67
N GLN A 221 -11.55 -6.69 10.79
CA GLN A 221 -12.83 -6.07 11.12
C GLN A 221 -13.59 -6.82 12.20
N ILE A 222 -13.63 -8.14 12.13
CA ILE A 222 -14.44 -8.85 13.10
C ILE A 222 -13.83 -8.68 14.48
N GLY A 223 -12.51 -8.87 14.57
CA GLY A 223 -11.83 -8.67 15.83
C GLY A 223 -11.98 -7.25 16.37
N LEU A 224 -11.80 -6.25 15.51
CA LEU A 224 -11.88 -4.89 16.04
C LEU A 224 -13.28 -4.56 16.53
N GLU A 225 -14.32 -4.99 15.80
CA GLU A 225 -15.67 -4.60 16.21
C GLU A 225 -16.07 -5.31 17.48
N LEU A 226 -15.66 -6.57 17.65
CA LEU A 226 -15.98 -7.30 18.87
C LEU A 226 -15.18 -6.77 20.05
N VAL A 227 -13.95 -6.32 19.82
CA VAL A 227 -13.19 -5.68 20.89
C VAL A 227 -13.81 -4.35 21.30
N GLN A 228 -14.32 -3.57 20.33
CA GLN A 228 -15.03 -2.33 20.67
C GLN A 228 -16.30 -2.61 21.45
N ASP A 229 -16.99 -3.70 21.12
CA ASP A 229 -18.12 -4.14 21.92
C ASP A 229 -17.68 -4.52 23.34
N ILE A 230 -16.54 -5.21 23.47
CA ILE A 230 -16.06 -5.59 24.79
C ILE A 230 -15.80 -4.33 25.62
N LEU A 231 -15.23 -3.30 24.99
CA LEU A 231 -14.92 -2.06 25.69
C LEU A 231 -16.18 -1.24 25.99
N PHE A 232 -17.08 -1.10 25.03
CA PHE A 232 -18.11 -0.06 25.11
C PHE A 232 -19.53 -0.57 25.10
N GLY A 233 -19.71 -1.88 25.02
CA GLY A 233 -21.00 -2.53 25.06
C GLY A 233 -21.42 -3.00 23.68
N THR A 234 -22.24 -4.03 23.64
CA THR A 234 -22.86 -4.49 22.39
C THR A 234 -24.15 -3.71 22.16
N GLY A 235 -24.26 -3.10 20.99
CA GLY A 235 -25.42 -2.27 20.69
C GLY A 235 -26.72 -3.02 20.78
N MET A 236 -27.75 -2.33 21.28
CA MET A 236 -29.13 -2.76 21.29
C MET A 236 -29.98 -1.59 20.80
N PRO A 237 -31.16 -1.86 20.23
CA PRO A 237 -31.93 -0.77 19.58
C PRO A 237 -32.34 0.30 20.57
N HIS A 238 -32.14 1.58 20.18
CA HIS A 238 -32.61 2.71 20.98
C HIS A 238 -32.79 3.94 20.09
N GLU A 239 -33.62 4.87 20.54
CA GLU A 239 -33.93 6.07 19.77
C GLU A 239 -32.81 7.08 19.86
N MET A 240 -32.45 7.64 18.71
CA MET A 240 -31.37 8.59 18.60
C MET A 240 -31.84 9.77 17.75
N ASP A 241 -31.31 10.94 18.07
CA ASP A 241 -31.52 12.15 17.28
C ASP A 241 -30.42 12.28 16.25
N VAL A 242 -30.82 12.62 15.03
CA VAL A 242 -29.88 12.82 13.92
C VAL A 242 -30.27 14.07 13.11
N ASP A 243 -29.33 14.52 12.28
CA ASP A 243 -29.40 15.68 11.38
C ASP A 243 -28.98 16.95 12.12
N LEU A 244 -28.76 18.01 11.37
CA LEU A 244 -28.00 19.16 11.87
C LEU A 244 -28.79 20.04 12.82
N GLY A 245 -30.11 19.89 12.91
CA GLY A 245 -30.85 20.63 13.93
C GLY A 245 -30.60 20.23 15.38
N ILE A 246 -29.80 19.20 15.63
CA ILE A 246 -29.48 18.80 17.00
C ILE A 246 -28.61 19.83 17.71
N PHE A 247 -27.97 20.72 16.97
CA PHE A 247 -27.12 21.72 17.59
C PHE A 247 -27.94 22.81 18.28
N ASP A 248 -27.40 23.33 19.37
CA ASP A 248 -27.91 24.52 20.05
C ASP A 248 -26.73 25.42 20.32
N ALA A 249 -26.78 26.64 19.81
CA ALA A 249 -25.62 27.53 19.81
C ALA A 249 -25.26 28.07 21.19
N ASP A 250 -26.14 27.96 22.18
CA ASP A 250 -25.89 28.46 23.53
C ASP A 250 -25.03 27.52 24.37
N TYR A 251 -24.67 26.36 23.84
CA TYR A 251 -23.86 25.39 24.54
C TYR A 251 -22.47 25.39 23.94
N ILE A 252 -21.48 24.97 24.73
CA ILE A 252 -20.19 24.62 24.16
C ILE A 252 -20.32 23.26 23.48
N ASN A 253 -20.01 23.23 22.19
CA ASN A 253 -20.30 22.10 21.33
C ASN A 253 -19.01 21.50 20.81
N ILE A 254 -18.73 20.26 21.21
CA ILE A 254 -17.58 19.50 20.72
C ILE A 254 -18.09 18.37 19.85
N VAL A 255 -17.59 18.29 18.61
CA VAL A 255 -17.94 17.26 17.64
C VAL A 255 -16.74 16.36 17.41
N PHE A 256 -16.92 15.05 17.57
CA PHE A 256 -15.87 14.10 17.16
C PHE A 256 -16.19 13.48 15.81
N ASN A 257 -15.16 13.29 14.98
CA ASN A 257 -15.36 12.97 13.55
C ASN A 257 -14.25 12.06 13.03
N GLY A 258 -14.61 10.92 12.45
CA GLY A 258 -13.61 10.00 11.88
C GLY A 258 -14.19 8.61 11.75
N HIS A 259 -13.41 7.56 12.05
CA HIS A 259 -13.89 6.19 12.16
C HIS A 259 -13.56 5.53 13.50
N GLU A 260 -12.54 6.00 14.25
CA GLU A 260 -12.16 5.38 15.53
C GLU A 260 -12.84 6.12 16.66
N PRO A 261 -13.63 5.47 17.51
CA PRO A 261 -14.44 6.19 18.50
C PRO A 261 -13.80 6.42 19.87
N PHE A 262 -12.52 6.07 20.06
CA PHE A 262 -11.91 6.14 21.39
C PHE A 262 -11.88 7.56 21.95
N VAL A 263 -11.44 8.55 21.17
CA VAL A 263 -11.44 9.90 21.69
C VAL A 263 -12.86 10.35 22.00
N GLY A 264 -13.82 9.99 21.15
CA GLY A 264 -15.20 10.39 21.39
C GLY A 264 -15.74 9.85 22.70
N VAL A 265 -15.47 8.59 22.99
CA VAL A 265 -15.94 8.04 24.26
C VAL A 265 -15.28 8.75 25.43
N ALA A 266 -13.97 8.97 25.34
CA ALA A 266 -13.27 9.69 26.40
C ALA A 266 -13.83 11.09 26.60
N LEU A 267 -14.25 11.75 25.52
CA LEU A 267 -14.81 13.09 25.64
C LEU A 267 -16.13 13.06 26.38
N ILE A 268 -16.97 12.07 26.07
CA ILE A 268 -18.25 11.95 26.78
C ILE A 268 -18.01 11.76 28.26
N LEU A 269 -17.07 10.88 28.61
CA LEU A 269 -16.77 10.65 30.02
C LEU A 269 -16.28 11.91 30.70
N ALA A 270 -15.39 12.66 30.03
CA ALA A 270 -14.90 13.89 30.62
C ALA A 270 -15.99 14.95 30.75
N ALA A 271 -16.85 15.07 29.74
CA ALA A 271 -17.91 16.06 29.78
C ALA A 271 -18.94 15.77 30.85
N LYS A 272 -19.05 14.53 31.30
CA LYS A 272 -19.96 14.22 32.39
C LYS A 272 -19.41 14.63 33.75
N GLU A 273 -18.15 15.02 33.84
CA GLU A 273 -17.60 15.51 35.10
C GLU A 273 -18.21 16.88 35.45
N ALA A 274 -18.76 16.97 36.66
CA ALA A 274 -19.39 18.21 37.08
C ALA A 274 -18.43 19.39 36.95
N VAL A 275 -17.13 19.20 37.26
CA VAL A 275 -16.21 20.33 37.20
C VAL A 275 -16.08 20.88 35.79
N ASN A 276 -16.21 20.04 34.77
CA ASN A 276 -16.13 20.52 33.39
C ASN A 276 -17.42 21.21 32.95
N GLN A 277 -18.57 20.73 33.42
CA GLN A 277 -19.80 21.47 33.20
C GLN A 277 -19.75 22.82 33.90
N ASP A 278 -19.17 22.88 35.11
CA ASP A 278 -19.02 24.16 35.81
C ASP A 278 -18.13 25.11 35.02
N LYS A 279 -17.04 24.58 34.46
CA LYS A 279 -16.16 25.40 33.63
C LYS A 279 -16.90 25.97 32.43
N ALA A 280 -17.75 25.17 31.79
CA ALA A 280 -18.51 25.65 30.63
C ALA A 280 -19.47 26.77 31.03
N LYS A 281 -20.15 26.62 32.17
CA LYS A 281 -21.12 27.62 32.56
C LYS A 281 -20.45 28.92 32.99
N ALA A 282 -19.25 28.83 33.58
CA ALA A 282 -18.52 30.04 33.95
C ALA A 282 -18.06 30.82 32.74
N ALA A 283 -17.88 30.13 31.60
CA ALA A 283 -17.51 30.79 30.36
C ALA A 283 -18.68 31.44 29.65
N GLY A 284 -19.90 31.31 30.19
CA GLY A 284 -21.08 31.91 29.60
C GLY A 284 -21.98 30.96 28.81
N ALA A 285 -21.66 29.68 28.79
CA ALA A 285 -22.48 28.72 28.06
C ALA A 285 -23.52 28.09 28.98
N LYS A 286 -24.54 27.49 28.39
CA LYS A 286 -25.56 26.81 29.20
C LYS A 286 -24.98 25.55 29.82
N SER A 287 -24.16 24.84 29.06
CA SER A 287 -23.43 23.67 29.54
C SER A 287 -22.58 23.18 28.38
N LEU A 288 -22.01 21.99 28.52
CA LEU A 288 -21.08 21.43 27.54
C LEU A 288 -21.71 20.17 26.95
N ARG A 289 -21.75 20.09 25.61
CA ARG A 289 -22.35 18.98 24.89
C ARG A 289 -21.36 18.39 23.89
N ILE A 290 -21.53 17.10 23.66
CA ILE A 290 -20.71 16.32 22.74
C ILE A 290 -21.62 15.79 21.64
N TYR A 291 -21.12 15.80 20.42
CA TYR A 291 -21.85 15.33 19.25
C TYR A 291 -20.95 14.46 18.39
N GLY A 292 -21.53 13.46 17.73
CA GLY A 292 -20.78 12.60 16.83
C GLY A 292 -21.02 13.00 15.38
N SER A 293 -19.97 12.86 14.58
CA SER A 293 -20.00 13.04 13.13
C SER A 293 -19.50 11.78 12.45
N ILE A 294 -20.05 11.50 11.27
CA ILE A 294 -19.65 10.39 10.41
C ILE A 294 -19.51 9.10 11.20
N GLU A 295 -18.50 8.29 10.89
CA GLU A 295 -18.47 6.91 11.31
C GLU A 295 -18.09 6.78 12.79
N SER A 296 -17.16 7.58 13.29
CA SER A 296 -16.93 7.59 14.74
C SER A 296 -18.20 7.92 15.49
N GLY A 297 -18.92 8.94 15.02
CA GLY A 297 -20.21 9.24 15.61
C GLY A 297 -21.16 8.06 15.57
N GLN A 298 -21.20 7.34 14.44
CA GLN A 298 -22.09 6.20 14.33
C GLN A 298 -21.72 5.09 15.29
N GLU A 299 -20.41 4.82 15.49
CA GLU A 299 -20.00 3.83 16.48
C GLU A 299 -20.55 4.18 17.85
N VAL A 300 -20.56 5.47 18.20
CA VAL A 300 -21.05 5.89 19.51
C VAL A 300 -22.57 5.79 19.59
N VAL A 301 -23.31 6.25 18.57
CA VAL A 301 -24.77 6.10 18.64
C VAL A 301 -25.22 4.65 18.63
N GLN A 302 -24.40 3.73 18.08
CA GLN A 302 -24.76 2.30 18.14
C GLN A 302 -24.82 1.80 19.58
N ARG A 303 -24.01 2.35 20.47
CA ARG A 303 -23.78 1.79 21.78
C ARG A 303 -24.13 2.72 22.94
N PHE A 304 -24.43 3.99 22.68
CA PHE A 304 -24.66 4.97 23.74
C PHE A 304 -26.00 5.65 23.53
N GLN A 305 -26.59 6.11 24.62
CA GLN A 305 -27.86 6.81 24.60
C GLN A 305 -27.65 8.31 24.40
N LYS A 306 -28.68 8.95 23.87
CA LYS A 306 -28.75 10.41 23.92
C LYS A 306 -29.05 10.83 25.35
N ASP A 307 -28.32 11.81 25.86
CA ASP A 307 -28.61 12.35 27.18
C ASP A 307 -28.28 13.83 27.17
N GLU A 308 -28.20 14.44 28.36
CA GLU A 308 -27.94 15.88 28.41
C GLU A 308 -26.55 16.21 27.89
N VAL A 309 -25.65 15.22 27.83
CA VAL A 309 -24.29 15.46 27.34
C VAL A 309 -24.11 15.06 25.88
N PHE A 310 -24.42 13.80 25.55
CA PHE A 310 -24.26 13.29 24.18
C PHE A 310 -25.55 13.49 23.40
N ARG A 311 -25.49 14.18 22.26
CA ARG A 311 -26.68 14.68 21.58
C ARG A 311 -27.05 13.98 20.29
N GLY A 312 -26.19 13.13 19.72
CA GLY A 312 -26.55 12.35 18.55
C GLY A 312 -25.55 12.49 17.45
N LEU A 313 -25.99 12.19 16.23
CA LEU A 313 -25.13 12.11 15.04
C LEU A 313 -25.52 13.20 14.03
N THR A 314 -24.52 13.88 13.50
CA THR A 314 -24.77 15.01 12.62
C THR A 314 -25.14 14.55 11.20
N GLY A 315 -24.43 13.57 10.67
CA GLY A 315 -24.54 13.16 9.27
C GLY A 315 -23.22 12.60 8.74
N ASN A 316 -23.20 12.27 7.43
CA ASN A 316 -22.01 11.69 6.78
C ASN A 316 -21.04 12.75 6.24
N TRP A 317 -20.03 12.33 5.45
CA TRP A 317 -18.86 13.20 5.26
C TRP A 317 -19.18 14.46 4.44
N LEU A 318 -20.18 14.41 3.58
CA LEU A 318 -20.59 15.60 2.84
C LEU A 318 -21.37 16.57 3.71
N THR A 319 -21.65 16.22 4.98
CA THR A 319 -22.24 17.13 5.95
C THR A 319 -21.22 17.93 6.73
N ILE A 320 -19.93 17.62 6.64
CA ILE A 320 -18.95 18.25 7.53
C ILE A 320 -18.81 19.73 7.23
N GLU A 321 -18.64 20.07 5.95
CA GLU A 321 -18.55 21.48 5.59
C GLU A 321 -19.83 22.22 5.95
N PRO A 322 -21.02 21.74 5.57
CA PRO A 322 -22.25 22.36 6.05
C PRO A 322 -22.30 22.50 7.56
N MET A 323 -21.86 21.49 8.30
CA MET A 323 -21.91 21.56 9.75
CA MET A 323 -21.90 21.57 9.75
C MET A 323 -21.12 22.76 10.27
N LEU A 324 -19.94 23.01 9.71
CA LEU A 324 -19.17 24.17 10.17
C LEU A 324 -19.92 25.48 9.91
N ALA A 325 -20.68 25.55 8.83
CA ALA A 325 -21.47 26.73 8.51
C ALA A 325 -22.65 26.96 9.45
N THR A 326 -22.97 26.05 10.36
CA THR A 326 -23.94 26.38 11.39
C THR A 326 -23.46 27.51 12.27
N GLY A 327 -22.16 27.70 12.40
CA GLY A 327 -21.65 28.65 13.37
C GLY A 327 -21.87 28.22 14.80
N ALA A 328 -22.00 26.91 15.03
CA ALA A 328 -22.33 26.37 16.34
C ALA A 328 -21.23 25.48 16.91
N VAL A 329 -20.23 25.12 16.13
CA VAL A 329 -19.20 24.17 16.56
C VAL A 329 -18.06 24.91 17.26
N ASP A 330 -17.65 24.43 18.44
CA ASP A 330 -16.48 24.99 19.09
C ASP A 330 -15.21 24.21 18.79
N VAL A 331 -15.27 22.88 18.88
CA VAL A 331 -14.17 22.04 18.43
C VAL A 331 -14.69 20.94 17.54
N LEU A 332 -13.99 20.72 16.44
CA LEU A 332 -14.13 19.53 15.60
C LEU A 332 -12.89 18.68 15.80
N ALA A 333 -13.04 17.53 16.45
CA ALA A 333 -11.93 16.64 16.80
C ALA A 333 -11.92 15.48 15.81
N MET A 334 -10.83 15.38 15.04
CA MET A 334 -10.79 14.56 13.82
C MET A 334 -9.83 13.39 13.98
N ASP A 335 -10.32 12.17 13.80
CA ASP A 335 -9.45 11.02 14.06
C ASP A 335 -9.07 10.21 12.84
N MET A 336 -9.77 10.35 11.73
CA MET A 336 -9.46 9.58 10.55
C MET A 336 -10.25 10.18 9.41
N ASN A 337 -10.28 9.48 8.28
CA ASN A 337 -11.18 9.91 7.21
C ASN A 337 -12.62 9.80 7.72
N CYS A 338 -13.52 10.60 7.18
CA CYS A 338 -13.25 11.72 6.29
C CYS A 338 -13.05 13.02 7.10
N SER A 339 -11.86 13.61 6.96
CA SER A 339 -11.54 14.95 7.44
C SER A 339 -11.08 15.76 6.23
N PRO A 340 -11.99 16.40 5.48
CA PRO A 340 -11.64 16.99 4.18
C PRO A 340 -10.61 18.10 4.32
N PRO A 341 -9.64 18.16 3.40
CA PRO A 341 -8.44 18.96 3.66
C PRO A 341 -8.57 20.46 3.48
N ASN A 342 -9.73 20.99 3.09
CA ASN A 342 -9.93 22.44 3.04
C ASN A 342 -10.83 22.98 4.15
N LEU A 343 -10.95 22.29 5.29
CA LEU A 343 -11.79 22.83 6.36
C LEU A 343 -11.23 24.07 7.04
N GLY A 344 -9.94 24.34 6.91
CA GLY A 344 -9.35 25.44 7.63
C GLY A 344 -10.06 26.76 7.45
N PRO A 345 -10.25 27.20 6.20
CA PRO A 345 -10.91 28.50 5.99
C PRO A 345 -12.34 28.52 6.49
N LEU A 346 -13.02 27.38 6.51
CA LEU A 346 -14.38 27.34 7.03
C LEU A 346 -14.35 27.49 8.54
N ALA A 347 -13.44 26.80 9.20
CA ALA A 347 -13.33 26.95 10.65
C ALA A 347 -13.03 28.40 11.01
N GLU A 348 -12.18 29.03 10.23
CA GLU A 348 -11.86 30.42 10.53
C GLU A 348 -13.08 31.31 10.37
N LYS A 349 -13.84 31.11 9.30
CA LYS A 349 -14.98 31.97 9.05
C LYS A 349 -16.05 31.82 10.11
N TYR A 350 -16.32 30.58 10.55
CA TYR A 350 -17.44 30.29 11.44
C TYR A 350 -17.03 30.17 12.91
N GLY A 351 -15.77 30.45 13.25
CA GLY A 351 -15.35 30.49 14.64
C GLY A 351 -15.26 29.14 15.31
N ALA A 352 -14.83 28.10 14.58
CA ALA A 352 -14.61 26.76 15.12
C ALA A 352 -13.12 26.47 15.20
N THR A 353 -12.73 25.62 16.16
CA THR A 353 -11.35 25.19 16.31
C THR A 353 -11.21 23.73 15.87
N LEU A 354 -10.20 23.47 15.04
CA LEU A 354 -9.93 22.14 14.51
C LEU A 354 -8.82 21.48 15.30
N VAL A 355 -9.05 20.23 15.71
CA VAL A 355 -8.08 19.44 16.48
C VAL A 355 -7.94 18.10 15.80
N SER A 356 -6.72 17.76 15.38
CA SER A 356 -6.47 16.41 14.91
C SER A 356 -6.12 15.54 16.10
N VAL A 357 -6.73 14.35 16.17
CA VAL A 357 -6.41 13.38 17.22
C VAL A 357 -5.84 12.09 16.66
N SER A 358 -5.22 12.15 15.48
CA SER A 358 -4.56 11.02 14.87
C SER A 358 -3.34 11.49 14.07
N ARG A 359 -2.24 10.72 14.16
CA ARG A 359 -1.11 11.08 13.30
CA ARG A 359 -1.06 10.89 13.30
C ARG A 359 -1.43 10.88 11.82
N LEU A 360 -2.51 10.21 11.48
CA LEU A 360 -2.89 10.10 10.07
C LEU A 360 -3.43 11.40 9.52
N VAL A 361 -4.09 12.20 10.34
CA VAL A 361 -4.90 13.32 9.87
C VAL A 361 -4.10 14.60 9.99
N ARG A 362 -3.77 15.18 8.83
CA ARG A 362 -3.13 16.47 8.74
C ARG A 362 -3.66 17.16 7.49
N PHE A 363 -3.79 18.51 7.56
CA PHE A 363 -4.17 19.33 6.41
C PHE A 363 -3.95 20.78 6.80
N PRO A 364 -3.96 21.72 5.86
CA PRO A 364 -3.62 23.11 6.22
C PRO A 364 -4.61 23.73 7.19
N GLY A 365 -4.10 24.47 8.16
CA GLY A 365 -4.94 25.26 9.06
C GLY A 365 -5.46 24.57 10.31
N ILE A 366 -4.94 23.43 10.65
CA ILE A 366 -5.33 22.73 11.87
C ILE A 366 -4.65 23.38 13.05
N HIS A 367 -5.41 23.59 14.13
CA HIS A 367 -4.95 24.40 15.25
C HIS A 367 -4.11 23.61 16.26
N HIS A 368 -4.45 22.34 16.44
CA HIS A 368 -3.91 21.52 17.52
C HIS A 368 -3.78 20.09 17.02
N PHE A 369 -2.71 19.43 17.47
CA PHE A 369 -2.36 18.06 17.09
C PHE A 369 -2.18 17.28 18.39
N LEU A 370 -3.10 16.35 18.65
CA LEU A 370 -3.12 15.54 19.87
C LEU A 370 -3.20 14.09 19.45
N ASP A 371 -2.07 13.54 19.02
CA ASP A 371 -2.02 12.17 18.51
C ASP A 371 -2.48 11.18 19.58
N TYR A 372 -3.34 10.26 19.19
CA TYR A 372 -3.92 9.31 20.13
C TYR A 372 -2.92 8.28 20.62
N LYS A 373 -2.94 8.02 21.93
CA LYS A 373 -2.32 6.87 22.58
C LYS A 373 -3.29 6.48 23.68
N PRO A 374 -3.54 5.17 23.88
CA PRO A 374 -4.50 4.78 24.93
C PRO A 374 -4.21 5.40 26.27
N SER A 375 -2.93 5.39 26.70
CA SER A 375 -2.54 5.88 28.03
C SER A 375 -2.61 7.38 28.15
N GLU A 376 -2.88 8.10 27.05
CA GLU A 376 -3.00 9.55 27.09
C GLU A 376 -4.40 10.04 26.77
N VAL A 377 -5.36 9.15 26.52
CA VAL A 377 -6.63 9.62 26.01
C VAL A 377 -7.40 10.44 27.05
N ARG A 378 -7.27 10.13 28.34
CA ARG A 378 -7.89 10.97 29.37
C ARG A 378 -7.35 12.41 29.29
N GLU A 379 -6.03 12.55 29.18
CA GLU A 379 -5.46 13.89 29.05
C GLU A 379 -5.87 14.55 27.74
N ILE A 380 -5.91 13.79 26.65
CA ILE A 380 -6.34 14.33 25.36
C ILE A 380 -7.78 14.88 25.46
N ALA A 381 -8.70 14.10 26.03
CA ALA A 381 -10.09 14.54 26.12
C ALA A 381 -10.20 15.80 26.95
N GLN A 382 -9.45 15.86 28.06
CA GLN A 382 -9.52 17.04 28.90
C GLN A 382 -8.95 18.26 28.18
N LYS A 383 -7.85 18.08 27.44
CA LYS A 383 -7.28 19.20 26.69
C LYS A 383 -8.26 19.70 25.64
N ILE A 384 -8.98 18.79 25.00
CA ILE A 384 -9.97 19.21 24.01
C ILE A 384 -11.06 20.04 24.66
N ILE A 385 -11.52 19.65 25.86
CA ILE A 385 -12.52 20.45 26.55
C ILE A 385 -11.99 21.83 26.87
N ASP A 386 -10.73 21.88 27.35
CA ASP A 386 -10.10 23.17 27.65
C ASP A 386 -10.02 24.04 26.39
N ILE A 387 -9.63 23.45 25.26
CA ILE A 387 -9.56 24.20 24.00
C ILE A 387 -10.93 24.70 23.62
N ALA A 388 -11.96 23.85 23.78
CA ALA A 388 -13.31 24.21 23.37
C ALA A 388 -13.86 25.38 24.19
N VAL A 389 -13.61 25.36 25.49
CA VAL A 389 -14.08 26.44 26.34
C VAL A 389 -13.45 27.76 25.92
N ASP A 390 -12.13 27.75 25.70
CA ASP A 390 -11.45 28.96 25.30
CA ASP A 390 -11.45 28.97 25.29
C ASP A 390 -11.91 29.42 23.91
N SER A 391 -12.14 28.48 22.99
CA SER A 391 -12.60 28.83 21.66
C SER A 391 -13.98 29.49 21.74
N PHE A 392 -14.89 28.90 22.52
CA PHE A 392 -16.20 29.51 22.73
C PHE A 392 -16.06 30.95 23.22
N LYS A 393 -15.21 31.17 24.23
CA LYS A 393 -15.07 32.51 24.79
C LYS A 393 -14.44 33.49 23.80
N ASN A 394 -13.43 33.05 23.05
CA ASN A 394 -12.59 33.98 22.29
C ASN A 394 -12.94 34.07 20.82
N LYS A 395 -13.52 33.02 20.24
CA LYS A 395 -13.80 32.99 18.81
C LYS A 395 -15.28 33.06 18.46
N ARG A 396 -16.15 32.44 19.24
CA ARG A 396 -17.51 32.21 18.78
C ARG A 396 -18.55 33.03 19.54
N HIS A 397 -18.55 32.97 20.86
CA HIS A 397 -19.64 33.57 21.62
C HIS A 397 -19.64 35.08 21.45
N GLY A 398 -20.79 35.61 21.01
CA GLY A 398 -20.95 37.02 20.77
C GLY A 398 -20.30 37.53 19.50
N LYS A 399 -19.76 36.65 18.67
CA LYS A 399 -19.06 37.03 17.45
C LYS A 399 -19.64 36.40 16.19
N ILE A 400 -20.03 35.13 16.26
CA ILE A 400 -20.50 34.38 15.09
C ILE A 400 -22.00 34.23 15.21
N THR A 401 -22.70 34.56 14.14
CA THR A 401 -24.14 34.35 14.08
C THR A 401 -24.43 32.89 13.75
N PRO A 402 -25.16 32.17 14.59
CA PRO A 402 -25.51 30.80 14.25
C PRO A 402 -26.62 30.75 13.21
N LYS A 403 -26.58 29.70 12.37
CA LYS A 403 -27.64 29.40 11.42
C LYS A 403 -27.88 27.89 11.46
N ILE A 404 -28.62 27.43 12.46
CA ILE A 404 -28.86 26.00 12.65
C ILE A 404 -30.19 25.64 11.99
N PRO A 405 -30.21 24.73 11.00
CA PRO A 405 -31.47 24.31 10.40
C PRO A 405 -32.38 23.67 11.42
N ALA A 406 -33.67 23.74 11.16
CA ALA A 406 -34.62 23.18 12.10
C ALA A 406 -34.69 21.64 12.08
N ASN A 407 -34.11 20.97 11.09
CA ASN A 407 -34.40 19.56 10.86
C ASN A 407 -33.74 18.66 11.91
N ILE A 408 -34.57 17.84 12.59
CA ILE A 408 -34.09 16.73 13.43
C ILE A 408 -34.94 15.51 13.08
N GLN A 409 -34.29 14.38 12.87
CA GLN A 409 -35.01 13.15 12.58
C GLN A 409 -34.70 12.16 13.70
N LYS A 410 -35.62 11.21 13.86
CA LYS A 410 -35.47 10.14 14.82
C LYS A 410 -35.05 8.90 14.05
N ALA A 411 -34.09 8.18 14.60
CA ALA A 411 -33.65 6.91 14.06
C ALA A 411 -33.51 5.94 15.22
N ILE A 412 -33.81 4.68 14.96
CA ILE A 412 -33.48 3.61 15.91
C ILE A 412 -32.13 3.03 15.52
N THR A 413 -31.12 3.26 16.36
CA THR A 413 -29.75 2.82 16.15
C THR A 413 -29.41 1.69 17.09
N GLY A 414 -28.30 1.02 16.83
CA GLY A 414 -27.85 -0.04 17.71
C GLY A 414 -28.26 -1.44 17.32
N PHE A 415 -28.70 -1.66 16.10
CA PHE A 415 -28.91 -3.03 15.71
C PHE A 415 -27.56 -3.74 15.57
N THR A 416 -27.53 -4.96 16.08
CA THR A 416 -26.41 -5.88 16.08
C THR A 416 -26.99 -7.27 15.84
N PRO A 417 -26.16 -8.28 15.60
CA PRO A 417 -26.70 -9.65 15.54
C PRO A 417 -27.49 -9.99 16.81
N GLU A 418 -26.93 -9.61 17.95
CA GLU A 418 -27.58 -9.91 19.22
C GLU A 418 -28.92 -9.21 19.33
N ALA A 419 -29.01 -7.99 18.82
CA ALA A 419 -30.29 -7.28 18.85
C ALA A 419 -31.34 -7.95 17.99
N ILE A 420 -30.96 -8.45 16.81
CA ILE A 420 -31.90 -9.15 15.93
C ILE A 420 -32.44 -10.39 16.65
N LEU A 421 -31.53 -11.19 17.22
CA LEU A 421 -31.99 -12.41 17.88
C LEU A 421 -32.95 -12.08 18.99
N LYS A 422 -32.67 -11.02 19.74
CA LYS A 422 -33.54 -10.64 20.84
C LYS A 422 -34.91 -10.22 20.32
N ALA A 423 -34.93 -9.41 19.26
CA ALA A 423 -36.21 -8.96 18.71
C ALA A 423 -37.04 -10.10 18.16
N LEU A 424 -36.41 -11.21 17.78
CA LEU A 424 -37.10 -12.38 17.26
C LEU A 424 -37.46 -13.38 18.36
N GLY A 425 -37.18 -13.07 19.61
CA GLY A 425 -37.51 -13.96 20.70
C GLY A 425 -36.40 -14.90 21.15
N GLY A 426 -35.18 -14.68 20.70
CA GLY A 426 -34.03 -15.43 21.16
C GLY A 426 -33.36 -16.26 20.10
N SER A 427 -33.99 -16.46 18.95
CA SER A 427 -33.39 -17.26 17.91
C SER A 427 -33.73 -16.64 16.57
N ILE A 428 -32.97 -17.04 15.56
CA ILE A 428 -33.16 -16.48 14.24
C ILE A 428 -34.36 -17.09 13.54
N ASN A 429 -34.93 -18.16 14.12
CA ASN A 429 -35.96 -18.95 13.42
C ASN A 429 -37.07 -18.10 12.84
N PRO A 430 -37.71 -17.21 13.58
CA PRO A 430 -38.87 -16.51 13.00
C PRO A 430 -38.52 -15.77 11.72
N LEU A 431 -37.33 -15.19 11.64
CA LEU A 431 -36.94 -14.49 10.42
C LEU A 431 -36.76 -15.46 9.27
N ILE A 432 -36.09 -16.59 9.50
CA ILE A 432 -35.98 -17.62 8.47
C ILE A 432 -37.37 -18.03 8.00
N GLU A 433 -38.29 -18.18 8.92
CA GLU A 433 -39.59 -18.68 8.53
C GLU A 433 -40.34 -17.69 7.65
N VAL A 434 -40.28 -16.41 8.01
CA VAL A 434 -41.02 -15.45 7.18
C VAL A 434 -40.31 -15.19 5.85
N ILE A 435 -39.00 -15.44 5.77
CA ILE A 435 -38.33 -15.43 4.49
C ILE A 435 -38.75 -16.64 3.67
N LYS A 436 -38.76 -17.83 4.27
CA LYS A 436 -39.18 -19.00 3.51
C LYS A 436 -40.58 -18.84 2.98
N ALA A 437 -41.47 -18.28 3.78
CA ALA A 437 -42.86 -18.15 3.38
C ALA A 437 -43.10 -17.03 2.38
N GLY A 438 -42.12 -16.18 2.14
CA GLY A 438 -42.22 -15.16 1.12
C GLY A 438 -42.66 -13.79 1.64
N LYS A 439 -42.82 -13.61 2.95
CA LYS A 439 -43.18 -12.27 3.42
C LYS A 439 -42.03 -11.30 3.19
N ILE A 440 -40.82 -11.73 3.51
CA ILE A 440 -39.60 -11.00 3.18
C ILE A 440 -38.89 -11.78 2.09
N LYS A 441 -38.68 -11.15 0.95
CA LYS A 441 -38.09 -11.88 -0.17
C LYS A 441 -36.62 -12.20 0.08
N GLY A 442 -35.91 -11.26 0.68
CA GLY A 442 -34.52 -11.48 1.00
C GLY A 442 -34.00 -10.28 1.77
N ALA A 443 -32.69 -10.19 1.90
CA ALA A 443 -32.08 -9.12 2.68
C ALA A 443 -30.90 -8.55 1.93
N VAL A 444 -30.68 -7.26 2.11
CA VAL A 444 -29.57 -6.57 1.48
C VAL A 444 -28.73 -5.92 2.56
N GLY A 445 -27.43 -6.08 2.42
CA GLY A 445 -26.47 -5.32 3.19
C GLY A 445 -26.08 -4.07 2.43
N LEU A 446 -26.45 -2.91 2.94
CA LEU A 446 -26.14 -1.65 2.28
C LEU A 446 -24.89 -1.18 3.01
N ILE A 447 -23.80 -1.06 2.28
N ILE A 447 -23.71 -1.51 2.40
CA ILE A 447 -22.55 -0.79 2.94
CA ILE A 447 -22.46 -0.82 2.66
C ILE A 447 -21.98 0.24 2.03
C ILE A 447 -22.56 0.45 1.91
N ASN A 448 -21.99 1.50 2.44
CA ASN A 448 -21.83 2.56 1.49
C ASN A 448 -21.19 3.78 2.09
N CYS A 449 -20.56 4.59 1.20
CA CYS A 449 -20.21 5.93 1.50
C CYS A 449 -21.33 6.88 1.02
N THR A 450 -20.87 8.06 0.71
CA THR A 450 -21.61 9.01 -0.10
C THR A 450 -20.61 9.67 -1.03
N THR A 451 -21.13 10.22 -2.11
CA THR A 451 -20.31 10.88 -3.11
C THR A 451 -21.21 11.83 -3.87
N LEU A 452 -20.59 12.69 -4.69
CA LEU A 452 -21.33 13.52 -5.63
C LEU A 452 -21.28 12.98 -7.05
N LYS A 453 -20.49 11.94 -7.31
CA LYS A 453 -20.27 11.49 -8.67
C LYS A 453 -21.55 11.13 -9.39
N ASN A 454 -22.44 10.38 -8.73
CA ASN A 454 -23.65 9.88 -9.39
C ASN A 454 -24.93 10.52 -8.88
N GLY A 455 -24.85 11.63 -8.16
CA GLY A 455 -26.04 12.36 -7.80
C GLY A 455 -25.75 13.36 -6.70
N PRO A 456 -26.74 14.19 -6.38
CA PRO A 456 -26.67 14.95 -5.13
C PRO A 456 -26.45 14.00 -3.96
N GLN A 457 -25.85 14.54 -2.90
CA GLN A 457 -25.54 13.76 -1.71
C GLN A 457 -26.71 12.86 -1.34
N ASP A 458 -26.46 11.56 -1.26
CA ASP A 458 -27.38 10.55 -0.74
C ASP A 458 -28.58 10.27 -1.63
N TYR A 459 -28.66 10.86 -2.82
CA TYR A 459 -29.84 10.68 -3.68
C TYR A 459 -30.03 9.21 -4.07
N VAL A 460 -28.98 8.58 -4.57
CA VAL A 460 -29.14 7.21 -5.03
C VAL A 460 -29.39 6.29 -3.84
N THR A 461 -28.65 6.51 -2.74
CA THR A 461 -28.77 5.65 -1.58
C THR A 461 -30.19 5.62 -1.05
N VAL A 462 -30.76 6.80 -0.81
CA VAL A 462 -32.08 6.88 -0.16
C VAL A 462 -33.15 6.34 -1.09
N ASN A 463 -33.12 6.73 -2.37
CA ASN A 463 -34.13 6.25 -3.31
C ASN A 463 -34.00 4.75 -3.58
N LEU A 464 -32.78 4.23 -3.68
CA LEU A 464 -32.58 2.79 -3.80
C LEU A 464 -33.15 2.07 -2.58
N ALA A 465 -32.84 2.56 -1.38
CA ALA A 465 -33.38 1.91 -0.18
C ALA A 465 -34.92 1.89 -0.19
N LYS A 466 -35.56 3.01 -0.57
CA LYS A 466 -37.01 3.02 -0.66
C LYS A 466 -37.52 2.00 -1.67
N GLU A 467 -36.84 1.87 -2.82
CA GLU A 467 -37.30 0.89 -3.80
C GLU A 467 -37.07 -0.55 -3.33
N LEU A 468 -36.00 -0.81 -2.57
CA LEU A 468 -35.76 -2.14 -2.03
C LEU A 468 -36.83 -2.53 -1.03
N ILE A 469 -37.14 -1.63 -0.08
CA ILE A 469 -38.08 -2.04 0.95
C ILE A 469 -39.47 -2.19 0.36
N LYS A 470 -39.79 -1.40 -0.67
CA LYS A 470 -41.07 -1.56 -1.35
C LYS A 470 -41.20 -2.95 -1.96
N ARG A 471 -40.08 -3.55 -2.38
CA ARG A 471 -40.03 -4.89 -2.95
C ARG A 471 -39.88 -5.98 -1.86
N ASP A 472 -40.10 -5.62 -0.61
CA ASP A 472 -40.11 -6.60 0.50
C ASP A 472 -38.72 -7.16 0.79
N ILE A 473 -37.71 -6.32 0.60
CA ILE A 473 -36.32 -6.66 0.88
C ILE A 473 -35.91 -5.89 2.15
N LEU A 474 -35.58 -6.62 3.20
CA LEU A 474 -35.07 -6.02 4.43
C LEU A 474 -33.65 -5.50 4.20
N ILE A 475 -33.33 -4.34 4.78
CA ILE A 475 -31.98 -3.76 4.66
C ILE A 475 -31.27 -3.76 6.02
N LEU A 476 -30.01 -4.21 6.02
CA LEU A 476 -29.08 -4.01 7.12
C LEU A 476 -28.07 -2.99 6.61
N SER A 477 -27.96 -1.86 7.26
CA SER A 477 -27.17 -0.76 6.70
CA SER A 477 -27.19 -0.74 6.71
C SER A 477 -25.97 -0.39 7.55
N GLY A 478 -24.86 -0.04 6.86
CA GLY A 478 -23.61 0.47 7.46
C GLY A 478 -22.88 1.48 6.60
N GLY A 479 -22.22 2.43 7.25
CA GLY A 479 -21.42 3.44 6.55
C GLY A 479 -22.11 4.79 6.45
N CYS A 480 -21.45 5.70 5.72
CA CYS A 480 -22.09 6.99 5.41
C CYS A 480 -23.47 6.80 4.78
N GLY A 481 -23.67 5.68 4.07
CA GLY A 481 -24.97 5.43 3.51
C GLY A 481 -25.99 5.07 4.57
N ASN A 482 -25.57 4.42 5.65
CA ASN A 482 -26.42 4.28 6.83
C ASN A 482 -26.82 5.64 7.44
N HIS A 483 -25.85 6.55 7.60
CA HIS A 483 -26.21 7.88 8.11
C HIS A 483 -27.26 8.53 7.22
N ALA A 484 -27.16 8.36 5.91
CA ALA A 484 -28.12 8.96 4.99
C ALA A 484 -29.55 8.46 5.24
N LEU A 485 -29.69 7.17 5.49
CA LEU A 485 -31.00 6.57 5.67
C LEU A 485 -31.61 7.01 6.99
N GLU A 486 -30.76 7.15 8.02
CA GLU A 486 -31.21 7.65 9.32
C GLU A 486 -31.76 9.07 9.17
N VAL A 487 -31.00 9.93 8.51
CA VAL A 487 -31.44 11.31 8.35
C VAL A 487 -32.70 11.40 7.50
N ALA A 488 -32.86 10.52 6.51
CA ALA A 488 -34.03 10.53 5.64
C ALA A 488 -35.27 9.88 6.28
N GLY A 489 -35.15 9.35 7.49
CA GLY A 489 -36.31 8.81 8.19
C GLY A 489 -36.65 7.38 7.87
N LEU A 490 -35.73 6.62 7.31
CA LEU A 490 -36.02 5.24 6.96
C LEU A 490 -35.75 4.28 8.10
N CYS A 491 -35.21 4.76 9.21
CA CYS A 491 -34.75 3.92 10.31
C CYS A 491 -35.61 4.11 11.57
N ASN A 492 -36.82 4.64 11.43
CA ASN A 492 -37.74 4.73 12.56
C ASN A 492 -39.01 3.95 12.25
N LEU A 493 -39.92 3.89 13.23
CA LEU A 493 -41.09 3.02 13.04
C LEU A 493 -42.07 3.58 12.02
N ASP A 494 -42.07 4.89 11.75
CA ASP A 494 -42.92 5.40 10.68
C ASP A 494 -42.53 4.80 9.33
N ALA A 495 -41.26 4.43 9.18
CA ALA A 495 -40.77 3.89 7.91
C ALA A 495 -41.36 2.51 7.60
N ILE A 496 -41.95 1.85 8.59
CA ILE A 496 -42.62 0.58 8.31
C ILE A 496 -43.58 0.73 7.14
N ASN A 497 -44.25 1.87 7.08
CA ASN A 497 -45.30 2.09 6.07
C ASN A 497 -44.76 2.38 4.69
N LEU A 498 -43.45 2.57 4.53
CA LEU A 498 -42.82 2.67 3.22
C LEU A 498 -42.48 1.31 2.64
N ALA A 499 -42.52 0.26 3.46
CA ALA A 499 -42.17 -1.07 3.02
C ALA A 499 -43.36 -1.72 2.30
N GLY A 500 -43.05 -2.74 1.49
CA GLY A 500 -44.05 -3.48 0.76
C GLY A 500 -44.95 -4.33 1.66
N PRO A 501 -45.87 -5.06 1.03
CA PRO A 501 -46.91 -5.73 1.80
C PRO A 501 -46.39 -6.72 2.84
N GLY A 502 -45.40 -7.53 2.49
CA GLY A 502 -44.91 -8.54 3.40
C GLY A 502 -43.98 -7.97 4.45
N LEU A 503 -43.06 -7.10 4.02
CA LEU A 503 -42.06 -6.59 4.95
C LEU A 503 -42.68 -5.60 5.93
N SER A 504 -43.61 -4.77 5.47
CA SER A 504 -44.30 -3.87 6.40
C SER A 504 -45.00 -4.65 7.49
N GLU A 505 -45.65 -5.76 7.13
CA GLU A 505 -46.39 -6.52 8.14
CA GLU A 505 -46.39 -6.45 8.17
C GLU A 505 -45.46 -7.18 9.14
N VAL A 506 -44.35 -7.75 8.66
CA VAL A 506 -43.37 -8.36 9.58
C VAL A 506 -42.83 -7.28 10.51
N CYS A 507 -42.40 -6.15 9.95
CA CYS A 507 -41.82 -5.11 10.78
C CYS A 507 -42.82 -4.58 11.80
N ARG A 508 -44.09 -4.44 11.39
CA ARG A 508 -45.09 -3.98 12.34
C ARG A 508 -45.26 -4.96 13.49
N ASN A 509 -45.23 -6.25 13.20
CA ASN A 509 -45.41 -7.26 14.25
C ASN A 509 -44.20 -7.34 15.16
N LEU A 510 -43.00 -7.13 14.62
CA LEU A 510 -41.79 -7.18 15.42
C LEU A 510 -41.44 -5.85 16.05
N ASN A 511 -42.09 -4.77 15.62
CA ASN A 511 -41.80 -3.42 16.12
C ASN A 511 -40.36 -3.01 15.82
N ILE A 512 -39.95 -3.24 14.59
CA ILE A 512 -38.64 -2.81 14.08
C ILE A 512 -38.81 -2.08 12.75
N PRO A 513 -37.90 -1.18 12.41
CA PRO A 513 -37.96 -0.51 11.10
C PRO A 513 -37.55 -1.46 9.99
N PRO A 514 -37.82 -1.09 8.73
CA PRO A 514 -37.43 -1.95 7.60
C PRO A 514 -35.98 -1.78 7.17
N VAL A 515 -35.31 -0.78 7.72
CA VAL A 515 -33.87 -0.56 7.56
C VAL A 515 -33.28 -0.62 8.94
N LEU A 516 -32.40 -1.60 9.17
CA LEU A 516 -31.80 -1.82 10.47
C LEU A 516 -30.40 -1.22 10.49
N SER A 517 -30.19 -0.21 11.31
CA SER A 517 -28.89 0.46 11.41
C SER A 517 -27.83 -0.42 12.10
N PHE A 518 -26.89 -0.99 11.32
CA PHE A 518 -25.82 -1.87 11.82
C PHE A 518 -24.50 -1.16 11.99
N GLY A 519 -24.45 0.13 11.68
CA GLY A 519 -23.32 0.96 12.04
C GLY A 519 -22.49 1.51 10.88
N THR A 520 -21.25 1.02 10.78
CA THR A 520 -20.21 1.57 9.92
C THR A 520 -19.86 0.61 8.79
N CYS A 521 -19.06 1.08 7.82
CA CYS A 521 -18.50 0.17 6.83
C CYS A 521 -17.59 -0.87 7.50
N THR A 522 -17.00 -0.49 8.64
CA THR A 522 -16.21 -1.38 9.46
C THR A 522 -17.05 -2.55 10.01
N ASP A 523 -18.37 -2.42 9.99
CA ASP A 523 -19.29 -3.48 10.42
C ASP A 523 -19.70 -4.44 9.29
N THR A 524 -19.02 -4.42 8.13
CA THR A 524 -19.22 -5.46 7.13
C THR A 524 -18.94 -6.84 7.73
N GLY A 525 -17.85 -6.97 8.47
CA GLY A 525 -17.55 -8.24 9.12
C GLY A 525 -18.69 -8.68 10.01
N ARG A 526 -19.24 -7.75 10.78
CA ARG A 526 -20.39 -8.05 11.64
C ARG A 526 -21.64 -8.44 10.85
N ILE A 527 -21.94 -7.73 9.76
CA ILE A 527 -23.06 -8.17 8.91
C ILE A 527 -22.82 -9.60 8.43
N SER A 528 -21.59 -9.93 8.06
N SER A 528 -21.56 -10.08 8.52
CA SER A 528 -21.36 -11.27 7.54
CA SER A 528 -21.13 -11.41 8.12
C SER A 528 -21.72 -12.31 8.57
C SER A 528 -21.25 -12.51 9.18
N LEU A 529 -21.67 -11.94 9.87
N LEU A 529 -21.05 -12.25 10.48
CA LEU A 529 -22.10 -12.87 10.90
CA LEU A 529 -21.12 -13.36 11.42
C LEU A 529 -23.58 -13.18 10.75
C LEU A 529 -22.51 -14.01 11.41
N VAL A 530 -24.39 -12.18 10.40
N VAL A 530 -23.56 -13.21 11.30
CA VAL A 530 -25.82 -12.42 10.19
CA VAL A 530 -24.89 -13.79 11.40
C VAL A 530 -26.03 -13.29 8.94
C VAL A 530 -25.18 -14.64 10.16
N VAL A 531 -25.38 -12.93 7.83
N VAL A 531 -24.81 -14.14 8.99
CA VAL A 531 -25.50 -13.72 6.62
CA VAL A 531 -24.99 -14.90 7.76
C VAL A 531 -25.01 -15.16 6.86
C VAL A 531 -24.20 -16.20 7.83
N THR A 532 -23.88 -15.31 7.57
N THR A 532 -23.02 -16.15 8.44
CA THR A 532 -23.40 -16.64 7.91
CA THR A 532 -22.20 -17.34 8.60
C THR A 532 -24.44 -17.39 8.75
C THR A 532 -22.93 -18.39 9.44
N ALA A 533 -25.10 -16.70 9.69
N ALA A 533 -23.39 -18.00 10.63
CA ALA A 533 -26.12 -17.36 10.50
CA ALA A 533 -24.15 -18.93 11.46
C ALA A 533 -27.28 -17.84 9.65
C ALA A 533 -25.38 -19.41 10.71
N LEU A 534 -27.63 -17.08 8.60
N LEU A 534 -26.04 -18.50 10.00
CA LEU A 534 -28.69 -17.53 7.70
CA LEU A 534 -27.24 -18.82 9.21
C LEU A 534 -28.25 -18.76 6.92
C LEU A 534 -26.92 -19.75 8.07
N ALA A 535 -27.00 -18.75 6.43
N ALA A 535 -25.78 -19.58 7.41
CA ALA A 535 -26.48 -19.89 5.69
CA ALA A 535 -25.37 -20.51 6.36
C ALA A 535 -26.59 -21.16 6.52
C ALA A 535 -25.40 -21.90 6.97
N ASN A 536 -26.25 -21.06 7.80
N ASN A 536 -25.65 -21.96 8.28
CA ASN A 536 -26.17 -22.28 8.60
CA ASN A 536 -26.24 -23.16 8.83
C ASN A 536 -27.56 -22.83 8.94
C ASN A 536 -27.74 -23.09 9.11
N ALA A 537 -28.42 -21.94 9.34
CA ALA A 537 -29.84 -22.20 9.60
C ALA A 537 -30.54 -22.84 8.40
N LEU A 538 -30.18 -22.41 7.18
CA LEU A 538 -30.70 -23.07 5.98
C LEU A 538 -29.88 -24.29 5.56
N ASN A 539 -28.68 -24.47 6.11
CA ASN A 539 -27.71 -25.48 5.66
C ASN A 539 -27.36 -25.33 4.17
N VAL A 540 -26.98 -24.11 3.79
CA VAL A 540 -26.65 -23.81 2.40
C VAL A 540 -25.44 -22.89 2.38
N ASP A 541 -24.80 -22.80 1.22
CA ASP A 541 -23.68 -21.89 1.03
C ASP A 541 -24.18 -20.45 0.96
N THR A 542 -23.31 -19.51 1.31
CA THR A 542 -23.69 -18.10 1.26
C THR A 542 -24.11 -17.67 -0.13
N ALA A 543 -23.46 -18.22 -1.17
CA ALA A 543 -23.80 -17.91 -2.56
C ALA A 543 -25.19 -18.39 -2.96
N ASP A 544 -25.83 -19.21 -2.14
CA ASP A 544 -27.18 -19.73 -2.40
C ASP A 544 -28.25 -18.92 -1.70
N LEU A 545 -27.88 -17.99 -0.82
CA LEU A 545 -28.85 -17.30 -0.01
C LEU A 545 -29.53 -16.18 -0.80
N PRO A 546 -30.77 -15.83 -0.41
CA PRO A 546 -31.51 -14.70 -1.04
C PRO A 546 -31.07 -13.39 -0.41
N VAL A 547 -29.82 -13.01 -0.69
CA VAL A 547 -29.24 -11.78 -0.16
C VAL A 547 -28.46 -11.09 -1.28
N ALA A 548 -28.10 -9.83 -1.04
CA ALA A 548 -27.21 -9.09 -1.91
C ALA A 548 -26.55 -7.99 -1.07
N VAL A 549 -25.55 -7.34 -1.65
CA VAL A 549 -24.88 -6.19 -1.08
C VAL A 549 -24.97 -5.04 -2.07
N THR A 550 -25.10 -3.82 -1.56
CA THR A 550 -24.99 -2.66 -2.41
C THR A 550 -24.15 -1.59 -1.73
N ALA A 551 -23.27 -0.97 -2.52
CA ALA A 551 -22.54 0.25 -2.15
C ALA A 551 -22.90 1.27 -3.23
N PRO A 552 -24.04 1.96 -3.11
CA PRO A 552 -24.61 2.67 -4.26
C PRO A 552 -24.14 4.10 -4.46
N MET A 553 -23.35 4.64 -3.53
CA MET A 553 -22.69 5.93 -3.70
C MET A 553 -21.33 5.79 -3.05
N TYR A 554 -20.55 4.81 -3.52
CA TYR A 554 -19.23 4.57 -2.95
C TYR A 554 -18.33 5.75 -3.23
N MET A 555 -17.35 5.96 -2.35
CA MET A 555 -16.39 7.04 -2.50
CA MET A 555 -16.37 7.01 -2.56
C MET A 555 -14.95 6.51 -2.45
N GLU A 556 -14.59 5.80 -1.39
CA GLU A 556 -13.20 5.42 -1.15
CA GLU A 556 -13.20 5.42 -1.19
C GLU A 556 -13.11 3.91 -0.98
N GLN A 557 -11.90 3.42 -0.74
CA GLN A 557 -11.66 1.99 -0.79
C GLN A 557 -11.90 1.25 0.52
N LYS A 558 -12.39 1.90 1.57
CA LYS A 558 -12.99 1.10 2.62
C LYS A 558 -14.25 0.42 2.07
N ALA A 559 -15.04 1.15 1.29
CA ALA A 559 -16.24 0.54 0.70
C ALA A 559 -15.85 -0.53 -0.31
N THR A 560 -14.85 -0.26 -1.14
CA THR A 560 -14.50 -1.25 -2.16
C THR A 560 -13.85 -2.48 -1.54
N ILE A 561 -13.09 -2.35 -0.44
CA ILE A 561 -12.58 -3.58 0.17
C ILE A 561 -13.72 -4.41 0.70
N ASP A 562 -14.78 -3.76 1.21
CA ASP A 562 -15.95 -4.51 1.64
C ASP A 562 -16.65 -5.17 0.46
N ALA A 563 -16.70 -4.50 -0.69
CA ALA A 563 -17.25 -5.10 -1.89
C ALA A 563 -16.41 -6.30 -2.37
N LEU A 564 -15.06 -6.17 -2.33
CA LEU A 564 -14.22 -7.31 -2.69
C LEU A 564 -14.46 -8.48 -1.75
N PHE A 565 -14.59 -8.21 -0.46
CA PHE A 565 -14.97 -9.25 0.47
C PHE A 565 -16.29 -9.89 0.04
N ALA A 566 -17.29 -9.08 -0.26
CA ALA A 566 -18.59 -9.60 -0.62
C ALA A 566 -18.51 -10.54 -1.81
N LEU A 567 -17.69 -10.19 -2.80
CA LEU A 567 -17.49 -11.06 -3.96
C LEU A 567 -16.86 -12.38 -3.55
N ALA A 568 -15.81 -12.33 -2.73
CA ALA A 568 -15.15 -13.55 -2.27
C ALA A 568 -16.12 -14.39 -1.45
N TYR A 569 -17.02 -13.74 -0.70
CA TYR A 569 -18.01 -14.39 0.13
C TYR A 569 -19.19 -14.90 -0.67
N GLY A 570 -19.22 -14.64 -1.98
CA GLY A 570 -20.17 -15.28 -2.86
C GLY A 570 -21.40 -14.48 -3.21
N LEU A 571 -21.40 -13.17 -3.01
CA LEU A 571 -22.63 -12.40 -3.09
C LEU A 571 -22.68 -11.52 -4.34
N TYR A 572 -23.88 -11.35 -4.83
CA TYR A 572 -24.21 -10.28 -5.75
C TYR A 572 -23.94 -8.94 -5.07
N THR A 573 -23.07 -8.14 -5.68
CA THR A 573 -22.50 -6.95 -5.05
C THR A 573 -22.66 -5.80 -6.03
N HIS A 574 -23.63 -4.94 -5.78
CA HIS A 574 -23.87 -3.77 -6.60
C HIS A 574 -22.98 -2.63 -6.11
N VAL A 575 -22.32 -1.96 -7.05
CA VAL A 575 -21.47 -0.82 -6.75
C VAL A 575 -21.79 0.31 -7.72
N ALA A 576 -22.03 1.50 -7.18
CA ALA A 576 -22.19 2.69 -7.98
C ALA A 576 -21.56 3.85 -7.22
N PRO A 577 -20.99 4.81 -7.92
CA PRO A 577 -20.75 4.85 -9.35
C PRO A 577 -19.83 3.74 -9.81
N ASP A 578 -19.63 3.61 -11.12
CA ASP A 578 -18.78 2.55 -11.61
C ASP A 578 -17.39 2.70 -11.01
N PRO A 579 -16.79 1.63 -10.50
CA PRO A 579 -15.36 1.64 -10.25
C PRO A 579 -14.61 1.87 -11.54
N PRO A 580 -13.35 2.33 -11.46
CA PRO A 580 -12.58 2.68 -12.67
C PRO A 580 -12.01 1.43 -13.33
N VAL A 581 -12.92 0.69 -13.97
CA VAL A 581 -12.59 -0.58 -14.63
C VAL A 581 -13.25 -0.76 -15.98
N MET A 582 -14.17 0.11 -16.33
CA MET A 582 -15.06 -0.28 -17.42
C MET A 582 -14.40 -0.19 -18.80
N GLY A 583 -13.18 0.35 -18.90
CA GLY A 583 -12.42 0.30 -20.12
C GLY A 583 -11.65 -0.97 -20.35
N ALA A 584 -11.77 -1.94 -19.45
CA ALA A 584 -11.01 -3.18 -19.49
C ALA A 584 -12.00 -4.31 -19.70
N PRO A 585 -12.26 -4.73 -20.95
CA PRO A 585 -13.39 -5.63 -21.18
C PRO A 585 -13.26 -7.01 -20.55
N ASN A 586 -12.04 -7.57 -20.51
CA ASN A 586 -11.92 -8.92 -19.95
C ASN A 586 -12.04 -8.87 -18.44
N LEU A 587 -11.54 -7.81 -17.81
CA LEU A 587 -11.77 -7.64 -16.37
C LEU A 587 -13.25 -7.47 -16.08
N VAL A 588 -13.94 -6.67 -16.88
CA VAL A 588 -15.37 -6.51 -16.67
C VAL A 588 -16.06 -7.85 -16.78
N LYS A 589 -15.70 -8.65 -17.78
CA LYS A 589 -16.31 -9.96 -17.95
C LYS A 589 -16.06 -10.84 -16.73
N LEU A 590 -14.82 -10.83 -16.23
CA LEU A 590 -14.53 -11.62 -15.02
C LEU A 590 -15.42 -11.20 -13.86
N LEU A 591 -15.49 -9.88 -13.59
CA LEU A 591 -16.16 -9.40 -12.38
C LEU A 591 -17.67 -9.52 -12.46
N THR A 592 -18.24 -9.32 -13.65
CA THR A 592 -19.69 -9.27 -13.78
C THR A 592 -20.32 -10.55 -14.29
N ARG A 593 -19.59 -11.40 -15.00
CA ARG A 593 -20.17 -12.54 -15.67
CA ARG A 593 -20.16 -12.55 -15.68
C ARG A 593 -19.53 -13.88 -15.29
N ASP A 594 -18.22 -13.92 -15.06
CA ASP A 594 -17.58 -15.21 -14.76
C ASP A 594 -17.51 -15.52 -13.27
N LEU A 595 -17.44 -14.52 -12.39
CA LEU A 595 -17.32 -14.81 -10.97
C LEU A 595 -18.44 -15.69 -10.42
N PRO A 596 -19.69 -15.64 -10.92
CA PRO A 596 -20.69 -16.55 -10.34
C PRO A 596 -20.33 -18.01 -10.42
N SER A 597 -19.53 -18.41 -11.41
CA SER A 597 -19.06 -19.78 -11.56
CA SER A 597 -19.05 -19.78 -11.57
C SER A 597 -17.75 -20.03 -10.81
N ILE A 598 -17.23 -19.01 -10.12
CA ILE A 598 -15.94 -19.09 -9.44
C ILE A 598 -16.16 -18.96 -7.93
N THR A 599 -16.55 -17.77 -7.47
CA THR A 599 -16.88 -17.58 -6.05
C THR A 599 -18.37 -17.63 -5.78
N GLY A 600 -19.19 -17.48 -6.80
CA GLY A 600 -20.62 -17.35 -6.65
C GLY A 600 -21.12 -15.92 -6.73
N GLY A 601 -20.25 -14.94 -6.48
CA GLY A 601 -20.65 -13.55 -6.49
C GLY A 601 -20.49 -12.91 -7.86
N ARG A 602 -20.85 -11.64 -7.93
CA ARG A 602 -20.69 -10.85 -9.15
C ARG A 602 -20.84 -9.39 -8.80
N ILE A 603 -20.21 -8.53 -9.62
CA ILE A 603 -20.43 -7.09 -9.58
C ILE A 603 -21.63 -6.74 -10.44
N ALA A 604 -22.49 -5.89 -9.91
CA ALA A 604 -23.58 -5.24 -10.64
C ALA A 604 -23.36 -3.72 -10.57
N VAL A 605 -23.88 -3.00 -11.58
CA VAL A 605 -23.63 -1.58 -11.75
C VAL A 605 -24.94 -0.87 -12.04
N GLY A 606 -24.87 0.46 -11.97
CA GLY A 606 -25.96 1.33 -12.32
C GLY A 606 -26.41 2.26 -11.21
N SER A 607 -26.97 3.42 -11.56
CA SER A 607 -27.41 4.39 -10.57
C SER A 607 -28.90 4.71 -10.63
N ASP A 608 -29.67 4.02 -11.47
CA ASP A 608 -31.12 4.21 -11.54
C ASP A 608 -31.73 3.40 -10.40
N PRO A 609 -32.34 4.03 -9.37
CA PRO A 609 -32.80 3.23 -8.20
C PRO A 609 -33.78 2.12 -8.55
N VAL A 610 -34.70 2.38 -9.49
CA VAL A 610 -35.67 1.35 -9.89
C VAL A 610 -34.98 0.19 -10.58
N LYS A 611 -34.10 0.47 -11.55
CA LYS A 611 -33.44 -0.62 -12.27
C LYS A 611 -32.54 -1.41 -11.34
N VAL A 612 -31.81 -0.71 -10.48
CA VAL A 612 -30.90 -1.41 -9.57
C VAL A 612 -31.69 -2.29 -8.61
N ALA A 613 -32.80 -1.77 -8.08
CA ALA A 613 -33.64 -2.56 -7.17
C ALA A 613 -34.28 -3.73 -7.90
N ASP A 614 -34.75 -3.51 -9.13
CA ASP A 614 -35.30 -4.64 -9.89
C ASP A 614 -34.26 -5.72 -10.11
N ASP A 615 -33.01 -5.32 -10.43
CA ASP A 615 -31.98 -6.31 -10.67
C ASP A 615 -31.63 -7.07 -9.38
N ILE A 616 -31.56 -6.37 -8.25
CA ILE A 616 -31.33 -7.05 -6.98
C ILE A 616 -32.46 -8.03 -6.68
N LEU A 617 -33.70 -7.59 -6.86
CA LEU A 617 -34.84 -8.47 -6.61
C LEU A 617 -34.80 -9.68 -7.53
N ALA A 618 -34.40 -9.50 -8.79
CA ALA A 618 -34.34 -10.63 -9.72
C ALA A 618 -33.31 -11.65 -9.28
N HIS A 619 -32.16 -11.17 -8.79
CA HIS A 619 -31.18 -12.08 -8.22
C HIS A 619 -31.73 -12.82 -7.02
N ILE A 620 -32.33 -12.07 -6.07
CA ILE A 620 -32.91 -12.70 -4.88
C ILE A 620 -33.94 -13.75 -5.28
N ASN A 621 -34.83 -13.42 -6.23
CA ASN A 621 -35.85 -14.39 -6.66
C ASN A 621 -35.25 -15.61 -7.36
N ASP A 622 -34.13 -15.43 -8.07
CA ASP A 622 -33.41 -16.57 -8.64
C ASP A 622 -32.87 -17.48 -7.54
N ARG A 623 -32.26 -16.89 -6.51
CA ARG A 623 -31.79 -17.68 -5.37
CA ARG A 623 -31.78 -17.68 -5.39
C ARG A 623 -32.93 -18.37 -4.69
N ARG A 624 -34.06 -17.67 -4.49
CA ARG A 624 -35.22 -18.31 -3.87
C ARG A 624 -35.66 -19.52 -4.68
N ALA A 625 -35.73 -19.36 -6.00
CA ALA A 625 -36.24 -20.45 -6.83
C ALA A 625 -35.35 -21.68 -6.72
N LYS A 626 -34.04 -21.47 -6.68
CA LYS A 626 -33.12 -22.59 -6.51
C LYS A 626 -33.16 -23.22 -5.12
N LEU A 627 -33.66 -22.51 -4.11
CA LEU A 627 -33.87 -23.09 -2.79
C LEU A 627 -35.26 -23.69 -2.62
N GLY A 628 -36.14 -23.56 -3.61
CA GLY A 628 -37.47 -24.09 -3.50
C GLY A 628 -38.40 -23.25 -2.66
N ILE A 629 -38.09 -21.97 -2.44
CA ILE A 629 -38.98 -21.08 -1.67
C ILE A 629 -39.55 -19.95 -2.53
N MET B 1 17.36 7.87 -36.18
CA MET B 1 16.27 7.02 -35.65
C MET B 1 15.49 7.76 -34.59
N ALA B 2 14.19 7.88 -34.83
CA ALA B 2 13.30 8.61 -33.95
C ALA B 2 12.77 7.76 -32.80
N THR B 3 13.09 6.47 -32.79
CA THR B 3 12.68 5.60 -31.69
C THR B 3 13.87 5.39 -30.75
N LYS B 4 13.69 5.68 -29.48
CA LYS B 4 14.73 5.45 -28.50
C LYS B 4 14.92 3.95 -28.31
N THR B 5 16.15 3.46 -28.56
CA THR B 5 16.52 2.07 -28.33
C THR B 5 17.53 2.04 -27.19
N SER B 6 18.84 1.95 -27.47
CA SER B 6 19.83 1.72 -26.43
C SER B 6 21.17 2.33 -26.81
N ILE B 7 22.00 2.60 -25.79
CA ILE B 7 23.39 2.92 -26.05
CA ILE B 7 23.39 2.93 -26.02
C ILE B 7 24.22 1.68 -26.33
N HIS B 8 23.72 0.48 -25.98
CA HIS B 8 24.50 -0.75 -26.09
C HIS B 8 24.31 -1.40 -27.46
N PRO B 9 25.39 -1.65 -28.21
CA PRO B 9 25.26 -2.32 -29.52
C PRO B 9 24.54 -3.67 -29.46
N SER B 10 24.78 -4.46 -28.42
CA SER B 10 24.16 -5.78 -28.32
C SER B 10 22.63 -5.64 -28.31
N VAL B 11 22.12 -4.71 -27.51
CA VAL B 11 20.68 -4.49 -27.41
C VAL B 11 20.11 -3.98 -28.73
N ASN B 12 20.82 -3.06 -29.40
CA ASN B 12 20.33 -2.54 -30.67
C ASN B 12 20.25 -3.63 -31.72
N GLU B 13 21.24 -4.51 -31.74
CA GLU B 13 21.22 -5.64 -32.67
C GLU B 13 20.01 -6.53 -32.43
N LEU B 14 19.69 -6.82 -31.17
CA LEU B 14 18.58 -7.72 -30.89
C LEU B 14 17.24 -7.00 -31.05
N TYR B 15 17.20 -5.70 -30.80
CA TYR B 15 16.02 -4.93 -31.18
C TYR B 15 15.71 -5.11 -32.66
N GLN B 16 16.72 -5.09 -33.52
CA GLN B 16 16.48 -5.29 -34.95
C GLN B 16 15.77 -6.60 -35.20
N ARG B 17 16.09 -7.64 -34.42
CA ARG B 17 15.39 -8.91 -34.63
C ARG B 17 13.95 -8.85 -34.15
N LEU B 18 13.70 -8.24 -32.98
CA LEU B 18 12.33 -8.07 -32.52
C LEU B 18 11.49 -7.32 -33.54
N ALA B 19 12.07 -6.27 -34.14
CA ALA B 19 11.33 -5.46 -35.12
C ALA B 19 11.09 -6.24 -36.41
N GLU B 20 12.09 -6.96 -36.89
CA GLU B 20 11.93 -7.75 -38.11
C GLU B 20 10.89 -8.83 -37.90
N ASP B 21 10.88 -9.43 -36.71
CA ASP B 21 9.92 -10.46 -36.36
C ASP B 21 8.55 -9.89 -36.04
N GLN B 22 8.42 -8.57 -36.02
CA GLN B 22 7.15 -7.89 -35.81
C GLN B 22 6.57 -8.21 -34.44
N LEU B 23 7.45 -8.28 -33.44
CA LEU B 23 7.04 -8.49 -32.07
C LEU B 23 7.00 -7.18 -31.30
N SER B 24 5.98 -7.04 -30.47
CA SER B 24 5.91 -5.87 -29.61
C SER B 24 7.08 -5.87 -28.64
N ASN B 25 7.51 -4.66 -28.25
CA ASN B 25 8.65 -4.48 -27.37
C ASN B 25 8.58 -3.08 -26.78
N CYS B 26 9.31 -2.90 -25.68
CA CYS B 26 9.18 -1.64 -24.93
C CYS B 26 9.57 -0.45 -25.78
N PHE B 27 10.61 -0.62 -26.61
CA PHE B 27 11.11 0.50 -27.38
C PHE B 27 10.03 0.97 -28.35
N ASP B 28 9.42 0.04 -29.07
CA ASP B 28 8.38 0.42 -30.02
C ASP B 28 7.11 0.90 -29.31
N ARG B 29 6.76 0.33 -28.16
CA ARG B 29 5.55 0.74 -27.46
C ARG B 29 5.63 2.15 -26.90
N PHE B 30 6.83 2.72 -26.79
CA PHE B 30 6.95 4.09 -26.33
C PHE B 30 6.29 5.06 -27.32
N ASP B 31 6.40 4.75 -28.62
CA ASP B 31 5.99 5.73 -29.64
C ASP B 31 4.50 6.00 -29.66
N PRO B 32 3.61 5.02 -29.61
CA PRO B 32 2.19 5.38 -29.56
C PRO B 32 1.83 6.17 -28.32
N GLN B 33 2.47 5.92 -27.18
CA GLN B 33 2.16 6.69 -25.99
C GLN B 33 2.48 8.15 -26.19
N GLU B 34 3.52 8.44 -26.98
CA GLU B 34 3.91 9.83 -27.24
C GLU B 34 2.84 10.60 -28.00
N LYS B 35 1.87 9.92 -28.63
CA LYS B 35 0.83 10.63 -29.37
C LYS B 35 -0.18 11.30 -28.47
N ILE B 36 -0.36 10.80 -27.23
CA ILE B 36 -1.51 11.16 -26.41
C ILE B 36 -1.12 11.37 -24.94
N ARG B 37 0.11 11.81 -24.67
CA ARG B 37 0.55 11.97 -23.28
C ARG B 37 -0.30 12.98 -22.52
N CYS B 38 -0.56 12.65 -21.26
CA CYS B 38 -1.28 13.51 -20.33
C CYS B 38 -0.30 14.37 -19.54
N ASN B 39 -0.32 15.69 -19.78
CA ASN B 39 0.58 16.56 -19.03
C ASN B 39 0.14 16.78 -17.60
N TYR B 40 -1.13 16.54 -17.26
CA TYR B 40 -1.51 16.63 -15.85
C TYR B 40 -0.79 15.56 -15.05
N CYS B 41 -0.82 14.31 -15.53
CA CYS B 41 -0.11 13.22 -14.87
C CYS B 41 1.39 13.45 -14.89
N GLU B 42 1.94 13.97 -15.99
CA GLU B 42 3.37 14.24 -16.07
C GLU B 42 3.82 15.12 -14.92
N LEU B 43 2.99 16.09 -14.56
CA LEU B 43 3.28 17.11 -13.58
C LEU B 43 2.81 16.78 -12.17
N GLY B 44 2.12 15.66 -11.99
CA GLY B 44 1.61 15.23 -10.71
C GLY B 44 0.35 15.91 -10.26
N VAL B 45 -0.38 16.57 -11.16
CA VAL B 45 -1.57 17.31 -10.78
C VAL B 45 -2.85 16.68 -11.31
N SER B 46 -2.88 15.37 -11.30
CA SER B 46 -4.12 14.59 -11.47
C SER B 46 -4.27 13.67 -10.27
N CYS B 47 -5.50 13.23 -10.04
CA CYS B 47 -5.77 12.34 -8.93
C CYS B 47 -6.91 11.39 -9.31
N GLN B 48 -6.73 10.12 -8.95
CA GLN B 48 -7.72 9.07 -9.21
C GLN B 48 -8.05 8.30 -7.93
N LEU B 49 -7.93 8.92 -6.77
CA LEU B 49 -8.03 8.17 -5.53
C LEU B 49 -9.44 7.99 -4.98
N CYS B 50 -10.46 8.65 -5.53
CA CYS B 50 -11.82 8.38 -5.07
C CYS B 50 -12.84 8.65 -6.19
N SER B 51 -14.10 8.32 -5.89
CA SER B 51 -15.12 8.36 -6.95
C SER B 51 -15.54 9.75 -7.33
N ASN B 52 -15.27 10.78 -6.52
CA ASN B 52 -15.53 12.14 -6.97
C ASN B 52 -14.56 12.60 -8.06
N GLY B 53 -13.49 11.85 -8.26
CA GLY B 53 -12.58 12.06 -9.34
C GLY B 53 -13.08 11.50 -10.64
N PRO B 54 -12.19 11.41 -11.62
CA PRO B 54 -10.78 11.77 -11.55
C PRO B 54 -10.66 13.28 -11.54
N CYS B 55 -9.70 13.79 -10.77
CA CYS B 55 -9.55 15.23 -10.64
C CYS B 55 -8.25 15.70 -11.27
N ARG B 56 -8.25 16.98 -11.63
CA ARG B 56 -7.08 17.66 -12.18
C ARG B 56 -7.02 19.05 -11.57
N ILE B 57 -5.81 19.55 -11.35
CA ILE B 57 -5.63 20.95 -10.93
C ILE B 57 -5.41 21.80 -12.17
N ASN B 58 -6.27 22.79 -12.34
CA ASN B 58 -6.13 23.77 -13.41
C ASN B 58 -6.76 25.06 -12.92
N GLU B 59 -5.91 26.00 -12.49
CA GLU B 59 -6.44 27.25 -11.95
C GLU B 59 -7.17 28.06 -13.00
N LYS B 60 -6.75 27.98 -14.27
CA LYS B 60 -7.33 28.82 -15.31
C LYS B 60 -8.81 28.51 -15.48
N VAL B 61 -9.18 27.23 -15.37
CA VAL B 61 -10.56 26.82 -15.53
C VAL B 61 -11.35 26.84 -14.22
N GLY B 62 -10.72 27.22 -13.11
CA GLY B 62 -11.40 27.27 -11.83
C GLY B 62 -11.22 26.05 -10.96
N ALA B 63 -10.43 25.09 -11.42
CA ALA B 63 -10.21 23.83 -10.72
C ALA B 63 -8.95 23.94 -9.85
N THR B 64 -9.03 24.82 -8.87
CA THR B 64 -7.88 25.09 -8.01
C THR B 64 -7.60 23.95 -7.06
N LEU B 65 -8.64 23.22 -6.66
CA LEU B 65 -8.59 22.16 -5.67
C LEU B 65 -9.34 20.96 -6.23
N GLY B 66 -8.99 19.77 -5.73
CA GLY B 66 -9.80 18.61 -6.01
C GLY B 66 -11.16 18.73 -5.35
N VAL B 67 -12.10 17.85 -5.72
CA VAL B 67 -13.44 17.97 -5.16
C VAL B 67 -13.39 17.95 -3.63
N CYS B 68 -12.53 17.08 -3.06
CA CYS B 68 -12.41 16.95 -1.62
C CYS B 68 -11.75 18.14 -0.95
N GLY B 69 -11.11 19.04 -1.73
CA GLY B 69 -10.45 20.23 -1.22
C GLY B 69 -8.93 20.17 -1.18
N ILE B 70 -8.31 19.10 -1.66
CA ILE B 70 -6.85 19.01 -1.64
C ILE B 70 -6.24 19.92 -2.69
N ASN B 71 -5.12 20.51 -2.37
CA ASN B 71 -4.41 21.37 -3.32
C ASN B 71 -3.36 20.57 -4.10
N ALA B 72 -2.71 21.23 -5.06
CA ALA B 72 -1.80 20.54 -5.96
C ALA B 72 -0.63 19.94 -5.21
N ASP B 73 -0.13 20.64 -4.20
CA ASP B 73 1.03 20.15 -3.45
C ASP B 73 0.69 18.88 -2.68
N GLY B 74 -0.46 18.86 -2.00
CA GLY B 74 -0.88 17.65 -1.32
C GLY B 74 -1.16 16.53 -2.29
N MET B 75 -1.81 16.85 -3.41
CA MET B 75 -2.12 15.84 -4.41
C MET B 75 -0.84 15.15 -4.90
N ALA B 76 0.13 15.93 -5.32
CA ALA B 76 1.34 15.35 -5.90
C ALA B 76 2.11 14.54 -4.85
N MET B 77 2.28 15.10 -3.66
CA MET B 77 3.07 14.37 -2.67
C MET B 77 2.34 13.09 -2.20
N ARG B 78 1.01 13.12 -2.14
CA ARG B 78 0.28 11.96 -1.68
C ARG B 78 0.43 10.81 -2.67
N TYR B 79 0.34 11.07 -3.98
CA TYR B 79 0.48 9.98 -4.94
C TYR B 79 1.92 9.47 -4.93
N MET B 80 2.89 10.37 -4.77
CA MET B 80 4.27 9.91 -4.58
CA MET B 80 4.28 9.91 -4.58
C MET B 80 4.39 8.98 -3.37
N LEU B 81 3.79 9.36 -2.25
CA LEU B 81 3.86 8.52 -1.06
C LEU B 81 3.21 7.17 -1.30
N LEU B 82 2.03 7.17 -1.93
CA LEU B 82 1.34 5.91 -2.19
C LEU B 82 2.20 5.00 -3.06
N ARG B 83 2.78 5.54 -4.14
CA ARG B 83 3.61 4.67 -4.96
C ARG B 83 4.83 4.16 -4.19
N ASN B 84 5.38 5.00 -3.31
CA ASN B 84 6.52 4.59 -2.51
C ASN B 84 6.17 3.53 -1.46
N VAL B 85 4.89 3.37 -1.13
CA VAL B 85 4.47 2.20 -0.37
C VAL B 85 4.78 0.93 -1.15
N MET B 86 4.59 0.93 -2.48
CA MET B 86 4.96 -0.24 -3.27
C MET B 86 6.46 -0.54 -3.16
N GLY B 87 7.30 0.51 -3.31
CA GLY B 87 8.73 0.31 -3.22
C GLY B 87 9.14 -0.27 -1.89
N THR B 88 8.63 0.30 -0.81
CA THR B 88 8.96 -0.20 0.52
C THR B 88 8.43 -1.62 0.70
N SER B 89 7.23 -1.91 0.17
CA SER B 89 6.69 -3.26 0.30
C SER B 89 7.58 -4.30 -0.37
N THR B 90 8.22 -3.96 -1.49
CA THR B 90 9.06 -4.95 -2.15
C THR B 90 10.31 -5.24 -1.31
N TYR B 91 10.91 -4.20 -0.73
CA TYR B 91 12.08 -4.43 0.12
C TYR B 91 11.70 -5.20 1.39
N THR B 92 10.52 -4.91 1.93
CA THR B 92 10.05 -5.58 3.13
C THR B 92 9.73 -7.06 2.85
N TYR B 93 9.14 -7.32 1.69
CA TYR B 93 8.87 -8.67 1.23
C TYR B 93 10.16 -9.47 1.17
N HIS B 94 11.16 -8.90 0.50
CA HIS B 94 12.46 -9.55 0.31
C HIS B 94 13.12 -9.79 1.67
N ALA B 95 13.09 -8.79 2.57
CA ALA B 95 13.73 -8.95 3.87
C ALA B 95 13.10 -10.13 4.63
N TYR B 96 11.76 -10.16 4.68
CA TYR B 96 11.09 -11.23 5.42
C TYR B 96 11.48 -12.59 4.84
N GLU B 97 11.54 -12.72 3.52
CA GLU B 97 11.94 -14.00 2.92
C GLU B 97 13.39 -14.33 3.25
N ALA B 98 14.27 -13.33 3.31
CA ALA B 98 15.65 -13.60 3.70
C ALA B 98 15.72 -14.13 5.12
N TYR B 99 14.94 -13.53 6.03
CA TYR B 99 15.00 -13.96 7.43
C TYR B 99 14.41 -15.36 7.61
N LYS B 100 13.30 -15.65 6.91
CA LYS B 100 12.77 -17.00 6.96
C LYS B 100 13.74 -17.98 6.33
N THR B 101 14.46 -17.56 5.28
CA THR B 101 15.41 -18.47 4.65
C THR B 101 16.57 -18.75 5.60
N LEU B 102 17.04 -17.73 6.33
CA LEU B 102 18.11 -17.95 7.30
C LEU B 102 17.67 -18.92 8.39
N LYS B 103 16.48 -18.69 8.95
CA LYS B 103 15.97 -19.58 9.98
C LYS B 103 15.86 -21.01 9.45
N MET B 104 15.26 -21.18 8.27
CA MET B 104 15.05 -22.54 7.77
CA MET B 104 15.05 -22.54 7.77
C MET B 104 16.38 -23.19 7.36
N THR B 105 17.37 -22.39 6.97
CA THR B 105 18.70 -22.91 6.71
C THR B 105 19.34 -23.42 7.99
N ALA B 106 19.22 -22.65 9.08
CA ALA B 106 19.79 -23.06 10.37
C ALA B 106 19.15 -24.34 10.87
N LEU B 107 17.87 -24.56 10.54
CA LEU B 107 17.18 -25.79 10.94
C LEU B 107 17.45 -26.96 10.01
N GLY B 108 18.24 -26.76 8.96
CA GLY B 108 18.69 -27.85 8.12
C GLY B 108 17.80 -28.17 6.93
N ASN B 109 16.87 -27.28 6.58
CA ASN B 109 15.84 -27.63 5.60
C ASN B 109 16.00 -26.89 4.28
N THR B 110 17.17 -26.38 3.98
CA THR B 110 17.44 -25.79 2.67
C THR B 110 18.77 -26.32 2.17
N PRO B 111 19.07 -26.09 0.90
CA PRO B 111 20.38 -26.47 0.36
C PRO B 111 21.49 -25.49 0.70
N PHE B 112 21.19 -24.47 1.48
CA PHE B 112 22.14 -23.44 1.87
C PHE B 112 22.77 -23.79 3.22
N THR B 113 23.74 -22.98 3.62
CA THR B 113 24.41 -23.16 4.90
C THR B 113 24.78 -21.78 5.45
N ILE B 114 25.36 -21.79 6.65
CA ILE B 114 25.85 -20.56 7.27
C ILE B 114 27.29 -20.39 6.81
N THR B 115 27.50 -19.49 5.87
CA THR B 115 28.80 -19.29 5.24
C THR B 115 29.67 -18.29 6.00
N ASP B 116 29.16 -17.09 6.28
CA ASP B 116 29.95 -16.06 6.95
C ASP B 116 29.56 -16.03 8.42
N LYS B 117 30.14 -16.98 9.18
CA LYS B 117 29.87 -17.08 10.61
C LYS B 117 30.46 -15.91 11.38
N ASP B 118 31.54 -15.33 10.87
CA ASP B 118 32.11 -14.18 11.54
C ASP B 118 31.13 -13.02 11.54
N LYS B 119 30.52 -12.77 10.38
CA LYS B 119 29.50 -11.72 10.28
C LYS B 119 28.31 -12.03 11.17
N LEU B 120 27.90 -13.29 11.23
CA LEU B 120 26.77 -13.67 12.06
C LEU B 120 27.02 -13.30 13.51
N TYR B 121 28.19 -13.68 14.02
CA TYR B 121 28.48 -13.41 15.42
C TYR B 121 28.78 -11.93 15.68
N GLN B 122 29.44 -11.23 14.76
CA GLN B 122 29.67 -9.81 14.99
CA GLN B 122 29.67 -9.81 15.00
C GLN B 122 28.37 -9.03 14.98
N MET B 123 27.45 -9.36 14.06
CA MET B 123 26.16 -8.69 14.04
C MET B 123 25.39 -8.97 15.32
N ALA B 124 25.36 -10.24 15.75
CA ALA B 124 24.68 -10.59 17.00
C ALA B 124 25.26 -9.82 18.17
N LYS B 125 26.59 -9.67 18.23
CA LYS B 125 27.19 -8.92 19.31
C LYS B 125 26.84 -7.43 19.21
N ASP B 126 26.85 -6.86 18.00
CA ASP B 126 26.50 -5.45 17.84
C ASP B 126 25.08 -5.18 18.27
N LEU B 127 24.20 -6.16 18.10
CA LEU B 127 22.80 -6.02 18.45
C LEU B 127 22.48 -6.53 19.85
N GLU B 128 23.51 -6.96 20.61
CA GLU B 128 23.37 -7.40 21.99
C GLU B 128 22.47 -8.64 22.10
N LEU B 129 22.57 -9.54 21.13
CA LEU B 129 21.85 -10.80 21.18
C LEU B 129 22.68 -11.83 21.92
N ASN B 130 21.99 -12.88 22.38
CA ASN B 130 22.65 -13.99 23.06
C ASN B 130 23.44 -14.80 22.04
N THR B 131 24.73 -15.00 22.29
CA THR B 131 25.57 -15.76 21.37
C THR B 131 25.98 -17.11 21.93
N GLU B 132 25.29 -17.61 22.93
CA GLU B 132 25.59 -18.92 23.48
C GLU B 132 25.03 -20.02 22.58
N GLY B 133 25.56 -21.22 22.73
CA GLY B 133 25.12 -22.32 21.90
C GLY B 133 25.95 -22.51 20.65
N LYS B 134 25.31 -22.88 19.56
CA LYS B 134 25.95 -23.12 18.27
C LYS B 134 25.54 -22.06 17.26
N PRO B 135 26.23 -21.99 16.12
CA PRO B 135 25.88 -20.96 15.12
C PRO B 135 24.43 -21.00 14.70
N GLU B 136 23.84 -22.18 14.61
CA GLU B 136 22.44 -22.31 14.23
C GLU B 136 21.53 -21.60 15.23
N ASP B 137 21.86 -21.69 16.53
CA ASP B 137 21.09 -20.98 17.55
C ASP B 137 21.17 -19.48 17.34
N VAL B 138 22.38 -18.99 17.11
CA VAL B 138 22.58 -17.56 16.94
C VAL B 138 21.86 -17.08 15.68
N ALA B 139 21.88 -17.90 14.63
CA ALA B 139 21.19 -17.54 13.40
C ALA B 139 19.68 -17.45 13.58
N VAL B 140 19.07 -18.39 14.32
CA VAL B 140 17.64 -18.27 14.62
C VAL B 140 17.38 -16.99 15.43
N ARG B 141 18.22 -16.70 16.43
CA ARG B 141 17.99 -15.49 17.23
C ARG B 141 18.10 -14.24 16.36
N LEU B 142 19.08 -14.19 15.48
CA LEU B 142 19.22 -13.03 14.60
C LEU B 142 18.03 -12.90 13.67
N SER B 143 17.59 -14.01 13.09
CA SER B 143 16.42 -13.96 12.21
CA SER B 143 16.42 -13.97 12.21
C SER B 143 15.19 -13.45 12.95
N ASP B 144 14.97 -13.93 14.17
CA ASP B 144 13.82 -13.47 14.94
C ASP B 144 13.95 -11.99 15.31
N PHE B 145 15.17 -11.54 15.63
CA PHE B 145 15.36 -10.14 15.94
C PHE B 145 15.08 -9.25 14.73
N LEU B 146 15.55 -9.67 13.57
CA LEU B 146 15.36 -8.85 12.38
C LEU B 146 13.91 -8.88 11.90
N ILE B 147 13.19 -9.97 12.16
CA ILE B 147 11.74 -9.98 11.95
C ILE B 147 11.06 -8.98 12.90
N TRP B 148 11.49 -8.95 14.17
CA TRP B 148 10.98 -7.95 15.10
C TRP B 148 11.20 -6.53 14.56
N GLU B 149 12.38 -6.24 13.99
CA GLU B 149 12.59 -4.92 13.39
C GLU B 149 11.61 -4.65 12.26
N LEU B 150 11.22 -5.68 11.49
CA LEU B 150 10.20 -5.47 10.47
C LEU B 150 8.86 -5.07 11.06
N TYR B 151 8.53 -5.68 12.21
CA TYR B 151 7.20 -5.63 12.81
CA TYR B 151 7.21 -5.63 12.81
C TYR B 151 7.03 -4.54 13.86
N ARG B 152 8.10 -3.86 14.28
CA ARG B 152 8.04 -2.93 15.39
CA ARG B 152 7.99 -2.96 15.41
C ARG B 152 7.08 -1.78 15.08
N ASP B 153 6.29 -1.36 16.08
CA ASP B 153 5.34 -0.27 15.88
C ASP B 153 6.02 1.08 16.14
N TYR B 154 5.26 2.17 15.88
CA TYR B 154 5.85 3.51 15.90
C TYR B 154 6.29 3.91 17.29
N ASP B 155 5.95 3.14 18.32
CA ASP B 155 6.22 3.49 19.71
C ASP B 155 7.23 2.57 20.39
N GLU B 156 7.87 1.66 19.66
CA GLU B 156 8.91 0.76 20.19
CA GLU B 156 8.91 0.77 20.18
C GLU B 156 10.23 1.17 19.55
N PRO B 157 11.28 1.56 20.29
CA PRO B 157 12.51 2.04 19.64
C PRO B 157 13.26 0.94 18.88
N GLY B 158 13.82 1.32 17.73
CA GLY B 158 14.62 0.41 16.95
C GLY B 158 16.05 0.31 17.46
N LYS B 159 16.69 -0.80 17.07
CA LYS B 159 18.11 -1.00 17.36
C LYS B 159 19.00 -0.91 16.13
N MET B 160 18.56 -1.39 14.97
CA MET B 160 19.37 -1.30 13.76
C MET B 160 19.76 0.13 13.47
N ILE B 161 18.83 1.07 13.62
CA ILE B 161 19.13 2.45 13.28
C ILE B 161 20.17 3.00 14.25
N GLU B 162 20.19 2.50 15.49
CA GLU B 162 21.20 2.97 16.43
C GLU B 162 22.58 2.42 16.09
N VAL B 163 22.65 1.15 15.68
CA VAL B 163 23.94 0.53 15.39
C VAL B 163 24.56 1.10 14.11
N TYR B 164 23.73 1.32 13.08
CA TYR B 164 24.24 1.51 11.72
C TYR B 164 24.12 2.94 11.19
N ALA B 165 23.52 3.85 11.92
CA ALA B 165 23.44 5.22 11.46
C ALA B 165 24.53 6.06 12.10
N PRO B 166 24.93 7.14 11.46
CA PRO B 166 25.93 8.04 12.04
C PRO B 166 25.37 8.91 13.12
N LEU B 167 26.27 9.29 14.01
CA LEU B 167 25.88 9.98 15.21
C LEU B 167 25.13 11.28 14.92
N LYS B 168 25.67 12.13 14.05
CA LYS B 168 25.07 13.44 13.88
C LYS B 168 23.71 13.39 13.15
N ARG B 169 23.44 12.34 12.39
CA ARG B 169 22.11 12.18 11.78
C ARG B 169 21.06 11.91 12.84
N LYS B 170 21.41 11.16 13.89
CA LYS B 170 20.42 10.82 14.89
C LYS B 170 19.78 12.06 15.50
N GLU B 171 20.57 13.08 15.83
CA GLU B 171 19.98 14.28 16.42
C GLU B 171 19.06 14.99 15.42
N VAL B 172 19.39 14.97 14.12
CA VAL B 172 18.52 15.58 13.13
C VAL B 172 17.21 14.83 13.07
N TRP B 173 17.28 13.51 12.98
CA TRP B 173 16.06 12.73 12.89
C TRP B 173 15.19 12.90 14.11
N ARG B 174 15.80 12.95 15.30
CA ARG B 174 15.01 13.20 16.53
C ARG B 174 14.31 14.57 16.46
N LYS B 175 15.04 15.61 16.05
CA LYS B 175 14.47 16.95 15.98
C LYS B 175 13.30 17.02 15.01
N LEU B 176 13.42 16.34 13.89
CA LEU B 176 12.36 16.36 12.89
C LEU B 176 11.22 15.40 13.17
N GLY B 177 11.38 14.50 14.12
CA GLY B 177 10.36 13.51 14.38
C GLY B 177 10.21 12.45 13.32
N ILE B 178 11.33 12.02 12.72
CA ILE B 178 11.27 11.07 11.63
C ILE B 178 11.91 9.73 11.94
N TYR B 179 12.18 9.42 13.22
CA TYR B 179 12.56 8.05 13.52
C TYR B 179 11.36 7.17 13.20
N PRO B 180 11.49 6.16 12.34
CA PRO B 180 10.31 5.43 11.89
C PRO B 180 9.97 4.24 12.77
N ALA B 181 8.74 3.76 12.56
CA ALA B 181 8.36 2.43 12.97
C ALA B 181 9.11 1.41 12.13
N GLY B 182 8.87 0.12 12.39
CA GLY B 182 9.30 -0.89 11.47
C GLY B 182 8.63 -0.67 10.12
N PRO B 183 9.23 -1.17 9.04
CA PRO B 183 8.68 -0.85 7.72
C PRO B 183 7.27 -1.36 7.49
N LEU B 184 6.87 -2.46 8.11
CA LEU B 184 5.52 -2.96 7.91
CA LEU B 184 5.52 -2.96 7.92
C LEU B 184 4.48 -1.99 8.48
N HIS B 185 4.69 -1.50 9.70
CA HIS B 185 3.78 -0.49 10.23
C HIS B 185 3.93 0.81 9.47
N GLU B 186 5.16 1.20 9.12
CA GLU B 186 5.32 2.49 8.46
C GLU B 186 4.60 2.50 7.11
N LEU B 187 4.73 1.42 6.33
CA LEU B 187 4.06 1.40 5.02
C LEU B 187 2.56 1.32 5.17
N LYS B 188 2.05 0.61 6.18
CA LYS B 188 0.61 0.62 6.44
C LYS B 188 0.13 2.02 6.84
N ASP B 189 0.91 2.72 7.68
CA ASP B 189 0.52 4.05 8.09
C ASP B 189 0.55 5.02 6.92
N ALA B 190 1.57 4.86 6.04
CA ALA B 190 1.66 5.72 4.88
C ALA B 190 0.48 5.48 3.94
N ALA B 191 0.15 4.21 3.71
CA ALA B 191 -0.98 3.89 2.83
C ALA B 191 -2.28 4.44 3.42
N ALA B 192 -2.47 4.29 4.72
CA ALA B 192 -3.70 4.79 5.35
C ALA B 192 -3.78 6.32 5.25
N SER B 193 -2.62 6.98 5.33
CA SER B 193 -2.58 8.44 5.23
C SER B 193 -3.03 8.92 3.85
N CYS B 194 -2.82 8.10 2.84
CA CYS B 194 -3.12 8.48 1.46
C CYS B 194 -4.58 8.30 1.08
N LEU B 195 -5.35 7.59 1.89
CA LEU B 195 -6.80 7.50 1.62
C LEU B 195 -7.39 8.91 1.60
N THR B 196 -8.41 9.09 0.78
CA THR B 196 -9.06 10.37 0.67
C THR B 196 -9.48 10.88 2.04
N ASN B 197 -9.27 12.18 2.23
CA ASN B 197 -9.74 12.87 3.43
C ASN B 197 -9.02 12.38 4.70
N VAL B 198 -7.76 12.02 4.58
CA VAL B 198 -6.95 11.65 5.72
C VAL B 198 -5.81 12.67 5.83
N ASP B 199 -4.69 12.44 5.15
CA ASP B 199 -3.57 13.39 5.16
C ASP B 199 -3.54 14.13 3.82
N GLY B 200 -3.88 15.41 3.86
CA GLY B 200 -3.83 16.27 2.71
C GLY B 200 -2.82 17.41 2.79
N ASP B 201 -1.81 17.26 3.66
CA ASP B 201 -0.83 18.32 3.94
C ASP B 201 0.50 17.92 3.28
N TYR B 202 0.93 18.64 2.23
CA TYR B 202 2.12 18.22 1.50
C TYR B 202 3.36 18.13 2.40
N VAL B 203 3.48 18.97 3.43
CA VAL B 203 4.64 18.91 4.30
C VAL B 203 4.61 17.62 5.12
N SER B 204 3.44 17.29 5.66
CA SER B 204 3.29 16.04 6.41
C SER B 204 3.55 14.84 5.53
N LEU B 205 2.96 14.83 4.34
CA LEU B 205 3.17 13.73 3.43
C LEU B 205 4.63 13.57 3.06
N ALA B 206 5.34 14.69 2.85
CA ALA B 206 6.76 14.61 2.57
C ALA B 206 7.53 14.04 3.75
N THR B 207 7.16 14.46 4.96
CA THR B 207 7.77 13.94 6.18
C THR B 207 7.57 12.45 6.27
N LYS B 208 6.36 11.99 5.96
CA LYS B 208 6.07 10.57 5.95
C LYS B 208 6.90 9.82 4.91
N GLY B 209 7.19 10.46 3.77
CA GLY B 209 8.05 9.84 2.78
C GLY B 209 9.48 9.68 3.29
N LEU B 210 9.98 10.69 3.99
CA LEU B 210 11.32 10.60 4.58
C LEU B 210 11.40 9.48 5.62
N ARG B 211 10.37 9.39 6.49
CA ARG B 211 10.27 8.31 7.47
C ARG B 211 10.24 6.96 6.78
N LEU B 212 9.46 6.84 5.72
CA LEU B 212 9.38 5.59 5.00
C LEU B 212 10.74 5.18 4.45
N GLY B 213 11.50 6.15 3.94
CA GLY B 213 12.84 5.86 3.44
C GLY B 213 13.76 5.35 4.52
N LEU B 214 13.75 6.00 5.69
CA LEU B 214 14.53 5.52 6.83
C LEU B 214 14.11 4.12 7.24
N SER B 215 12.79 3.84 7.25
CA SER B 215 12.32 2.53 7.67
C SER B 215 12.81 1.47 6.71
N CYS B 216 12.90 1.82 5.43
CA CYS B 216 13.30 0.84 4.43
CA CYS B 216 13.32 0.84 4.43
C CYS B 216 14.77 0.46 4.62
N ILE B 217 15.64 1.45 4.78
CA ILE B 217 17.08 1.16 4.89
C ILE B 217 17.41 0.46 6.20
N TYR B 218 16.99 1.02 7.33
CA TYR B 218 17.42 0.47 8.62
C TYR B 218 16.57 -0.72 9.03
N GLY B 219 15.29 -0.73 8.61
CA GLY B 219 14.39 -1.79 9.00
C GLY B 219 14.28 -2.95 8.07
N ALA B 220 14.79 -2.83 6.82
CA ALA B 220 14.76 -3.93 5.87
C ALA B 220 16.08 -4.16 5.14
N GLN B 221 16.65 -3.13 4.50
CA GLN B 221 17.74 -3.34 3.57
C GLN B 221 19.03 -3.80 4.24
N ILE B 222 19.44 -3.13 5.32
CA ILE B 222 20.70 -3.51 5.95
C ILE B 222 20.61 -4.93 6.49
N GLY B 223 19.54 -5.26 7.20
CA GLY B 223 19.37 -6.60 7.71
C GLY B 223 19.36 -7.63 6.61
N LEU B 224 18.60 -7.38 5.54
CA LEU B 224 18.50 -8.42 4.52
C LEU B 224 19.83 -8.63 3.82
N GLU B 225 20.59 -7.54 3.56
CA GLU B 225 21.83 -7.74 2.81
C GLU B 225 22.85 -8.44 3.68
N LEU B 226 22.90 -8.14 4.98
CA LEU B 226 23.85 -8.80 5.87
C LEU B 226 23.47 -10.27 6.05
N VAL B 227 22.17 -10.58 6.09
CA VAL B 227 21.73 -11.97 6.18
C VAL B 227 22.08 -12.74 4.91
N GLN B 228 21.93 -12.10 3.75
CA GLN B 228 22.36 -12.74 2.52
C GLN B 228 23.88 -12.97 2.49
N ASP B 229 24.67 -12.07 3.07
CA ASP B 229 26.11 -12.30 3.22
C ASP B 229 26.37 -13.48 4.15
N ILE B 230 25.61 -13.57 5.25
CA ILE B 230 25.76 -14.72 6.15
C ILE B 230 25.52 -16.01 5.41
N LEU B 231 24.48 -16.05 4.58
CA LEU B 231 24.15 -17.27 3.82
C LEU B 231 25.16 -17.54 2.72
N PHE B 232 25.51 -16.53 1.93
CA PHE B 232 26.21 -16.77 0.68
C PHE B 232 27.62 -16.19 0.62
N GLY B 233 28.08 -15.55 1.69
CA GLY B 233 29.40 -14.96 1.78
C GLY B 233 29.37 -13.46 1.51
N THR B 234 30.38 -12.77 2.03
CA THR B 234 30.51 -11.34 1.82
C THR B 234 31.34 -11.12 0.55
N GLY B 235 30.80 -10.32 -0.37
CA GLY B 235 31.47 -10.13 -1.65
C GLY B 235 32.86 -9.54 -1.51
N MET B 236 33.76 -9.99 -2.39
CA MET B 236 35.08 -9.42 -2.56
C MET B 236 35.28 -9.26 -4.05
N PRO B 237 36.16 -8.34 -4.48
CA PRO B 237 36.31 -8.03 -5.90
C PRO B 237 36.81 -9.21 -6.71
N HIS B 238 36.17 -9.43 -7.86
CA HIS B 238 36.61 -10.46 -8.79
C HIS B 238 36.09 -10.15 -10.17
N GLU B 239 36.71 -10.74 -11.18
CA GLU B 239 36.34 -10.48 -12.55
C GLU B 239 35.11 -11.29 -12.95
N MET B 240 34.22 -10.64 -13.67
CA MET B 240 32.99 -11.25 -14.13
C MET B 240 32.75 -10.88 -15.60
N ASP B 241 32.13 -11.79 -16.34
CA ASP B 241 31.68 -11.51 -17.70
C ASP B 241 30.26 -10.98 -17.67
N VAL B 242 29.98 -10.00 -18.52
CA VAL B 242 28.67 -9.36 -18.65
C VAL B 242 28.38 -9.10 -20.13
N ASP B 243 27.13 -8.73 -20.39
CA ASP B 243 26.54 -8.47 -21.71
C ASP B 243 26.11 -9.77 -22.39
N LEU B 244 25.32 -9.64 -23.47
CA LEU B 244 24.54 -10.76 -24.00
C LEU B 244 25.36 -11.76 -24.81
N GLY B 245 26.61 -11.43 -25.14
CA GLY B 245 27.51 -12.37 -25.76
C GLY B 245 27.92 -13.55 -24.89
N ILE B 246 27.61 -13.53 -23.59
CA ILE B 246 27.97 -14.67 -22.74
C ILE B 246 27.21 -15.95 -23.10
N PHE B 247 26.11 -15.83 -23.85
CA PHE B 247 25.31 -17.00 -24.21
C PHE B 247 26.00 -17.84 -25.29
N ASP B 248 25.84 -19.14 -25.18
CA ASP B 248 26.26 -20.07 -26.22
C ASP B 248 25.08 -20.99 -26.47
N ALA B 249 24.62 -21.05 -27.73
CA ALA B 249 23.36 -21.70 -28.02
C ALA B 249 23.42 -23.22 -27.91
N ASP B 250 24.61 -23.81 -27.82
CA ASP B 250 24.73 -25.26 -27.80
C ASP B 250 24.66 -25.84 -26.39
N TYR B 251 24.46 -25.01 -25.37
CA TYR B 251 24.26 -25.44 -24.00
C TYR B 251 22.79 -25.26 -23.64
N ILE B 252 22.36 -25.98 -22.61
CA ILE B 252 21.09 -25.68 -21.97
C ILE B 252 21.30 -24.49 -21.07
N ASN B 253 20.53 -23.43 -21.31
CA ASN B 253 20.76 -22.13 -20.70
C ASN B 253 19.58 -21.77 -19.83
N ILE B 254 19.82 -21.70 -18.53
CA ILE B 254 18.83 -21.26 -17.55
C ILE B 254 19.24 -19.89 -17.02
N VAL B 255 18.31 -18.94 -17.09
CA VAL B 255 18.55 -17.57 -16.64
C VAL B 255 17.65 -17.29 -15.44
N PHE B 256 18.23 -16.84 -14.30
CA PHE B 256 17.42 -16.40 -13.16
C PHE B 256 17.34 -14.88 -13.14
N ASN B 257 16.14 -14.35 -12.88
CA ASN B 257 15.79 -12.94 -13.15
C ASN B 257 14.87 -12.40 -12.06
N GLY B 258 15.30 -11.34 -11.33
CA GLY B 258 14.45 -10.69 -10.34
C GLY B 258 15.27 -9.82 -9.38
N HIS B 259 14.98 -9.86 -8.08
CA HIS B 259 15.84 -9.26 -7.05
C HIS B 259 16.27 -10.22 -5.93
N GLU B 260 15.50 -11.39 -5.68
CA GLU B 260 15.85 -12.31 -4.58
C GLU B 260 16.70 -13.44 -5.10
N PRO B 261 17.88 -13.69 -4.54
CA PRO B 261 18.83 -14.62 -5.16
C PRO B 261 18.70 -16.09 -4.77
N PHE B 262 17.70 -16.49 -3.96
CA PHE B 262 17.70 -17.81 -3.37
C PHE B 262 17.54 -18.91 -4.43
N VAL B 263 16.59 -18.74 -5.35
CA VAL B 263 16.43 -19.70 -6.41
C VAL B 263 17.69 -19.78 -7.27
N GLY B 264 18.28 -18.64 -7.58
CA GLY B 264 19.50 -18.65 -8.39
C GLY B 264 20.62 -19.46 -7.77
N VAL B 265 20.86 -19.27 -6.48
CA VAL B 265 21.90 -20.04 -5.80
C VAL B 265 21.56 -21.52 -5.81
N ALA B 266 20.30 -21.87 -5.51
CA ALA B 266 19.91 -23.27 -5.57
C ALA B 266 20.10 -23.86 -6.97
N LEU B 267 19.86 -23.06 -8.01
CA LEU B 267 20.07 -23.53 -9.38
C LEU B 267 21.54 -23.81 -9.64
N ILE B 268 22.44 -22.94 -9.19
CA ILE B 268 23.87 -23.18 -9.42
C ILE B 268 24.30 -24.46 -8.74
N LEU B 269 23.84 -24.67 -7.48
CA LEU B 269 24.20 -25.87 -6.75
C LEU B 269 23.66 -27.12 -7.45
N ALA B 270 22.43 -27.05 -7.95
CA ALA B 270 21.86 -28.22 -8.60
C ALA B 270 22.52 -28.49 -9.95
N ALA B 271 22.92 -27.44 -10.66
CA ALA B 271 23.55 -27.60 -11.96
C ALA B 271 24.96 -28.13 -11.87
N LYS B 272 25.61 -27.99 -10.72
CA LYS B 272 26.92 -28.58 -10.51
C LYS B 272 26.86 -30.08 -10.26
N GLU B 273 25.67 -30.67 -10.08
CA GLU B 273 25.59 -32.11 -9.90
C GLU B 273 25.84 -32.81 -11.23
N ALA B 274 26.67 -33.86 -11.21
CA ALA B 274 26.98 -34.60 -12.43
C ALA B 274 25.72 -35.16 -13.08
N VAL B 275 24.76 -35.61 -12.27
CA VAL B 275 23.55 -36.19 -12.86
CA VAL B 275 23.55 -36.19 -12.86
C VAL B 275 22.85 -35.18 -13.75
N ASN B 276 22.92 -33.89 -13.42
CA ASN B 276 22.20 -32.89 -14.19
C ASN B 276 22.97 -32.49 -15.44
N GLN B 277 24.30 -32.43 -15.36
CA GLN B 277 25.11 -32.23 -16.56
C GLN B 277 24.95 -33.39 -17.52
N ASP B 278 24.85 -34.62 -17.00
CA ASP B 278 24.64 -35.78 -17.86
C ASP B 278 23.28 -35.72 -18.54
N LYS B 279 22.24 -35.31 -17.81
CA LYS B 279 20.93 -35.08 -18.42
C LYS B 279 21.05 -34.13 -19.60
N ALA B 280 21.73 -33.00 -19.41
CA ALA B 280 21.87 -32.03 -20.49
C ALA B 280 22.58 -32.65 -21.69
N LYS B 281 23.63 -33.43 -21.43
CA LYS B 281 24.38 -33.99 -22.53
C LYS B 281 23.58 -35.06 -23.27
N ALA B 282 22.76 -35.82 -22.53
CA ALA B 282 21.95 -36.86 -23.18
C ALA B 282 20.88 -36.26 -24.05
N ALA B 283 20.51 -35.01 -23.81
CA ALA B 283 19.51 -34.28 -24.57
C ALA B 283 20.10 -33.61 -25.79
N GLY B 284 21.41 -33.71 -26.00
CA GLY B 284 22.05 -33.14 -27.16
C GLY B 284 22.77 -31.83 -26.93
N ALA B 285 22.84 -31.34 -25.69
CA ALA B 285 23.55 -30.10 -25.40
C ALA B 285 24.98 -30.39 -24.97
N LYS B 286 25.84 -29.36 -25.07
CA LYS B 286 27.23 -29.56 -24.65
C LYS B 286 27.32 -29.73 -23.15
N SER B 287 26.46 -29.03 -22.40
CA SER B 287 26.33 -29.15 -20.96
C SER B 287 25.27 -28.15 -20.52
N LEU B 288 25.16 -27.92 -19.21
CA LEU B 288 24.15 -27.05 -18.62
C LEU B 288 24.79 -25.84 -17.98
N ARG B 289 24.26 -24.65 -18.26
CA ARG B 289 24.82 -23.40 -17.75
C ARG B 289 23.72 -22.57 -17.12
N ILE B 290 24.11 -21.80 -16.10
CA ILE B 290 23.24 -20.87 -15.39
C ILE B 290 23.78 -19.45 -15.61
N TYR B 291 22.86 -18.53 -15.81
CA TYR B 291 23.16 -17.12 -16.04
C TYR B 291 22.27 -16.29 -15.13
N GLY B 292 22.80 -15.15 -14.68
CA GLY B 292 22.04 -14.20 -13.89
C GLY B 292 21.52 -13.05 -14.74
N SER B 293 20.32 -12.59 -14.40
CA SER B 293 19.72 -11.42 -15.04
C SER B 293 19.34 -10.41 -13.97
N ILE B 294 19.43 -9.12 -14.33
CA ILE B 294 19.04 -8.00 -13.48
C ILE B 294 19.59 -8.16 -12.06
N GLU B 295 18.78 -7.85 -11.06
CA GLU B 295 19.30 -7.63 -9.71
C GLU B 295 19.59 -8.95 -9.00
N SER B 296 18.74 -9.97 -9.17
CA SER B 296 19.10 -11.31 -8.69
C SER B 296 20.43 -11.75 -9.26
N GLY B 297 20.64 -11.52 -10.55
CA GLY B 297 21.92 -11.83 -11.15
C GLY B 297 23.05 -11.06 -10.51
N GLN B 298 22.83 -9.76 -10.29
CA GLN B 298 23.88 -8.95 -9.67
C GLN B 298 24.21 -9.44 -8.27
N GLU B 299 23.20 -9.80 -7.46
CA GLU B 299 23.46 -10.34 -6.13
C GLU B 299 24.42 -11.53 -6.22
N VAL B 300 24.26 -12.38 -7.22
CA VAL B 300 25.10 -13.57 -7.33
C VAL B 300 26.50 -13.22 -7.82
N VAL B 301 26.61 -12.35 -8.82
CA VAL B 301 27.94 -12.00 -9.30
C VAL B 301 28.72 -11.24 -8.24
N GLN B 302 28.06 -10.58 -7.30
CA GLN B 302 28.78 -9.95 -6.19
C GLN B 302 29.51 -10.99 -5.36
N ARG B 303 28.96 -12.20 -5.25
CA ARG B 303 29.43 -13.16 -4.26
C ARG B 303 29.99 -14.45 -4.86
N PHE B 304 29.75 -14.71 -6.13
CA PHE B 304 30.13 -15.97 -6.76
C PHE B 304 31.03 -15.71 -7.95
N GLN B 305 31.91 -16.66 -8.23
CA GLN B 305 32.83 -16.57 -9.35
C GLN B 305 32.15 -17.12 -10.60
N LYS B 306 32.63 -16.68 -11.76
CA LYS B 306 32.32 -17.39 -13.00
C LYS B 306 33.06 -18.72 -12.99
N ASP B 307 32.40 -19.75 -13.51
CA ASP B 307 33.04 -21.04 -13.69
C ASP B 307 32.37 -21.71 -14.88
N GLU B 308 32.64 -23.00 -15.07
CA GLU B 308 32.05 -23.72 -16.19
C GLU B 308 30.53 -23.76 -16.10
N VAL B 309 29.97 -23.54 -14.92
CA VAL B 309 28.51 -23.61 -14.76
C VAL B 309 27.88 -22.22 -14.76
N PHE B 310 28.30 -21.34 -13.86
CA PHE B 310 27.71 -19.99 -13.77
C PHE B 310 28.48 -19.03 -14.67
N ARG B 311 27.78 -18.41 -15.64
CA ARG B 311 28.44 -17.72 -16.75
C ARG B 311 28.45 -16.20 -16.66
N GLY B 312 27.71 -15.58 -15.75
CA GLY B 312 27.82 -14.15 -15.61
C GLY B 312 26.46 -13.49 -15.61
N LEU B 313 26.47 -12.18 -15.86
CA LEU B 313 25.29 -11.31 -15.77
C LEU B 313 24.89 -10.81 -17.15
N THR B 314 23.61 -10.92 -17.48
CA THR B 314 23.16 -10.53 -18.81
C THR B 314 23.03 -9.01 -18.99
N GLY B 315 22.38 -8.33 -18.06
CA GLY B 315 22.09 -6.89 -18.18
C GLY B 315 20.85 -6.53 -17.36
N ASN B 316 20.40 -5.28 -17.49
CA ASN B 316 19.28 -4.74 -16.71
C ASN B 316 17.92 -4.98 -17.38
N TRP B 317 16.85 -4.38 -16.85
CA TRP B 317 15.51 -4.88 -17.21
C TRP B 317 15.15 -4.60 -18.67
N LEU B 318 15.71 -3.57 -19.28
CA LEU B 318 15.48 -3.31 -20.69
C LEU B 318 16.24 -4.26 -21.62
N THR B 319 17.05 -5.17 -21.05
CA THR B 319 17.70 -6.21 -21.80
C THR B 319 16.90 -7.51 -21.84
N ILE B 320 15.81 -7.61 -21.09
CA ILE B 320 15.13 -8.91 -21.00
C ILE B 320 14.46 -9.30 -22.31
N GLU B 321 13.71 -8.38 -22.92
CA GLU B 321 13.11 -8.66 -24.22
C GLU B 321 14.18 -8.96 -25.24
N PRO B 322 15.22 -8.14 -25.40
CA PRO B 322 16.32 -8.50 -26.29
C PRO B 322 16.94 -9.83 -25.97
N MET B 323 17.10 -10.15 -24.69
CA MET B 323 17.70 -11.43 -24.34
CA MET B 323 17.70 -11.44 -24.34
C MET B 323 16.89 -12.60 -24.90
N LEU B 324 15.57 -12.53 -24.81
CA LEU B 324 14.76 -13.61 -25.38
C LEU B 324 14.98 -13.73 -26.88
N ALA B 325 15.17 -12.59 -27.56
CA ALA B 325 15.41 -12.60 -29.00
C ALA B 325 16.75 -13.20 -29.40
N THR B 326 17.64 -13.52 -28.45
CA THR B 326 18.81 -14.31 -28.83
C THR B 326 18.41 -15.70 -29.32
N GLY B 327 17.25 -16.21 -28.92
CA GLY B 327 16.95 -17.59 -29.27
C GLY B 327 17.87 -18.58 -28.59
N ALA B 328 18.43 -18.20 -27.43
CA ALA B 328 19.35 -19.06 -26.71
C ALA B 328 18.88 -19.46 -25.33
N VAL B 329 17.77 -18.91 -24.84
CA VAL B 329 17.32 -19.15 -23.48
C VAL B 329 16.40 -20.36 -23.45
N ASP B 330 16.65 -21.28 -22.51
CA ASP B 330 15.75 -22.41 -22.31
C ASP B 330 14.71 -22.20 -21.21
N VAL B 331 15.12 -21.70 -20.04
CA VAL B 331 14.19 -21.25 -19.02
C VAL B 331 14.61 -19.86 -18.54
N LEU B 332 13.63 -18.97 -18.41
CA LEU B 332 13.78 -17.72 -17.68
C LEU B 332 12.96 -17.90 -16.41
N ALA B 333 13.65 -17.92 -15.26
CA ALA B 333 13.06 -18.17 -13.94
C ALA B 333 12.95 -16.84 -13.19
N MET B 334 11.72 -16.37 -12.96
CA MET B 334 11.43 -14.97 -12.60
C MET B 334 11.00 -14.87 -11.15
N ASP B 335 11.68 -14.05 -10.36
CA ASP B 335 11.37 -14.03 -8.91
C ASP B 335 10.80 -12.73 -8.41
N MET B 336 10.94 -11.65 -9.13
CA MET B 336 10.37 -10.38 -8.70
C MET B 336 10.45 -9.45 -9.89
N ASN B 337 10.21 -8.17 -9.66
CA ASN B 337 10.46 -7.20 -10.72
C ASN B 337 11.95 -7.23 -11.03
N CYS B 338 12.32 -6.86 -12.25
CA CYS B 338 11.44 -6.63 -13.41
C CYS B 338 11.25 -7.91 -14.21
N SER B 339 9.99 -8.34 -14.33
CA SER B 339 9.55 -9.40 -15.23
C SER B 339 8.46 -8.78 -16.09
N PRO B 340 8.79 -8.18 -17.23
CA PRO B 340 7.79 -7.38 -17.95
C PRO B 340 6.65 -8.24 -18.47
N PRO B 341 5.43 -7.71 -18.46
CA PRO B 341 4.25 -8.60 -18.57
C PRO B 341 3.88 -9.03 -19.98
N ASN B 342 4.59 -8.60 -21.02
CA ASN B 342 4.34 -9.13 -22.37
C ASN B 342 5.44 -10.08 -22.84
N LEU B 343 6.18 -10.72 -21.92
CA LEU B 343 7.18 -11.69 -22.36
C LEU B 343 6.59 -12.94 -22.98
N GLY B 344 5.33 -13.27 -22.68
CA GLY B 344 4.76 -14.51 -23.15
C GLY B 344 4.92 -14.75 -24.66
N PRO B 345 4.48 -13.78 -25.48
CA PRO B 345 4.59 -13.98 -26.94
C PRO B 345 6.03 -14.09 -27.42
N LEU B 346 6.97 -13.41 -26.75
CA LEU B 346 8.37 -13.49 -27.11
C LEU B 346 8.94 -14.87 -26.77
N ALA B 347 8.63 -15.36 -25.58
CA ALA B 347 9.07 -16.70 -25.21
C ALA B 347 8.53 -17.72 -26.21
N GLU B 348 7.29 -17.54 -26.65
CA GLU B 348 6.73 -18.47 -27.62
C GLU B 348 7.48 -18.39 -28.95
N LYS B 349 7.74 -17.19 -29.45
CA LYS B 349 8.42 -17.06 -30.74
C LYS B 349 9.83 -17.62 -30.71
N TYR B 350 10.57 -17.40 -29.61
CA TYR B 350 11.99 -17.74 -29.54
C TYR B 350 12.25 -19.08 -28.83
N GLY B 351 11.20 -19.83 -28.47
CA GLY B 351 11.40 -21.16 -27.94
C GLY B 351 11.99 -21.20 -26.54
N ALA B 352 11.65 -20.24 -25.69
CA ALA B 352 12.01 -20.25 -24.28
C ALA B 352 10.81 -20.58 -23.42
N THR B 353 11.06 -21.17 -22.24
CA THR B 353 10.02 -21.50 -21.28
C THR B 353 10.12 -20.55 -20.09
N LEU B 354 8.99 -19.93 -19.74
CA LEU B 354 8.91 -18.99 -18.64
C LEU B 354 8.44 -19.70 -17.38
N VAL B 355 9.15 -19.47 -16.28
CA VAL B 355 8.82 -20.05 -14.98
C VAL B 355 8.79 -18.94 -13.95
N SER B 356 7.64 -18.74 -13.30
CA SER B 356 7.60 -17.84 -12.16
C SER B 356 8.01 -18.60 -10.89
N VAL B 357 8.88 -17.98 -10.09
CA VAL B 357 9.31 -18.55 -8.82
C VAL B 357 8.93 -17.64 -7.66
N SER B 358 7.88 -16.84 -7.84
CA SER B 358 7.38 -15.98 -6.78
C SER B 358 5.89 -15.83 -6.90
N ARG B 359 5.20 -15.84 -5.75
CA ARG B 359 3.78 -15.54 -5.77
CA ARG B 359 3.78 -15.52 -5.70
C ARG B 359 3.50 -14.11 -6.26
N LEU B 360 4.49 -13.24 -6.27
CA LEU B 360 4.27 -11.89 -6.76
C LEU B 360 4.20 -11.82 -8.27
N VAL B 361 4.92 -12.69 -8.99
CA VAL B 361 5.13 -12.55 -10.43
C VAL B 361 4.12 -13.40 -11.19
N ARG B 362 3.27 -12.74 -11.96
CA ARG B 362 2.26 -13.35 -12.79
C ARG B 362 2.08 -12.43 -13.99
N PHE B 363 1.83 -13.00 -15.18
CA PHE B 363 1.48 -12.23 -16.36
C PHE B 363 1.04 -13.24 -17.41
N PRO B 364 0.42 -12.81 -18.51
CA PRO B 364 -0.12 -13.82 -19.47
C PRO B 364 0.97 -14.69 -20.09
N GLY B 365 0.68 -15.97 -20.21
CA GLY B 365 1.56 -16.86 -20.96
C GLY B 365 2.67 -17.52 -20.19
N ILE B 366 2.64 -17.50 -18.86
CA ILE B 366 3.66 -18.21 -18.08
C ILE B 366 3.32 -19.69 -18.04
N HIS B 367 4.36 -20.51 -18.20
CA HIS B 367 4.22 -21.95 -18.37
C HIS B 367 4.09 -22.70 -17.04
N HIS B 368 4.77 -22.20 -16.01
CA HIS B 368 4.95 -22.91 -14.76
C HIS B 368 5.01 -21.91 -13.61
N PHE B 369 4.43 -22.31 -12.48
CA PHE B 369 4.37 -21.50 -11.27
C PHE B 369 4.96 -22.32 -10.15
N LEU B 370 6.17 -21.98 -9.72
CA LEU B 370 6.87 -22.67 -8.62
C LEU B 370 7.22 -21.64 -7.56
N ASP B 371 6.19 -21.18 -6.85
CA ASP B 371 6.35 -20.14 -5.84
C ASP B 371 7.39 -20.57 -4.80
N TYR B 372 8.19 -19.64 -4.38
CA TYR B 372 9.29 -19.95 -3.47
C TYR B 372 8.84 -20.23 -2.04
N LYS B 373 9.48 -21.23 -1.45
CA LYS B 373 9.41 -21.48 -0.04
CA LYS B 373 9.41 -21.49 -0.03
C LYS B 373 10.79 -22.04 0.27
N PRO B 374 11.42 -21.63 1.38
CA PRO B 374 12.79 -22.14 1.66
C PRO B 374 12.93 -23.65 1.68
N SER B 375 11.99 -24.36 2.27
CA SER B 375 12.06 -25.82 2.34
C SER B 375 11.74 -26.48 1.01
N GLU B 376 11.28 -25.73 0.01
CA GLU B 376 10.97 -26.26 -1.31
C GLU B 376 11.98 -25.86 -2.37
N VAL B 377 12.97 -25.02 -2.05
CA VAL B 377 13.83 -24.45 -3.09
C VAL B 377 14.72 -25.50 -3.73
N ARG B 378 15.13 -26.53 -2.99
CA ARG B 378 15.91 -27.60 -3.61
C ARG B 378 15.10 -28.25 -4.74
N GLU B 379 13.85 -28.57 -4.46
CA GLU B 379 13.01 -29.19 -5.46
C GLU B 379 12.64 -28.22 -6.57
N ILE B 380 12.51 -26.93 -6.25
CA ILE B 380 12.20 -25.93 -7.27
C ILE B 380 13.35 -25.87 -8.27
N ALA B 381 14.58 -25.83 -7.78
CA ALA B 381 15.71 -25.76 -8.68
C ALA B 381 15.80 -27.00 -9.56
N GLN B 382 15.52 -28.17 -9.00
CA GLN B 382 15.59 -29.39 -9.80
C GLN B 382 14.49 -29.42 -10.85
N LYS B 383 13.27 -29.02 -10.49
CA LYS B 383 12.19 -29.00 -11.47
C LYS B 383 12.52 -28.03 -12.59
N ILE B 384 13.14 -26.87 -12.28
CA ILE B 384 13.54 -25.95 -13.33
C ILE B 384 14.53 -26.60 -14.29
N ILE B 385 15.52 -27.33 -13.76
CA ILE B 385 16.45 -28.02 -14.66
C ILE B 385 15.71 -29.03 -15.53
N ASP B 386 14.78 -29.80 -14.94
CA ASP B 386 14.00 -30.76 -15.71
C ASP B 386 13.18 -30.08 -16.80
N ILE B 387 12.57 -28.94 -16.47
CA ILE B 387 11.82 -28.17 -17.47
C ILE B 387 12.76 -27.71 -18.57
N ALA B 388 13.94 -27.21 -18.20
CA ALA B 388 14.85 -26.67 -19.19
C ALA B 388 15.35 -27.74 -20.15
N VAL B 389 15.62 -28.94 -19.62
CA VAL B 389 16.07 -30.04 -20.48
C VAL B 389 14.99 -30.39 -21.50
N ASP B 390 13.75 -30.51 -21.04
CA ASP B 390 12.66 -30.81 -21.94
C ASP B 390 12.47 -29.68 -22.95
N SER B 391 12.57 -28.43 -22.49
CA SER B 391 12.39 -27.28 -23.37
C SER B 391 13.45 -27.26 -24.46
N PHE B 392 14.71 -27.45 -24.08
CA PHE B 392 15.78 -27.52 -25.06
C PHE B 392 15.49 -28.58 -26.13
N LYS B 393 15.13 -29.78 -25.68
CA LYS B 393 14.89 -30.90 -26.60
C LYS B 393 13.73 -30.63 -27.54
N ASN B 394 12.62 -30.11 -27.02
CA ASN B 394 11.37 -30.08 -27.77
C ASN B 394 10.95 -28.72 -28.27
N LYS B 395 11.53 -27.64 -27.74
CA LYS B 395 11.15 -26.28 -28.15
C LYS B 395 12.23 -25.54 -28.91
N ARG B 396 13.49 -25.69 -28.54
CA ARG B 396 14.52 -24.82 -29.07
C ARG B 396 15.50 -25.50 -29.99
N HIS B 397 16.14 -26.59 -29.54
CA HIS B 397 17.24 -27.19 -30.30
C HIS B 397 16.73 -27.71 -31.63
N GLY B 398 17.35 -27.23 -32.73
CA GLY B 398 16.95 -27.62 -34.06
C GLY B 398 15.78 -26.85 -34.63
N LYS B 399 15.12 -26.00 -33.83
CA LYS B 399 13.95 -25.25 -34.27
C LYS B 399 14.17 -23.76 -34.33
N ILE B 400 14.91 -23.21 -33.37
CA ILE B 400 15.09 -21.77 -33.22
C ILE B 400 16.48 -21.41 -33.72
N THR B 401 16.54 -20.39 -34.54
CA THR B 401 17.82 -19.85 -34.98
C THR B 401 18.39 -18.96 -33.89
N PRO B 402 19.58 -19.23 -33.36
CA PRO B 402 20.15 -18.30 -32.38
C PRO B 402 20.77 -17.10 -33.08
N LYS B 403 20.72 -15.95 -32.39
CA LYS B 403 21.32 -14.72 -32.90
C LYS B 403 21.90 -13.99 -31.71
N ILE B 404 23.11 -14.41 -31.31
CA ILE B 404 23.75 -13.92 -30.08
C ILE B 404 24.77 -12.86 -30.48
N PRO B 405 24.67 -11.64 -29.96
CA PRO B 405 25.66 -10.62 -30.32
C PRO B 405 27.03 -11.02 -29.79
N ALA B 406 28.06 -10.51 -30.45
CA ALA B 406 29.42 -10.83 -30.05
C ALA B 406 29.91 -10.09 -28.80
N ASN B 407 29.16 -9.14 -28.25
CA ASN B 407 29.71 -8.27 -27.21
C ASN B 407 29.76 -8.98 -25.86
N ILE B 408 30.96 -9.04 -25.27
CA ILE B 408 31.18 -9.45 -23.89
C ILE B 408 32.11 -8.42 -23.27
N GLN B 409 31.78 -7.98 -22.06
CA GLN B 409 32.61 -7.03 -21.34
C GLN B 409 33.02 -7.66 -20.02
N LYS B 410 34.16 -7.21 -19.50
CA LYS B 410 34.66 -7.62 -18.19
C LYS B 410 34.37 -6.53 -17.17
N ALA B 411 33.90 -6.96 -16.01
CA ALA B 411 33.63 -6.06 -14.91
C ALA B 411 34.21 -6.68 -13.65
N ILE B 412 34.78 -5.84 -12.80
CA ILE B 412 35.16 -6.24 -11.45
C ILE B 412 33.93 -6.01 -10.56
N THR B 413 33.33 -7.10 -10.09
CA THR B 413 32.14 -7.09 -9.25
C THR B 413 32.51 -7.50 -7.84
N GLY B 414 31.60 -7.26 -6.89
CA GLY B 414 31.83 -7.71 -5.53
C GLY B 414 32.42 -6.69 -4.59
N PHE B 415 32.39 -5.40 -4.93
CA PHE B 415 32.79 -4.44 -3.93
C PHE B 415 31.76 -4.35 -2.81
N THR B 416 32.27 -4.33 -1.62
CA THR B 416 31.52 -4.24 -0.39
C THR B 416 32.30 -3.29 0.52
N PRO B 417 31.68 -2.80 1.60
CA PRO B 417 32.44 -2.04 2.59
C PRO B 417 33.70 -2.78 3.02
N GLU B 418 33.60 -4.08 3.21
CA GLU B 418 34.74 -4.89 3.63
C GLU B 418 35.84 -4.89 2.58
N ALA B 419 35.46 -4.96 1.30
CA ALA B 419 36.47 -4.96 0.24
C ALA B 419 37.17 -3.61 0.17
N ILE B 420 36.42 -2.52 0.34
CA ILE B 420 37.06 -1.20 0.31
C ILE B 420 38.07 -1.10 1.44
N LEU B 421 37.68 -1.51 2.65
CA LEU B 421 38.59 -1.44 3.78
C LEU B 421 39.85 -2.25 3.51
N LYS B 422 39.70 -3.44 2.93
CA LYS B 422 40.86 -4.26 2.61
C LYS B 422 41.76 -3.59 1.57
N ALA B 423 41.15 -3.00 0.53
CA ALA B 423 41.94 -2.34 -0.50
C ALA B 423 42.74 -1.17 0.07
N LEU B 424 42.24 -0.52 1.13
CA LEU B 424 42.91 0.60 1.77
C LEU B 424 43.86 0.19 2.90
N GLY B 425 44.12 -1.10 3.09
CA GLY B 425 45.04 -1.53 4.13
C GLY B 425 44.45 -1.61 5.52
N GLY B 426 43.13 -1.70 5.62
CA GLY B 426 42.49 -2.02 6.89
C GLY B 426 41.90 -0.83 7.60
N SER B 427 42.01 0.36 7.02
CA SER B 427 41.54 1.58 7.64
C SER B 427 40.96 2.44 6.54
N ILE B 428 39.97 3.27 6.90
CA ILE B 428 39.42 4.24 5.97
C ILE B 428 40.36 5.43 5.74
N ASN B 429 41.40 5.57 6.57
CA ASN B 429 42.22 6.77 6.52
C ASN B 429 42.79 7.08 5.14
N PRO B 430 43.30 6.14 4.36
CA PRO B 430 43.86 6.54 3.07
C PRO B 430 42.83 7.17 2.15
N LEU B 431 41.57 6.75 2.26
CA LEU B 431 40.54 7.36 1.44
C LEU B 431 40.30 8.80 1.89
N ILE B 432 40.19 8.99 3.20
CA ILE B 432 40.10 10.35 3.73
C ILE B 432 41.26 11.20 3.23
N GLU B 433 42.47 10.64 3.21
CA GLU B 433 43.63 11.45 2.85
C GLU B 433 43.58 11.86 1.39
N VAL B 434 43.21 10.95 0.48
CA VAL B 434 43.16 11.32 -0.93
C VAL B 434 42.02 12.29 -1.20
N ILE B 435 40.94 12.22 -0.42
CA ILE B 435 39.89 13.24 -0.54
C ILE B 435 40.37 14.59 -0.03
N LYS B 436 40.99 14.63 1.15
CA LYS B 436 41.44 15.91 1.67
C LYS B 436 42.45 16.55 0.72
N ALA B 437 43.31 15.74 0.11
CA ALA B 437 44.35 16.23 -0.78
C ALA B 437 43.78 16.69 -2.12
N GLY B 438 42.54 16.33 -2.44
CA GLY B 438 41.96 16.74 -3.68
C GLY B 438 42.23 15.81 -4.84
N LYS B 439 42.85 14.66 -4.60
CA LYS B 439 43.00 13.68 -5.68
C LYS B 439 41.64 13.16 -6.12
N ILE B 440 40.81 12.82 -5.15
CA ILE B 440 39.40 12.53 -5.38
C ILE B 440 38.64 13.72 -4.81
N LYS B 441 37.85 14.37 -5.66
CA LYS B 441 37.11 15.54 -5.17
C LYS B 441 35.99 15.12 -4.24
N GLY B 442 35.33 14.03 -4.56
CA GLY B 442 34.26 13.50 -3.75
C GLY B 442 33.81 12.18 -4.32
N ALA B 443 32.70 11.65 -3.77
CA ALA B 443 32.18 10.37 -4.19
C ALA B 443 30.69 10.46 -4.44
N VAL B 444 30.23 9.69 -5.40
CA VAL B 444 28.81 9.65 -5.79
C VAL B 444 28.30 8.24 -5.65
N GLY B 445 27.13 8.10 -5.01
CA GLY B 445 26.41 6.86 -5.01
C GLY B 445 25.44 6.89 -6.15
N LEU B 446 25.64 6.04 -7.14
CA LEU B 446 24.76 5.96 -8.30
C LEU B 446 23.85 4.78 -8.03
N ILE B 447 22.59 5.07 -7.76
CA ILE B 447 21.70 4.04 -7.27
C ILE B 447 20.53 4.22 -8.15
N ASN B 448 20.36 3.29 -9.08
CA ASN B 448 19.49 3.68 -10.19
C ASN B 448 18.85 2.51 -10.92
N CYS B 449 17.76 2.83 -11.67
CA CYS B 449 17.18 1.91 -12.61
C CYS B 449 17.69 2.17 -14.04
N THR B 450 16.86 1.80 -14.98
CA THR B 450 16.93 2.30 -16.34
C THR B 450 15.50 2.57 -16.79
N THR B 451 15.36 3.38 -17.84
CA THR B 451 14.06 3.78 -18.37
C THR B 451 14.29 4.26 -19.80
N LEU B 452 13.19 4.44 -20.55
CA LEU B 452 13.24 5.09 -21.84
C LEU B 452 12.74 6.54 -21.80
N LYS B 453 12.25 7.00 -20.66
CA LYS B 453 11.63 8.30 -20.59
C LYS B 453 12.59 9.41 -21.03
N ASN B 454 13.84 9.37 -20.56
CA ASN B 454 14.77 10.48 -20.79
C ASN B 454 15.92 10.11 -21.70
N GLY B 455 15.81 9.01 -22.42
CA GLY B 455 16.79 8.68 -23.42
C GLY B 455 16.74 7.22 -23.81
N PRO B 456 17.55 6.85 -24.81
CA PRO B 456 17.78 5.42 -25.06
C PRO B 456 18.28 4.76 -23.79
N GLN B 457 18.00 3.47 -23.67
CA GLN B 457 18.43 2.68 -22.51
C GLN B 457 19.85 3.05 -22.11
N ASP B 458 20.00 3.51 -20.87
CA ASP B 458 21.28 3.73 -20.19
C ASP B 458 22.09 4.91 -20.73
N TYR B 459 21.54 5.71 -21.65
CA TYR B 459 22.31 6.81 -22.23
C TYR B 459 22.73 7.82 -21.16
N VAL B 460 21.78 8.26 -20.34
CA VAL B 460 22.10 9.28 -19.34
C VAL B 460 23.04 8.70 -18.30
N THR B 461 22.77 7.47 -17.89
CA THR B 461 23.55 6.85 -16.84
C THR B 461 25.03 6.72 -17.22
N VAL B 462 25.30 6.15 -18.40
CA VAL B 462 26.68 5.87 -18.80
C VAL B 462 27.42 7.17 -19.04
N ASN B 463 26.79 8.11 -19.74
CA ASN B 463 27.46 9.38 -20.00
C ASN B 463 27.64 10.21 -18.74
N LEU B 464 26.68 10.18 -17.81
CA LEU B 464 26.88 10.88 -16.56
C LEU B 464 28.05 10.28 -15.80
N ALA B 465 28.11 8.95 -15.74
CA ALA B 465 29.23 8.30 -15.05
C ALA B 465 30.57 8.72 -15.67
N LYS B 466 30.64 8.76 -16.99
CA LYS B 466 31.86 9.18 -17.65
C LYS B 466 32.22 10.60 -17.28
N GLU B 467 31.22 11.49 -17.22
CA GLU B 467 31.49 12.88 -16.88
C GLU B 467 31.92 13.03 -15.43
N LEU B 468 31.39 12.21 -14.53
CA LEU B 468 31.77 12.30 -13.12
C LEU B 468 33.21 11.83 -12.93
N ILE B 469 33.58 10.69 -13.51
CA ILE B 469 34.94 10.20 -13.28
C ILE B 469 35.99 11.12 -13.92
N LYS B 470 35.64 11.78 -15.04
CA LYS B 470 36.53 12.77 -15.66
C LYS B 470 36.82 13.93 -14.71
N ARG B 471 35.86 14.23 -13.83
CA ARG B 471 35.95 15.30 -12.84
C ARG B 471 36.52 14.81 -11.51
N ASP B 472 37.11 13.60 -11.50
CA ASP B 472 37.81 13.06 -10.34
C ASP B 472 36.84 12.76 -9.20
N ILE B 473 35.63 12.30 -9.57
CA ILE B 473 34.61 11.85 -8.63
C ILE B 473 34.50 10.32 -8.72
N LEU B 474 34.78 9.65 -7.61
CA LEU B 474 34.69 8.19 -7.52
C LEU B 474 33.21 7.81 -7.45
N ILE B 475 32.81 6.74 -8.13
CA ILE B 475 31.42 6.28 -8.14
C ILE B 475 31.32 4.93 -7.41
N LEU B 476 30.33 4.82 -6.51
CA LEU B 476 29.88 3.55 -5.95
C LEU B 476 28.51 3.28 -6.55
N SER B 477 28.35 2.18 -7.28
CA SER B 477 27.14 1.96 -8.07
CA SER B 477 27.18 1.95 -8.09
C SER B 477 26.36 0.75 -7.62
N GLY B 478 25.02 0.91 -7.66
CA GLY B 478 24.07 -0.17 -7.39
C GLY B 478 22.81 -0.05 -8.24
N GLY B 479 22.16 -1.20 -8.55
CA GLY B 479 20.90 -1.25 -9.30
C GLY B 479 21.09 -1.54 -10.77
N CYS B 480 19.99 -1.47 -11.53
CA CYS B 480 20.09 -1.58 -12.99
C CYS B 480 21.09 -0.59 -13.58
N GLY B 481 21.30 0.55 -12.89
CA GLY B 481 22.30 1.51 -13.35
C GLY B 481 23.71 0.98 -13.15
N ASN B 482 23.93 0.16 -12.13
CA ASN B 482 25.20 -0.56 -11.99
C ASN B 482 25.43 -1.57 -13.13
N HIS B 483 24.41 -2.37 -13.50
CA HIS B 483 24.59 -3.27 -14.64
C HIS B 483 24.99 -2.48 -15.92
N ALA B 484 24.37 -1.32 -16.13
CA ALA B 484 24.69 -0.48 -17.28
C ALA B 484 26.16 -0.11 -17.34
N LEU B 485 26.72 0.35 -16.22
CA LEU B 485 28.12 0.75 -16.21
C LEU B 485 29.04 -0.44 -16.43
N GLU B 486 28.68 -1.61 -15.87
CA GLU B 486 29.45 -2.83 -16.08
C GLU B 486 29.49 -3.18 -17.55
N VAL B 487 28.34 -3.18 -18.21
CA VAL B 487 28.29 -3.52 -19.62
C VAL B 487 29.04 -2.49 -20.47
N ALA B 488 29.01 -1.22 -20.08
CA ALA B 488 29.70 -0.14 -20.78
C ALA B 488 31.20 -0.13 -20.57
N GLY B 489 31.74 -1.01 -19.73
CA GLY B 489 33.18 -1.08 -19.52
C GLY B 489 33.76 -0.11 -18.51
N LEU B 490 32.95 0.43 -17.60
CA LEU B 490 33.45 1.43 -16.67
C LEU B 490 33.89 0.81 -15.35
N CYS B 491 33.75 -0.50 -15.24
CA CYS B 491 33.98 -1.20 -13.98
C CYS B 491 35.16 -2.15 -14.10
N ASN B 492 36.07 -1.90 -15.02
CA ASN B 492 37.30 -2.69 -15.11
C ASN B 492 38.49 -1.74 -15.06
N LEU B 493 39.70 -2.30 -14.99
CA LEU B 493 40.88 -1.44 -14.83
C LEU B 493 41.18 -0.62 -16.08
N ASP B 494 40.69 -1.05 -17.26
CA ASP B 494 40.86 -0.21 -18.44
C ASP B 494 40.16 1.12 -18.28
N ALA B 495 39.09 1.16 -17.47
CA ALA B 495 38.34 2.38 -17.29
C ALA B 495 39.11 3.45 -16.54
N ILE B 496 40.22 3.11 -15.88
CA ILE B 496 41.09 4.10 -15.29
C ILE B 496 41.48 5.14 -16.32
N ASN B 497 41.63 4.74 -17.59
CA ASN B 497 42.04 5.68 -18.62
C ASN B 497 40.96 6.70 -18.98
N LEU B 498 39.76 6.55 -18.46
CA LEU B 498 38.69 7.53 -18.64
C LEU B 498 38.53 8.45 -17.44
N ALA B 499 39.28 8.21 -16.38
CA ALA B 499 39.16 9.03 -15.19
C ALA B 499 40.09 10.24 -15.28
N GLY B 500 39.78 11.26 -14.48
CA GLY B 500 40.62 12.43 -14.40
C GLY B 500 41.94 12.15 -13.73
N PRO B 501 42.77 13.19 -13.63
CA PRO B 501 44.16 12.98 -13.18
C PRO B 501 44.28 12.48 -11.77
N GLY B 502 43.48 13.01 -10.84
CA GLY B 502 43.59 12.58 -9.45
C GLY B 502 43.01 11.20 -9.22
N LEU B 503 41.84 10.92 -9.79
CA LEU B 503 41.19 9.64 -9.57
C LEU B 503 41.94 8.51 -10.28
N SER B 504 42.46 8.77 -11.48
CA SER B 504 43.23 7.75 -12.17
C SER B 504 44.48 7.38 -11.36
N GLU B 505 45.11 8.37 -10.71
CA GLU B 505 46.26 8.09 -9.87
C GLU B 505 45.89 7.19 -8.70
N VAL B 506 44.77 7.49 -8.03
CA VAL B 506 44.36 6.68 -6.90
C VAL B 506 43.99 5.28 -7.37
N CYS B 507 43.24 5.17 -8.46
CA CYS B 507 42.82 3.88 -8.96
C CYS B 507 44.01 2.99 -9.30
N ARG B 508 45.03 3.56 -9.93
CA ARG B 508 46.22 2.77 -10.25
CA ARG B 508 46.22 2.77 -10.25
C ARG B 508 46.93 2.32 -8.97
N ASN B 509 47.02 3.20 -7.98
CA ASN B 509 47.74 2.87 -6.75
C ASN B 509 47.02 1.77 -5.97
N LEU B 510 45.69 1.85 -5.89
CA LEU B 510 44.91 0.86 -5.16
C LEU B 510 44.52 -0.34 -6.00
N ASN B 511 44.71 -0.26 -7.32
CA ASN B 511 44.34 -1.33 -8.25
C ASN B 511 42.83 -1.60 -8.24
N ILE B 512 42.07 -0.53 -8.37
CA ILE B 512 40.60 -0.61 -8.45
C ILE B 512 40.13 0.23 -9.63
N PRO B 513 38.95 -0.06 -10.15
CA PRO B 513 38.35 0.77 -11.20
C PRO B 513 37.78 2.07 -10.63
N PRO B 514 37.46 3.04 -11.48
CA PRO B 514 36.92 4.32 -11.01
C PRO B 514 35.43 4.25 -10.66
N VAL B 515 34.77 3.16 -11.06
CA VAL B 515 33.41 2.83 -10.69
C VAL B 515 33.45 1.49 -9.95
N LEU B 516 32.99 1.50 -8.70
CA LEU B 516 33.00 0.33 -7.83
C LEU B 516 31.59 -0.28 -7.77
N SER B 517 31.44 -1.49 -8.29
CA SER B 517 30.15 -2.19 -8.28
C SER B 517 29.77 -2.68 -6.87
N PHE B 518 28.81 -2.00 -6.23
CA PHE B 518 28.29 -2.37 -4.90
C PHE B 518 27.01 -3.17 -4.96
N GLY B 519 26.47 -3.43 -6.16
CA GLY B 519 25.43 -4.41 -6.30
C GLY B 519 24.09 -3.87 -6.78
N THR B 520 23.08 -3.94 -5.91
CA THR B 520 21.70 -3.69 -6.29
C THR B 520 21.20 -2.40 -5.63
N CYS B 521 19.98 -2.00 -5.99
CA CYS B 521 19.37 -0.87 -5.30
C CYS B 521 19.11 -1.22 -3.83
N THR B 522 18.93 -2.53 -3.55
CA THR B 522 18.79 -3.04 -2.21
C THR B 522 20.07 -2.82 -1.39
N ASP B 523 21.20 -2.53 -2.06
CA ASP B 523 22.43 -2.19 -1.38
C ASP B 523 22.60 -0.69 -1.08
N THR B 524 21.54 0.14 -1.26
CA THR B 524 21.59 1.52 -0.75
C THR B 524 21.96 1.54 0.73
N GLY B 525 21.39 0.65 1.52
CA GLY B 525 21.75 0.61 2.93
C GLY B 525 23.22 0.30 3.11
N ARG B 526 23.74 -0.64 2.32
CA ARG B 526 25.13 -1.04 2.44
C ARG B 526 26.06 0.10 2.03
N ILE B 527 25.71 0.83 0.99
CA ILE B 527 26.51 1.99 0.60
C ILE B 527 26.50 3.02 1.71
N SER B 528 25.36 3.18 2.39
CA SER B 528 25.29 4.08 3.53
C SER B 528 26.27 3.69 4.62
N LEU B 529 26.66 2.41 4.70
CA LEU B 529 27.65 2.06 5.70
C LEU B 529 29.02 2.66 5.37
N VAL B 530 29.34 2.79 4.09
CA VAL B 530 30.57 3.48 3.71
C VAL B 530 30.50 4.97 4.03
N VAL B 531 29.39 5.62 3.66
CA VAL B 531 29.29 7.05 3.92
C VAL B 531 29.25 7.32 5.42
N THR B 532 28.56 6.45 6.17
CA THR B 532 28.52 6.57 7.62
C THR B 532 29.90 6.43 8.21
N ALA B 533 30.71 5.52 7.68
CA ALA B 533 32.06 5.36 8.18
C ALA B 533 32.89 6.59 7.91
N LEU B 534 32.71 7.21 6.75
CA LEU B 534 33.38 8.48 6.47
C LEU B 534 32.96 9.55 7.46
N ALA B 535 31.64 9.70 7.66
CA ALA B 535 31.14 10.74 8.55
C ALA B 535 31.64 10.54 9.98
N ASN B 536 31.58 9.29 10.47
CA ASN B 536 32.01 9.04 11.83
C ASN B 536 33.50 9.29 11.99
N ALA B 537 34.31 8.90 11.00
CA ALA B 537 35.77 9.06 11.14
C ALA B 537 36.17 10.52 11.13
N LEU B 538 35.45 11.34 10.35
CA LEU B 538 35.74 12.78 10.31
C LEU B 538 35.00 13.56 11.39
N ASN B 539 34.10 12.93 12.13
CA ASN B 539 33.22 13.62 13.04
C ASN B 539 32.55 14.80 12.34
N VAL B 540 32.03 14.53 11.14
CA VAL B 540 31.20 15.49 10.45
C VAL B 540 29.88 14.81 10.13
N ASP B 541 28.87 15.62 9.88
CA ASP B 541 27.58 15.07 9.52
C ASP B 541 27.61 14.65 8.06
N THR B 542 26.76 13.71 7.71
CA THR B 542 26.67 13.25 6.32
C THR B 542 26.37 14.42 5.37
N ALA B 543 25.56 15.37 5.82
CA ALA B 543 25.21 16.51 4.99
C ALA B 543 26.38 17.44 4.73
N ASP B 544 27.48 17.31 5.49
CA ASP B 544 28.69 18.09 5.28
C ASP B 544 29.68 17.41 4.36
N LEU B 545 29.47 16.13 4.00
CA LEU B 545 30.52 15.42 3.26
C LEU B 545 30.51 15.80 1.79
N PRO B 546 31.66 15.63 1.10
CA PRO B 546 31.75 15.88 -0.34
C PRO B 546 31.26 14.65 -1.12
N VAL B 547 29.96 14.41 -1.04
CA VAL B 547 29.31 13.28 -1.68
C VAL B 547 28.00 13.75 -2.29
N ALA B 548 27.42 12.89 -3.11
CA ALA B 548 26.08 13.07 -3.64
C ALA B 548 25.55 11.73 -4.09
N VAL B 549 24.25 11.70 -4.36
CA VAL B 549 23.56 10.55 -4.92
C VAL B 549 22.92 10.94 -6.25
N THR B 550 22.91 10.00 -7.18
CA THR B 550 22.16 10.18 -8.42
C THR B 550 21.42 8.90 -8.81
N ALA B 551 20.15 9.07 -9.23
CA ALA B 551 19.32 8.04 -9.86
C ALA B 551 18.94 8.67 -11.19
N PRO B 552 19.78 8.57 -12.21
CA PRO B 552 19.62 9.41 -13.41
C PRO B 552 18.75 8.84 -14.51
N MET B 553 18.26 7.61 -14.36
CA MET B 553 17.27 7.02 -15.27
C MET B 553 16.34 6.17 -14.40
N TYR B 554 15.73 6.82 -13.39
CA TYR B 554 14.89 6.11 -12.45
C TYR B 554 13.66 5.64 -13.18
N MET B 555 13.12 4.50 -12.72
CA MET B 555 11.89 4.01 -13.30
CA MET B 555 11.91 3.92 -13.30
C MET B 555 10.81 3.75 -12.27
N GLU B 556 11.11 3.02 -11.19
CA GLU B 556 10.07 2.69 -10.22
CA GLU B 556 10.12 2.57 -10.20
C GLU B 556 10.46 3.11 -8.81
N GLN B 557 9.68 2.70 -7.83
CA GLN B 557 9.79 3.29 -6.50
C GLN B 557 10.73 2.55 -5.58
N LYS B 558 11.39 1.49 -6.04
CA LYS B 558 12.57 1.07 -5.30
C LYS B 558 13.65 2.15 -5.39
N ALA B 559 13.80 2.75 -6.56
CA ALA B 559 14.74 3.85 -6.72
C ALA B 559 14.30 5.08 -5.93
N THR B 560 13.01 5.42 -5.98
CA THR B 560 12.58 6.64 -5.32
C THR B 560 12.59 6.47 -3.80
N ILE B 561 12.34 5.26 -3.28
CA ILE B 561 12.45 5.10 -1.84
C ILE B 561 13.91 5.28 -1.43
N ASP B 562 14.84 4.85 -2.27
CA ASP B 562 16.24 5.10 -1.95
C ASP B 562 16.57 6.59 -2.03
N ALA B 563 15.97 7.31 -2.97
CA ALA B 563 16.14 8.76 -3.05
C ALA B 563 15.55 9.46 -1.83
N LEU B 564 14.36 9.05 -1.37
CA LEU B 564 13.80 9.61 -0.15
C LEU B 564 14.70 9.35 1.05
N PHE B 565 15.26 8.15 1.13
CA PHE B 565 16.25 7.86 2.16
C PHE B 565 17.42 8.82 2.07
N ALA B 566 17.96 9.01 0.84
CA ALA B 566 19.11 9.89 0.66
C ALA B 566 18.79 11.32 1.14
N LEU B 567 17.56 11.80 0.87
CA LEU B 567 17.15 13.10 1.38
C LEU B 567 17.14 13.14 2.90
N ALA B 568 16.55 12.12 3.52
CA ALA B 568 16.53 12.05 4.98
C ALA B 568 17.95 11.97 5.54
N TYR B 569 18.83 11.31 4.82
CA TYR B 569 20.23 11.15 5.22
C TYR B 569 21.06 12.39 4.92
N GLY B 570 20.44 13.44 4.40
CA GLY B 570 21.10 14.72 4.29
C GLY B 570 21.82 15.00 3.00
N LEU B 571 21.58 14.23 1.93
CA LEU B 571 22.40 14.32 0.73
C LEU B 571 21.73 15.06 -0.42
N TYR B 572 22.58 15.72 -1.21
CA TYR B 572 22.23 16.14 -2.56
C TYR B 572 21.87 14.90 -3.37
N THR B 573 20.64 14.88 -3.86
CA THR B 573 20.07 13.70 -4.47
C THR B 573 19.51 14.09 -5.82
N HIS B 574 20.22 13.73 -6.89
CA HIS B 574 19.80 14.00 -8.26
C HIS B 574 18.91 12.86 -8.74
N VAL B 575 17.77 13.23 -9.33
CA VAL B 575 16.82 12.25 -9.86
C VAL B 575 16.41 12.68 -11.25
N ALA B 576 16.57 11.79 -12.22
CA ALA B 576 16.03 12.03 -13.55
C ALA B 576 15.44 10.71 -14.06
N PRO B 577 14.39 10.75 -14.87
CA PRO B 577 13.60 11.91 -15.24
C PRO B 577 12.90 12.52 -14.04
N ASP B 578 12.25 13.66 -14.25
CA ASP B 578 11.58 14.31 -13.14
C ASP B 578 10.57 13.35 -12.53
N PRO B 579 10.52 13.22 -11.22
CA PRO B 579 9.37 12.59 -10.59
C PRO B 579 8.13 13.41 -10.88
N PRO B 580 6.95 12.83 -10.74
CA PRO B 580 5.70 13.54 -11.08
C PRO B 580 5.28 14.52 -9.99
N VAL B 581 6.01 15.63 -9.91
CA VAL B 581 5.84 16.60 -8.85
C VAL B 581 5.90 18.05 -9.36
N MET B 582 6.30 18.27 -10.61
CA MET B 582 6.71 19.61 -11.02
C MET B 582 5.59 20.60 -11.18
N GLY B 583 4.35 20.18 -11.18
CA GLY B 583 3.20 21.05 -11.18
C GLY B 583 2.77 21.54 -9.83
N ALA B 584 3.50 21.14 -8.78
CA ALA B 584 3.15 21.50 -7.40
C ALA B 584 4.22 22.44 -6.85
N PRO B 585 4.02 23.75 -6.92
CA PRO B 585 5.16 24.66 -6.73
C PRO B 585 5.68 24.71 -5.31
N ASN B 586 4.81 24.56 -4.30
CA ASN B 586 5.34 24.62 -2.95
C ASN B 586 6.06 23.32 -2.59
N LEU B 587 5.58 22.18 -3.12
CA LEU B 587 6.32 20.94 -2.96
C LEU B 587 7.68 21.02 -3.66
N VAL B 588 7.73 21.57 -4.88
CA VAL B 588 9.01 21.70 -5.56
C VAL B 588 9.95 22.55 -4.72
N LYS B 589 9.45 23.66 -4.17
CA LYS B 589 10.28 24.51 -3.35
C LYS B 589 10.79 23.77 -2.12
N LEU B 590 9.92 23.00 -1.46
CA LEU B 590 10.36 22.21 -0.32
C LEU B 590 11.52 21.28 -0.69
N LEU B 591 11.33 20.48 -1.75
CA LEU B 591 12.27 19.42 -2.08
C LEU B 591 13.56 19.96 -2.66
N THR B 592 13.50 21.05 -3.41
CA THR B 592 14.67 21.53 -4.14
C THR B 592 15.38 22.70 -3.50
N ARG B 593 14.71 23.47 -2.65
CA ARG B 593 15.27 24.69 -2.07
C ARG B 593 15.28 24.69 -0.55
N ASP B 594 14.24 24.18 0.11
CA ASP B 594 14.15 24.34 1.56
C ASP B 594 14.71 23.17 2.35
N LEU B 595 14.79 21.98 1.75
CA LEU B 595 15.25 20.83 2.52
C LEU B 595 16.66 20.98 3.07
N PRO B 596 17.58 21.75 2.47
CA PRO B 596 18.91 21.86 3.07
C PRO B 596 18.88 22.42 4.48
N SER B 597 17.88 23.24 4.79
CA SER B 597 17.70 23.80 6.12
CA SER B 597 17.70 23.80 6.12
C SER B 597 16.90 22.90 7.06
N ILE B 598 16.46 21.73 6.57
CA ILE B 598 15.60 20.80 7.29
C ILE B 598 16.37 19.50 7.54
N THR B 599 16.64 18.73 6.48
CA THR B 599 17.45 17.53 6.62
C THR B 599 18.89 17.73 6.19
N GLY B 600 19.20 18.79 5.43
CA GLY B 600 20.50 18.97 4.82
C GLY B 600 20.55 18.63 3.35
N GLY B 601 19.65 17.78 2.89
CA GLY B 601 19.67 17.29 1.52
C GLY B 601 18.80 18.16 0.62
N ARG B 602 18.74 17.78 -0.64
CA ARG B 602 17.86 18.42 -1.62
CA ARG B 602 17.87 18.43 -1.63
C ARG B 602 17.79 17.56 -2.87
N ILE B 603 16.68 17.73 -3.59
CA ILE B 603 16.52 17.08 -4.88
C ILE B 603 17.11 18.01 -5.94
N ALA B 604 17.86 17.42 -6.86
CA ALA B 604 18.35 18.07 -8.07
C ALA B 604 17.77 17.32 -9.26
N VAL B 605 17.68 18.02 -10.40
CA VAL B 605 16.98 17.50 -11.57
C VAL B 605 17.78 17.77 -12.84
N GLY B 606 17.37 17.11 -13.93
CA GLY B 606 17.98 17.31 -15.24
C GLY B 606 18.49 16.05 -15.86
N SER B 607 18.49 15.98 -17.20
CA SER B 607 18.95 14.82 -17.96
C SER B 607 20.13 15.09 -18.85
N ASP B 608 20.71 16.30 -18.86
CA ASP B 608 21.90 16.56 -19.64
C ASP B 608 23.08 16.07 -18.82
N PRO B 609 23.79 15.04 -19.26
CA PRO B 609 24.85 14.47 -18.40
C PRO B 609 25.92 15.46 -17.99
N VAL B 610 26.26 16.39 -18.87
CA VAL B 610 27.32 17.35 -18.56
C VAL B 610 26.85 18.35 -17.51
N LYS B 611 25.65 18.92 -17.68
CA LYS B 611 25.15 19.82 -16.65
C LYS B 611 24.98 19.11 -15.31
N VAL B 612 24.44 17.89 -15.32
CA VAL B 612 24.24 17.16 -14.07
C VAL B 612 25.55 16.93 -13.36
N ALA B 613 26.58 16.54 -14.11
CA ALA B 613 27.91 16.34 -13.54
C ALA B 613 28.48 17.64 -12.99
N ASP B 614 28.33 18.73 -13.75
CA ASP B 614 28.79 20.04 -13.26
C ASP B 614 28.09 20.44 -11.96
N ASP B 615 26.78 20.21 -11.88
CA ASP B 615 26.04 20.61 -10.69
C ASP B 615 26.47 19.75 -9.50
N ILE B 616 26.69 18.45 -9.72
CA ILE B 616 27.18 17.60 -8.65
C ILE B 616 28.56 18.07 -8.17
N LEU B 617 29.45 18.35 -9.11
CA LEU B 617 30.79 18.81 -8.74
C LEU B 617 30.72 20.15 -8.01
N ALA B 618 29.81 21.04 -8.41
CA ALA B 618 29.66 22.29 -7.69
C ALA B 618 29.23 22.06 -6.25
N HIS B 619 28.31 21.13 -6.02
CA HIS B 619 27.90 20.83 -4.65
C HIS B 619 29.07 20.25 -3.87
N ILE B 620 29.79 19.29 -4.47
CA ILE B 620 30.95 18.71 -3.80
C ILE B 620 31.96 19.79 -3.45
N ASN B 621 32.21 20.71 -4.38
CA ASN B 621 33.19 21.77 -4.11
C ASN B 621 32.71 22.72 -3.02
N ASP B 622 31.40 22.96 -2.93
CA ASP B 622 30.86 23.76 -1.84
C ASP B 622 31.06 23.07 -0.50
N ARG B 623 30.82 21.75 -0.45
CA ARG B 623 31.10 21.02 0.78
C ARG B 623 32.59 21.06 1.12
N ARG B 624 33.44 20.87 0.10
CA ARG B 624 34.89 20.94 0.32
C ARG B 624 35.29 22.28 0.91
N ALA B 625 34.75 23.38 0.36
CA ALA B 625 35.13 24.71 0.86
C ALA B 625 34.79 24.85 2.32
N LYS B 626 33.60 24.38 2.72
CA LYS B 626 33.19 24.50 4.10
C LYS B 626 34.01 23.63 5.03
N LEU B 627 34.61 22.55 4.53
CA LEU B 627 35.54 21.73 5.30
C LEU B 627 36.95 22.28 5.29
N GLY B 628 37.27 23.28 4.47
CA GLY B 628 38.63 23.77 4.37
C GLY B 628 39.56 22.93 3.53
N ILE B 629 39.04 22.11 2.61
CA ILE B 629 39.89 21.24 1.80
C ILE B 629 39.75 21.60 0.33
#